data_7P05
#
_entry.id   7P05
#
_cell.length_a   1.00
_cell.length_b   1.00
_cell.length_c   1.00
_cell.angle_alpha   90.00
_cell.angle_beta   90.00
_cell.angle_gamma   90.00
#
_symmetry.space_group_name_H-M   'P 1'
#
loop_
_entity.id
_entity.type
_entity.pdbx_description
1 polymer 'Pleiotropic ABC efflux transporter of multiple drugs'
2 non-polymer "ADENOSINE-5'-TRIPHOSPHATE"
3 non-polymer "ADENOSINE-5'-DIPHOSPHATE"
4 non-polymer 'RHODAMINE 6G'
#
_entity_poly.entity_id   1
_entity_poly.type   'polypeptide(L)'
_entity_poly.pdbx_seq_one_letter_code
;MPEAKLNNNVNDVTSYSSASSSTENAADLHNYNGFDEHTEARIQKLARTLTAQSMQNSTQSAPNKSDAQSIFSSGVEGVN
PIFSDPEAPGYDPKLDPNSENFSSAAWVKNMAHLSAADPDFYKPYSLGCAWKNLSASGASADVAYQSTVVNIPYKILKSG
LRKFQRSKETNTFQILKPMDGCLNPGELLVVLGRPGSGCTTLLKSISSNTHGFDLGADTKISYSGYSGDDIKKHFRGEVV
YNAEADVHLPHLTVFETLVTVARLKTPQNRIKGVDRESYANHLAEVAMATYGLSHTRNTKVGNDIVRGVSGGERKRVSIA
EVSICGSKFQCWDNATRGLDSATALEFIRALKTQADISNTSATVAIYQCSQDAYDLFNKVCVLDDGYQIYYGPADKAKKY
FEDMGYVCPSRQTTADFLTSVTSPSERTLNKDMLKKGIHIPQTPKEMNDYWVKSPNYKELMKEVDQRLLNDDEASREAIK
EAHIAKQSKRARPSSPYTVSYMMQVKYLLIRNMWRLRNNIGFTLFMILGNCSMALILGSMFFKIMKKGDTSTFYFRGSAM
FFAILFNAFSSLLEIFSLYEARPITEKHRTYSLYHPSADAFASVLSEIPSKLIIAVCFNIIFYFLVDFRRNGGVFFFYLL
INIVAVFSMSHLFRCVGSLTKTLSEAMVPASMLLLALSMYTGFAIPKKKILRWSKWIWYINPLAYLFESLLINEFHGIKF
PCAEYVPRGPAYANISSTESVCTVVGAVPGQDYVLGDDFIRGTYQYYHKDKWRGFGIGMAYVVFFFFVYLFLCEYNEGAK
QKGEILVFPRSIVKRMKKRGVLTEKNANDPENVGERSDLSSDRKMLQESSEEESDTYGEIGLSKSEAIFHWRNLCYEVQI
KAETRRILNNVDGWVKPGTLTALMGASGAGKTTLLDCLAERVTMGVITGDILVNGIPRDKSFPRSIGYCQQQDLHLKTAT
VRESLRFSAYLRQPAEVSIEEKNRYVEEVIKILEMEKYADAVVGVAGEGLNVEQRKRLTIGVELTAKPKLLVFLDEPTSG
LDSQTAWSICQLMKKLANHGQAILCTIHQPSAILMQEFDRLLFMQRGGKTVYFGDLGEGCKTMIDYFESHGAHKCPADAN
PAEWMLEVVGAAPGSHANQDYYEVWRNSEEYRAVQSELDWMERELPKKGSITAAEDKHEFSQSIIYQTKLVSIRLFQQYW
RSPDYLWSKFILTIFNQLFIGFTFFKAGTSLQGLQNQMLAVFMFTVIFNPILQQYLPSFVQQRDLYEARERPSRTFSWIS
FIFAQIFVEVPWNILAGTIAYFIYYYPIGFYSNASAAGQLHERGALFWLFSCAFYVYVGSMGLLVISFNQVAESAANLAS
LLFTMSLSFCGVMTTPSAMPRFWIFMYRVSPLTYFIQALLAVGVANVDVKCADYELLEFTPPSGMTCGQYMEPYLQLAKT
GYLTDENATDTCSFCQISTTNDYLANVNSFYSERWRNYGIFICYIAFNYIAGVFFYWLARVPKKNGKLSKK
;
_entity_poly.pdbx_strand_id   A
#
loop_
_chem_comp.id
_chem_comp.type
_chem_comp.name
_chem_comp.formula
ADP non-polymer ADENOSINE-5'-DIPHOSPHATE 'C10 H15 N5 O10 P2'
ATP non-polymer ADENOSINE-5'-TRIPHOSPHATE 'C10 H16 N5 O13 P3'
RHQ non-polymer 'RHODAMINE 6G' 'C28 H31 N2 O3 1'
#
# COMPACT_ATOMS: atom_id res chain seq x y z
N ASN A 31 -22.49 -12.01 -19.31
CA ASN A 31 -21.64 -12.17 -20.49
C ASN A 31 -21.90 -11.08 -21.49
N TYR A 32 -20.87 -10.71 -22.24
CA TYR A 32 -20.93 -9.61 -23.19
C TYR A 32 -20.70 -10.13 -24.59
N ASN A 33 -21.56 -9.70 -25.52
CA ASN A 33 -21.52 -10.18 -26.90
C ASN A 33 -21.37 -9.05 -27.91
N GLY A 34 -20.95 -7.87 -27.48
CA GLY A 34 -20.59 -6.81 -28.41
C GLY A 34 -21.69 -6.43 -29.37
N PHE A 35 -22.74 -5.79 -28.87
CA PHE A 35 -23.84 -5.32 -29.71
C PHE A 35 -24.66 -6.46 -30.31
N ASP A 36 -25.04 -7.41 -29.45
CA ASP A 36 -26.20 -8.23 -29.76
C ASP A 36 -27.45 -7.38 -29.67
N GLU A 37 -28.58 -7.95 -30.08
CA GLU A 37 -29.80 -7.16 -30.13
C GLU A 37 -30.23 -6.66 -28.76
N HIS A 38 -29.78 -7.30 -27.68
CA HIS A 38 -30.14 -6.84 -26.34
C HIS A 38 -29.63 -5.43 -26.09
N THR A 39 -28.34 -5.18 -26.36
CA THR A 39 -27.81 -3.84 -26.15
C THR A 39 -28.49 -2.85 -27.08
N GLU A 40 -28.87 -3.29 -28.28
CA GLU A 40 -29.57 -2.40 -29.20
C GLU A 40 -30.91 -1.97 -28.63
N ALA A 41 -31.66 -2.90 -28.05
CA ALA A 41 -32.93 -2.55 -27.43
C ALA A 41 -32.72 -1.65 -26.22
N ARG A 42 -31.69 -1.94 -25.41
CA ARG A 42 -31.41 -1.08 -24.26
C ARG A 42 -31.11 0.35 -24.69
N ILE A 43 -30.28 0.51 -25.72
CA ILE A 43 -29.92 1.85 -26.19
C ILE A 43 -31.12 2.52 -26.83
N GLN A 44 -31.99 1.76 -27.49
CA GLN A 44 -33.21 2.36 -28.01
C GLN A 44 -34.09 2.88 -26.89
N LYS A 45 -34.19 2.13 -25.79
CA LYS A 45 -34.95 2.63 -24.65
C LYS A 45 -34.33 3.90 -24.10
N LEU A 46 -33.00 3.94 -24.00
CA LEU A 46 -32.35 5.15 -23.50
C LEU A 46 -32.62 6.34 -24.40
N ALA A 47 -32.55 6.13 -25.72
CA ALA A 47 -32.81 7.22 -26.65
C ALA A 47 -34.26 7.70 -26.56
N ARG A 48 -35.20 6.76 -26.43
CA ARG A 48 -36.60 7.15 -26.24
C ARG A 48 -36.74 7.98 -24.97
N THR A 49 -36.07 7.56 -23.90
CA THR A 49 -36.17 8.31 -22.64
C THR A 49 -35.64 9.73 -22.81
N LEU A 50 -34.49 9.87 -23.47
CA LEU A 50 -33.91 11.20 -23.67
C LEU A 50 -34.83 12.09 -24.50
N THR A 51 -35.30 11.57 -25.64
CA THR A 51 -36.13 12.39 -26.51
C THR A 51 -37.46 12.73 -25.85
N ALA A 52 -38.06 11.78 -25.12
CA ALA A 52 -39.30 12.06 -24.42
C ALA A 52 -39.10 13.08 -23.33
N GLN A 53 -37.98 13.00 -22.59
CA GLN A 53 -37.70 13.99 -21.57
C GLN A 53 -37.55 15.37 -22.17
N SER A 54 -36.88 15.46 -23.33
CA SER A 54 -36.82 16.74 -24.02
C SER A 54 -38.20 17.22 -24.44
N MET A 55 -39.02 16.32 -24.98
CA MET A 55 -40.35 16.71 -25.45
C MET A 55 -41.21 17.25 -24.31
N GLN A 56 -41.13 16.61 -23.14
CA GLN A 56 -41.90 17.06 -21.98
C GLN A 56 -41.56 18.50 -21.60
N ASP A 92 -33.91 12.84 -38.77
CA ASP A 92 -34.17 11.91 -39.86
C ASP A 92 -34.56 10.51 -39.34
N PRO A 93 -35.40 9.81 -40.09
CA PRO A 93 -35.98 8.56 -39.55
C PRO A 93 -34.95 7.52 -39.17
N LYS A 94 -33.73 7.63 -39.69
CA LYS A 94 -32.68 6.72 -39.26
C LYS A 94 -32.32 6.91 -37.80
N LEU A 95 -32.78 7.99 -37.17
CA LEU A 95 -32.28 8.39 -35.88
C LEU A 95 -33.36 8.78 -34.88
N ASP A 96 -34.63 8.88 -35.28
CA ASP A 96 -35.71 9.22 -34.37
C ASP A 96 -36.08 8.01 -33.52
N PRO A 97 -35.75 8.01 -32.22
CA PRO A 97 -35.96 6.80 -31.41
C PRO A 97 -37.41 6.35 -31.35
N ASN A 98 -38.36 7.26 -31.49
CA ASN A 98 -39.77 6.96 -31.31
C ASN A 98 -40.41 6.42 -32.57
N SER A 99 -39.63 5.85 -33.48
CA SER A 99 -40.13 5.38 -34.77
C SER A 99 -39.50 4.03 -35.08
N GLU A 100 -39.77 3.55 -36.29
CA GLU A 100 -39.09 2.38 -36.80
C GLU A 100 -37.87 2.82 -37.61
N ASN A 101 -37.03 1.86 -37.95
CA ASN A 101 -35.78 2.07 -38.69
C ASN A 101 -34.71 2.71 -37.81
N PHE A 102 -35.06 3.12 -36.59
CA PHE A 102 -34.06 3.64 -35.66
C PHE A 102 -32.96 2.62 -35.45
N SER A 103 -31.71 3.07 -35.53
CA SER A 103 -30.55 2.19 -35.44
C SER A 103 -29.68 2.66 -34.29
N SER A 104 -29.58 1.83 -33.24
CA SER A 104 -28.84 2.22 -32.05
C SER A 104 -27.42 2.65 -32.38
N ALA A 105 -26.77 1.97 -33.33
CA ALA A 105 -25.41 2.35 -33.70
C ALA A 105 -25.38 3.76 -34.24
N ALA A 106 -26.39 4.13 -35.04
CA ALA A 106 -26.44 5.49 -35.56
C ALA A 106 -26.56 6.50 -34.43
N TRP A 107 -27.32 6.16 -33.39
CA TRP A 107 -27.50 7.07 -32.27
C TRP A 107 -26.18 7.33 -31.56
N VAL A 108 -25.46 6.27 -31.20
CA VAL A 108 -24.20 6.44 -30.47
C VAL A 108 -23.18 7.13 -31.36
N LYS A 109 -23.18 6.82 -32.65
CA LYS A 109 -22.26 7.48 -33.55
C LYS A 109 -22.58 8.98 -33.64
N ASN A 110 -23.87 9.32 -33.67
CA ASN A 110 -24.26 10.72 -33.69
C ASN A 110 -23.79 11.45 -32.44
N MET A 111 -23.95 10.82 -31.27
CA MET A 111 -23.47 11.46 -30.05
C MET A 111 -21.96 11.60 -30.06
N ALA A 112 -21.25 10.57 -30.51
CA ALA A 112 -19.79 10.64 -30.54
C ALA A 112 -19.31 11.73 -31.49
N HIS A 113 -20.03 11.97 -32.59
CA HIS A 113 -19.67 13.05 -33.49
C HIS A 113 -20.00 14.42 -32.88
N LEU A 114 -21.20 14.56 -32.34
CA LEU A 114 -21.60 15.86 -31.78
C LEU A 114 -20.77 16.20 -30.55
N SER A 115 -20.08 15.21 -29.98
CA SER A 115 -19.17 15.52 -28.88
C SER A 115 -17.91 16.21 -29.39
N ALA A 116 -17.44 15.86 -30.58
CA ALA A 116 -16.23 16.44 -31.14
C ALA A 116 -16.51 17.46 -32.24
N ALA A 117 -17.75 17.93 -32.37
CA ALA A 117 -18.10 18.83 -33.47
C ALA A 117 -18.16 20.28 -33.01
N ASP A 118 -17.58 20.58 -31.86
CA ASP A 118 -17.66 21.93 -31.32
C ASP A 118 -17.03 22.92 -32.31
N PRO A 119 -17.68 24.07 -32.55
CA PRO A 119 -17.07 25.07 -33.46
C PRO A 119 -15.71 25.54 -33.00
N ASP A 120 -15.50 25.65 -31.68
CA ASP A 120 -14.21 26.06 -31.15
C ASP A 120 -13.11 25.00 -31.21
N PHE A 121 -13.47 23.74 -31.47
CA PHE A 121 -12.52 22.64 -31.44
C PHE A 121 -12.14 22.25 -32.86
N TYR A 122 -10.84 22.29 -33.17
CA TYR A 122 -10.31 21.82 -34.43
C TYR A 122 -9.69 20.43 -34.29
N LYS A 123 -10.26 19.58 -33.43
CA LYS A 123 -9.75 18.25 -33.22
C LYS A 123 -10.14 17.34 -34.38
N PRO A 124 -9.44 16.22 -34.56
CA PRO A 124 -9.78 15.31 -35.65
C PRO A 124 -10.99 14.46 -35.31
N TYR A 125 -11.62 13.93 -36.34
CA TYR A 125 -12.66 12.94 -36.14
C TYR A 125 -12.08 11.54 -35.98
N SER A 126 -10.80 11.35 -36.24
CA SER A 126 -10.17 10.05 -36.09
C SER A 126 -8.67 10.20 -36.29
N LEU A 127 -7.92 9.37 -35.58
CA LEU A 127 -6.46 9.37 -35.64
C LEU A 127 -5.97 7.97 -35.95
N GLY A 128 -4.97 7.89 -36.83
CA GLY A 128 -4.33 6.63 -37.12
C GLY A 128 -2.84 6.78 -37.24
N CYS A 129 -2.10 6.09 -36.39
CA CYS A 129 -0.66 6.24 -36.33
C CYS A 129 0.00 5.55 -37.52
N ALA A 130 1.07 6.14 -38.03
CA ALA A 130 1.84 5.58 -39.12
C ALA A 130 3.30 5.95 -38.94
N TRP A 131 4.10 4.98 -38.50
CA TRP A 131 5.47 5.26 -38.13
C TRP A 131 6.41 4.47 -39.03
N LYS A 132 7.59 5.03 -39.27
CA LYS A 132 8.66 4.31 -39.95
C LYS A 132 9.98 4.66 -39.29
N ASN A 133 11.00 3.80 -39.42
CA ASN A 133 12.34 3.97 -38.79
C ASN A 133 12.21 4.00 -37.27
N LEU A 134 11.03 3.72 -36.69
CA LEU A 134 10.86 3.85 -35.25
C LEU A 134 11.89 3.02 -34.50
N SER A 135 12.78 3.67 -33.78
CA SER A 135 13.77 3.00 -32.94
C SER A 135 13.91 3.76 -31.64
N ALA A 136 13.91 3.02 -30.53
CA ALA A 136 14.04 3.60 -29.21
C ALA A 136 15.28 3.05 -28.54
N SER A 137 15.83 3.81 -27.61
CA SER A 137 17.00 3.38 -26.88
C SER A 137 16.98 3.98 -25.48
N GLY A 138 17.68 3.34 -24.56
CA GLY A 138 17.74 3.80 -23.19
C GLY A 138 19.06 3.46 -22.57
N ALA A 139 19.43 4.22 -21.53
CA ALA A 139 20.70 4.01 -20.88
C ALA A 139 20.77 2.61 -20.28
N SER A 140 21.87 1.90 -20.54
CA SER A 140 22.00 0.53 -20.09
C SER A 140 21.84 0.44 -18.58
N ALA A 141 20.94 -0.41 -18.14
CA ALA A 141 20.71 -0.62 -16.71
C ALA A 141 21.70 -1.64 -16.17
N ASP A 142 22.99 -1.30 -16.19
CA ASP A 142 24.02 -2.22 -15.71
C ASP A 142 23.69 -2.63 -14.28
N VAL A 143 23.60 -3.95 -14.05
CA VAL A 143 23.11 -4.45 -12.78
C VAL A 143 23.91 -3.84 -11.65
N ALA A 144 23.21 -3.40 -10.60
CA ALA A 144 23.82 -2.69 -9.50
C ALA A 144 23.54 -3.42 -8.20
N TYR A 145 24.47 -3.26 -7.26
CA TYR A 145 24.43 -4.00 -6.01
C TYR A 145 23.18 -3.65 -5.20
N GLN A 146 22.99 -4.41 -4.12
CA GLN A 146 21.82 -4.24 -3.28
C GLN A 146 22.07 -3.20 -2.20
N SER A 147 21.04 -2.42 -1.89
CA SER A 147 21.16 -1.39 -0.87
C SER A 147 21.18 -2.02 0.52
N THR A 148 22.12 -1.61 1.35
CA THR A 148 22.20 -2.05 2.73
C THR A 148 22.54 -0.86 3.61
N VAL A 149 22.16 -0.97 4.89
CA VAL A 149 22.24 0.19 5.79
C VAL A 149 23.61 0.83 5.76
N VAL A 150 24.67 0.03 5.65
CA VAL A 150 26.02 0.58 5.64
C VAL A 150 26.47 0.91 4.22
N ASN A 151 25.65 0.62 3.22
CA ASN A 151 26.07 0.83 1.84
C ASN A 151 25.25 1.92 1.16
N ILE A 152 24.01 2.15 1.61
CA ILE A 152 23.17 3.16 0.96
C ILE A 152 23.76 4.55 1.04
N PRO A 153 24.46 4.95 2.10
CA PRO A 153 25.05 6.30 2.08
C PRO A 153 26.04 6.48 0.94
N TYR A 154 26.95 5.51 0.77
CA TYR A 154 27.90 5.58 -0.33
C TYR A 154 27.19 5.49 -1.67
N LYS A 155 26.14 4.67 -1.76
CA LYS A 155 25.39 4.59 -3.01
C LYS A 155 24.79 5.94 -3.36
N ILE A 156 24.18 6.62 -2.39
CA ILE A 156 23.59 7.92 -2.66
C ILE A 156 24.66 8.93 -3.05
N LEU A 157 25.80 8.90 -2.35
CA LEU A 157 26.87 9.82 -2.70
C LEU A 157 27.35 9.60 -4.12
N LYS A 158 27.54 8.33 -4.49
CA LYS A 158 28.03 8.01 -5.83
C LYS A 158 27.00 8.38 -6.89
N SER A 159 25.72 8.14 -6.63
CA SER A 159 24.69 8.53 -7.58
C SER A 159 24.62 10.04 -7.72
N GLY A 160 24.77 10.78 -6.62
CA GLY A 160 24.79 12.23 -6.71
C GLY A 160 25.97 12.73 -7.52
N LEU A 161 27.13 12.10 -7.36
CA LEU A 161 28.28 12.47 -8.16
C LEU A 161 28.08 12.14 -9.63
N ARG A 162 27.49 10.98 -9.92
CA ARG A 162 27.27 10.60 -11.32
C ARG A 162 26.28 11.54 -11.98
N LYS A 163 25.23 11.94 -11.26
CA LYS A 163 24.29 12.92 -11.81
C LYS A 163 24.97 14.28 -11.96
N PHE A 164 25.82 14.65 -10.99
CA PHE A 164 26.63 15.85 -11.13
C PHE A 164 27.60 15.73 -12.30
N GLN A 165 28.17 14.54 -12.50
CA GLN A 165 29.06 14.29 -13.62
C GLN A 165 29.09 12.79 -13.94
N THR A 170 27.15 8.14 -21.85
CA THR A 170 26.94 6.78 -21.35
C THR A 170 26.66 5.82 -22.49
N ASN A 171 26.84 4.54 -22.22
CA ASN A 171 26.42 3.51 -23.16
C ASN A 171 24.90 3.44 -23.20
N THR A 172 24.39 2.84 -24.28
CA THR A 172 22.95 2.76 -24.48
C THR A 172 22.57 1.36 -24.90
N PHE A 173 21.30 1.03 -24.72
CA PHE A 173 20.72 -0.24 -25.11
C PHE A 173 19.62 0.01 -26.13
N GLN A 174 19.74 -0.61 -27.29
CA GLN A 174 18.79 -0.41 -28.39
C GLN A 174 17.52 -1.21 -28.09
N ILE A 175 16.59 -0.57 -27.38
CA ILE A 175 15.36 -1.24 -26.98
C ILE A 175 14.62 -1.76 -28.22
N LEU A 176 14.42 -0.90 -29.21
CA LEU A 176 13.74 -1.26 -30.45
C LEU A 176 14.64 -0.90 -31.63
N LYS A 177 14.95 -1.89 -32.44
CA LYS A 177 15.61 -1.64 -33.71
C LYS A 177 14.58 -1.10 -34.70
N PRO A 178 15.02 -0.46 -35.77
CA PRO A 178 14.06 0.23 -36.65
C PRO A 178 12.84 -0.60 -37.04
N MET A 179 11.66 -0.04 -36.82
CA MET A 179 10.40 -0.68 -37.15
C MET A 179 9.53 0.25 -37.98
N ASP A 180 8.51 -0.30 -38.61
CA ASP A 180 7.58 0.46 -39.42
C ASP A 180 6.18 -0.12 -39.26
N GLY A 181 5.16 0.69 -39.54
CA GLY A 181 3.81 0.22 -39.43
C GLY A 181 2.82 1.34 -39.68
N CYS A 182 1.55 0.94 -39.75
CA CYS A 182 0.45 1.89 -39.88
C CYS A 182 -0.80 1.25 -39.32
N LEU A 183 -1.69 2.08 -38.78
CA LEU A 183 -2.93 1.61 -38.19
C LEU A 183 -4.02 2.62 -38.51
N ASN A 184 -4.83 2.35 -39.52
CA ASN A 184 -5.88 3.27 -39.89
C ASN A 184 -6.97 3.29 -38.82
N PRO A 185 -7.77 4.35 -38.77
CA PRO A 185 -8.84 4.42 -37.77
C PRO A 185 -9.80 3.26 -37.91
N GLY A 186 -10.30 2.78 -36.76
CA GLY A 186 -11.24 1.67 -36.73
C GLY A 186 -10.60 0.31 -36.70
N GLU A 187 -9.27 0.22 -36.78
CA GLU A 187 -8.59 -1.05 -36.77
C GLU A 187 -8.15 -1.39 -35.35
N LEU A 188 -7.82 -2.67 -35.14
CA LEU A 188 -7.29 -3.15 -33.87
C LEU A 188 -5.98 -3.86 -34.15
N LEU A 189 -4.94 -3.51 -33.39
CA LEU A 189 -3.61 -4.06 -33.57
C LEU A 189 -3.22 -4.84 -32.32
N VAL A 190 -2.77 -6.07 -32.52
CA VAL A 190 -2.27 -6.88 -31.43
C VAL A 190 -0.76 -7.02 -31.59
N VAL A 191 -0.02 -6.62 -30.56
CA VAL A 191 1.43 -6.71 -30.57
C VAL A 191 1.80 -7.99 -29.85
N LEU A 192 2.44 -8.91 -30.57
CA LEU A 192 2.76 -10.23 -30.05
C LEU A 192 4.27 -10.35 -29.86
N GLY A 193 4.66 -10.81 -28.68
CA GLY A 193 6.07 -11.06 -28.42
C GLY A 193 6.23 -11.62 -27.03
N ARG A 194 7.41 -12.18 -26.78
CA ARG A 194 7.73 -12.69 -25.47
C ARG A 194 7.99 -11.53 -24.51
N PRO A 195 8.01 -11.80 -23.21
CA PRO A 195 8.39 -10.76 -22.25
C PRO A 195 9.76 -10.21 -22.57
N GLY A 196 9.93 -8.91 -22.38
CA GLY A 196 11.18 -8.26 -22.72
C GLY A 196 11.43 -8.13 -24.20
N SER A 197 10.39 -8.21 -25.03
CA SER A 197 10.51 -8.14 -26.46
C SER A 197 10.26 -6.75 -27.02
N GLY A 198 10.04 -5.77 -26.17
CA GLY A 198 9.82 -4.41 -26.63
C GLY A 198 8.39 -4.08 -26.97
N CYS A 199 7.42 -4.86 -26.52
CA CYS A 199 6.02 -4.54 -26.79
C CYS A 199 5.61 -3.27 -26.07
N THR A 200 5.88 -3.20 -24.77
CA THR A 200 5.49 -2.01 -24.01
C THR A 200 6.17 -0.78 -24.55
N THR A 201 7.45 -0.88 -24.88
CA THR A 201 8.15 0.27 -25.43
C THR A 201 7.51 0.72 -26.73
N LEU A 202 7.06 -0.23 -27.56
CA LEU A 202 6.42 0.13 -28.81
C LEU A 202 5.12 0.90 -28.57
N LEU A 203 4.33 0.43 -27.61
CA LEU A 203 3.07 1.10 -27.32
C LEU A 203 3.31 2.48 -26.75
N LYS A 204 4.34 2.64 -25.92
CA LYS A 204 4.66 3.96 -25.41
C LYS A 204 5.17 4.87 -26.51
N SER A 205 5.90 4.32 -27.49
CA SER A 205 6.43 5.16 -28.55
C SER A 205 5.32 5.65 -29.47
N ILE A 206 4.44 4.75 -29.90
CA ILE A 206 3.42 5.15 -30.86
C ILE A 206 2.32 5.96 -30.20
N SER A 207 2.24 5.97 -28.87
CA SER A 207 1.33 6.84 -28.15
C SER A 207 2.01 8.09 -27.62
N SER A 208 3.26 8.33 -28.01
CA SER A 208 4.00 9.54 -27.61
C SER A 208 4.12 9.65 -26.09
N ASN A 209 4.29 8.53 -25.42
CA ASN A 209 4.59 8.51 -23.98
C ASN A 209 6.06 8.19 -23.74
N THR A 210 6.93 8.68 -24.62
CA THR A 210 8.36 8.36 -24.58
C THR A 210 9.07 9.11 -23.46
N HIS A 211 8.70 8.76 -22.23
CA HIS A 211 9.34 9.29 -21.04
C HIS A 211 10.12 8.17 -20.37
N GLY A 212 11.43 8.35 -20.24
CA GLY A 212 12.31 7.33 -19.72
C GLY A 212 13.27 6.77 -20.74
N PHE A 213 13.04 6.99 -22.03
CA PHE A 213 13.93 6.53 -23.07
C PHE A 213 13.89 7.49 -24.24
N ASP A 214 14.96 7.49 -25.02
CA ASP A 214 15.10 8.38 -26.17
C ASP A 214 14.55 7.70 -27.41
N LEU A 215 13.95 8.50 -28.29
CA LEU A 215 13.41 8.01 -29.54
C LEU A 215 14.36 8.36 -30.68
N GLY A 216 14.50 7.44 -31.61
CA GLY A 216 15.53 7.60 -32.63
C GLY A 216 15.46 8.95 -33.31
N ALA A 217 16.63 9.43 -33.74
CA ALA A 217 16.68 10.71 -34.44
C ALA A 217 16.09 10.60 -35.84
N ASP A 218 15.86 9.37 -36.32
CA ASP A 218 15.35 9.15 -37.66
C ASP A 218 13.88 8.76 -37.67
N THR A 219 13.27 8.55 -36.52
CA THR A 219 11.89 8.07 -36.48
C THR A 219 10.94 9.13 -37.00
N LYS A 220 9.89 8.68 -37.66
CA LYS A 220 8.85 9.56 -38.16
C LYS A 220 7.50 8.99 -37.74
N ILE A 221 6.72 9.78 -37.02
CA ILE A 221 5.40 9.37 -36.56
C ILE A 221 4.39 10.40 -37.03
N SER A 222 3.35 9.95 -37.71
CA SER A 222 2.30 10.82 -38.21
C SER A 222 0.96 10.30 -37.71
N TYR A 223 0.24 11.14 -36.97
CA TYR A 223 -1.10 10.79 -36.49
C TYR A 223 -2.11 11.37 -37.46
N SER A 224 -2.19 10.76 -38.63
CA SER A 224 -3.04 11.25 -39.71
C SER A 224 -2.73 12.71 -40.01
N GLY A 225 -1.44 13.06 -39.98
CA GLY A 225 -0.96 14.38 -40.30
C GLY A 225 -0.37 15.13 -39.13
N TYR A 226 -0.90 14.91 -37.93
CA TYR A 226 -0.38 15.59 -36.76
C TYR A 226 0.88 14.91 -36.27
N SER A 227 1.97 15.67 -36.18
CA SER A 227 3.19 15.16 -35.59
C SER A 227 2.98 14.87 -34.12
N GLY A 228 3.76 13.94 -33.59
CA GLY A 228 3.65 13.62 -32.18
C GLY A 228 3.77 14.85 -31.30
N ASP A 229 4.60 15.80 -31.71
CA ASP A 229 4.71 17.06 -30.97
C ASP A 229 3.38 17.80 -30.95
N ASP A 230 2.65 17.79 -32.07
CA ASP A 230 1.39 18.50 -32.11
C ASP A 230 0.38 17.92 -31.13
N ILE A 231 0.28 16.58 -31.06
CA ILE A 231 -0.66 16.00 -30.11
C ILE A 231 -0.18 16.18 -28.67
N LYS A 232 1.13 16.20 -28.44
CA LYS A 232 1.61 16.50 -27.10
C LYS A 232 1.23 17.91 -26.70
N LYS A 233 1.35 18.85 -27.62
CA LYS A 233 1.07 20.26 -27.32
C LYS A 233 -0.43 20.49 -27.11
N HIS A 234 -1.26 20.00 -28.04
CA HIS A 234 -2.68 20.33 -28.03
C HIS A 234 -3.57 19.14 -27.73
N PHE A 235 -3.46 18.06 -28.50
CA PHE A 235 -4.47 17.01 -28.54
C PHE A 235 -4.18 15.87 -27.57
N ARG A 236 -3.34 16.10 -26.57
CA ARG A 236 -3.09 15.05 -25.59
C ARG A 236 -4.41 14.62 -24.99
N GLY A 237 -4.62 13.31 -24.91
CA GLY A 237 -5.89 12.73 -24.59
C GLY A 237 -6.64 12.22 -25.78
N GLU A 238 -6.27 12.67 -26.98
CA GLU A 238 -6.71 11.98 -28.18
C GLU A 238 -5.87 10.74 -28.44
N VAL A 239 -4.70 10.65 -27.80
CA VAL A 239 -3.82 9.50 -27.89
C VAL A 239 -3.52 9.04 -26.47
N VAL A 240 -4.02 7.86 -26.12
CA VAL A 240 -4.06 7.41 -24.73
C VAL A 240 -3.39 6.07 -24.58
N TYR A 241 -2.53 5.95 -23.58
CA TYR A 241 -1.83 4.71 -23.27
C TYR A 241 -2.19 4.27 -21.86
N ASN A 242 -2.64 3.02 -21.74
CA ASN A 242 -3.15 2.49 -20.48
C ASN A 242 -2.34 1.27 -20.07
N ALA A 243 -1.45 1.45 -19.10
CA ALA A 243 -0.70 0.32 -18.58
C ALA A 243 -1.64 -0.77 -18.08
N GLU A 244 -2.42 -0.46 -17.04
CA GLU A 244 -3.44 -1.36 -16.52
C GLU A 244 -4.81 -0.72 -16.69
N ALA A 245 -5.81 -1.57 -16.93
CA ALA A 245 -7.15 -1.07 -17.18
C ALA A 245 -7.85 -0.65 -15.90
N ASP A 246 -7.60 -1.36 -14.79
CA ASP A 246 -8.48 -1.28 -13.62
C ASP A 246 -8.13 -0.14 -12.65
N VAL A 247 -7.50 0.98 -12.99
CA VAL A 247 -7.20 2.02 -12.01
C VAL A 247 -8.45 2.85 -11.76
N HIS A 248 -9.17 2.53 -10.69
CA HIS A 248 -10.44 3.18 -10.38
C HIS A 248 -10.53 3.45 -8.89
N LEU A 249 -11.40 4.38 -8.53
CA LEU A 249 -11.76 4.55 -7.13
C LEU A 249 -12.56 3.33 -6.69
N PRO A 250 -12.08 2.55 -5.72
CA PRO A 250 -12.80 1.33 -5.36
C PRO A 250 -14.22 1.56 -4.90
N HIS A 251 -14.49 2.68 -4.25
CA HIS A 251 -15.72 2.86 -3.49
C HIS A 251 -16.79 3.64 -4.22
N LEU A 252 -16.62 3.90 -5.51
CA LEU A 252 -17.69 4.46 -6.32
C LEU A 252 -18.38 3.36 -7.10
N THR A 253 -19.70 3.51 -7.27
CA THR A 253 -20.42 2.59 -8.12
C THR A 253 -20.08 2.86 -9.58
N VAL A 254 -20.30 1.86 -10.43
CA VAL A 254 -19.95 1.99 -11.84
C VAL A 254 -20.62 3.22 -12.43
N PHE A 255 -21.90 3.41 -12.11
CA PHE A 255 -22.62 4.54 -12.69
C PHE A 255 -22.02 5.85 -12.25
N GLU A 256 -21.60 5.96 -10.99
CA GLU A 256 -20.98 7.21 -10.55
C GLU A 256 -19.63 7.43 -11.24
N THR A 257 -18.83 6.37 -11.34
CA THR A 257 -17.55 6.47 -12.02
C THR A 257 -17.72 6.96 -13.45
N LEU A 258 -18.81 6.54 -14.11
CA LEU A 258 -19.00 6.95 -15.51
C LEU A 258 -19.75 8.25 -15.64
N VAL A 259 -20.62 8.60 -14.68
CA VAL A 259 -21.36 9.85 -14.78
C VAL A 259 -20.46 11.02 -14.48
N THR A 260 -19.49 10.87 -13.57
CA THR A 260 -18.56 11.96 -13.37
C THR A 260 -17.79 12.27 -14.65
N VAL A 261 -17.35 11.22 -15.35
CA VAL A 261 -16.65 11.42 -16.61
C VAL A 261 -17.57 12.02 -17.65
N ALA A 262 -18.80 11.54 -17.74
CA ALA A 262 -19.74 12.11 -18.70
C ALA A 262 -19.97 13.58 -18.43
N ARG A 263 -20.10 13.95 -17.15
CA ARG A 263 -20.28 15.35 -16.80
C ARG A 263 -19.08 16.18 -17.20
N LEU A 264 -17.88 15.66 -16.96
CA LEU A 264 -16.69 16.44 -17.31
C LEU A 264 -16.49 16.54 -18.81
N LYS A 265 -17.25 15.80 -19.61
CA LYS A 265 -17.09 15.81 -21.05
C LYS A 265 -18.27 16.44 -21.79
N THR A 266 -19.33 16.80 -21.11
CA THR A 266 -20.48 17.41 -21.79
C THR A 266 -20.06 18.75 -22.38
N PRO A 267 -20.33 19.00 -23.66
CA PRO A 267 -19.92 20.27 -24.27
C PRO A 267 -20.81 21.40 -23.81
N GLN A 268 -20.45 22.03 -22.69
CA GLN A 268 -21.43 22.71 -21.85
C GLN A 268 -22.24 23.77 -22.58
N ASN A 269 -21.88 24.13 -23.81
CA ASN A 269 -22.55 25.24 -24.49
C ASN A 269 -23.54 24.81 -25.57
N ARG A 270 -23.65 23.51 -25.86
CA ARG A 270 -24.34 23.08 -27.08
C ARG A 270 -25.29 21.92 -26.80
N ILE A 271 -26.12 22.05 -25.77
CA ILE A 271 -27.23 21.12 -25.57
C ILE A 271 -28.50 21.94 -25.36
N LYS A 272 -29.56 21.53 -26.06
CA LYS A 272 -30.84 22.21 -25.98
C LYS A 272 -31.95 21.19 -25.81
N GLY A 273 -32.95 21.56 -25.00
CA GLY A 273 -34.09 20.71 -24.76
C GLY A 273 -33.89 19.65 -23.71
N VAL A 274 -32.66 19.42 -23.27
CA VAL A 274 -32.37 18.47 -22.21
C VAL A 274 -31.38 19.12 -21.25
N ASP A 275 -31.66 19.03 -19.95
CA ASP A 275 -30.76 19.57 -18.96
C ASP A 275 -29.43 18.84 -19.01
N ARG A 276 -28.38 19.54 -18.58
CA ARG A 276 -27.03 19.01 -18.75
C ARG A 276 -26.81 17.78 -17.90
N GLU A 277 -27.36 17.78 -16.68
CA GLU A 277 -27.30 16.59 -15.86
C GLU A 277 -28.00 15.43 -16.56
N SER A 278 -29.15 15.70 -17.16
CA SER A 278 -29.88 14.64 -17.87
C SER A 278 -29.07 14.09 -19.03
N TYR A 279 -28.44 14.98 -19.81
CA TYR A 279 -27.63 14.49 -20.92
C TYR A 279 -26.44 13.69 -20.42
N ALA A 280 -25.79 14.13 -19.36
CA ALA A 280 -24.67 13.37 -18.82
C ALA A 280 -25.12 12.00 -18.35
N ASN A 281 -26.28 11.95 -17.68
CA ASN A 281 -26.81 10.65 -17.26
C ASN A 281 -27.08 9.76 -18.46
N HIS A 282 -27.68 10.33 -19.51
CA HIS A 282 -27.97 9.54 -20.69
C HIS A 282 -26.69 9.02 -21.33
N LEU A 283 -25.65 9.86 -21.39
CA LEU A 283 -24.41 9.43 -22.00
C LEU A 283 -23.73 8.33 -21.18
N ALA A 284 -23.78 8.45 -19.85
CA ALA A 284 -23.26 7.39 -19.01
C ALA A 284 -24.03 6.10 -19.20
N GLU A 285 -25.36 6.17 -19.29
CA GLU A 285 -26.16 4.97 -19.48
C GLU A 285 -25.89 4.34 -20.83
N VAL A 286 -25.69 5.16 -21.87
CA VAL A 286 -25.38 4.62 -23.19
C VAL A 286 -24.01 3.95 -23.17
N ALA A 287 -23.05 4.54 -22.47
CA ALA A 287 -21.74 3.92 -22.35
C ALA A 287 -21.84 2.59 -21.61
N MET A 288 -22.67 2.52 -20.57
CA MET A 288 -22.82 1.26 -19.85
C MET A 288 -23.48 0.21 -20.72
N ALA A 289 -24.55 0.57 -21.42
CA ALA A 289 -25.23 -0.41 -22.26
C ALA A 289 -24.34 -0.87 -23.41
N THR A 290 -23.56 0.05 -23.99
CA THR A 290 -22.72 -0.31 -25.13
C THR A 290 -21.70 -1.38 -24.75
N TYR A 291 -21.22 -1.35 -23.51
CA TYR A 291 -20.17 -2.26 -23.07
C TYR A 291 -20.66 -3.27 -22.05
N GLY A 292 -21.96 -3.50 -22.00
CA GLY A 292 -22.50 -4.57 -21.17
C GLY A 292 -22.24 -4.40 -19.70
N LEU A 293 -22.48 -3.19 -19.19
CA LEU A 293 -22.33 -2.90 -17.77
C LEU A 293 -23.61 -2.45 -17.10
N SER A 294 -24.74 -2.47 -17.81
CA SER A 294 -25.98 -1.98 -17.21
C SER A 294 -26.38 -2.74 -15.97
N HIS A 295 -26.00 -4.02 -15.86
CA HIS A 295 -26.37 -4.77 -14.66
C HIS A 295 -25.57 -4.31 -13.46
N THR A 296 -24.48 -3.59 -13.67
CA THR A 296 -23.64 -3.11 -12.58
C THR A 296 -23.86 -1.64 -12.27
N ARG A 297 -24.99 -1.06 -12.66
CA ARG A 297 -25.22 0.37 -12.49
C ARG A 297 -24.90 0.82 -11.07
N ASN A 298 -25.43 0.11 -10.07
CA ASN A 298 -25.32 0.52 -8.68
C ASN A 298 -24.32 -0.32 -7.90
N THR A 299 -23.54 -1.15 -8.57
CA THR A 299 -22.53 -1.96 -7.89
C THR A 299 -21.25 -1.17 -7.73
N LYS A 300 -20.58 -1.37 -6.59
CA LYS A 300 -19.30 -0.69 -6.37
C LYS A 300 -18.26 -1.20 -7.37
N VAL A 301 -17.45 -0.28 -7.89
CA VAL A 301 -16.40 -0.68 -8.82
C VAL A 301 -15.45 -1.66 -8.14
N GLY A 302 -15.10 -1.38 -6.90
CA GLY A 302 -14.38 -2.35 -6.12
C GLY A 302 -12.91 -2.45 -6.48
N ASN A 303 -12.30 -3.50 -5.95
CA ASN A 303 -10.85 -3.68 -6.00
C ASN A 303 -10.54 -5.12 -5.65
N ASP A 304 -9.27 -5.48 -5.77
CA ASP A 304 -8.85 -6.83 -5.39
C ASP A 304 -9.02 -7.06 -3.90
N ILE A 305 -9.20 -5.99 -3.11
CA ILE A 305 -9.44 -6.13 -1.68
C ILE A 305 -10.80 -5.60 -1.26
N VAL A 306 -11.53 -4.94 -2.15
CA VAL A 306 -12.88 -4.46 -1.88
C VAL A 306 -13.82 -5.09 -2.90
N ARG A 307 -14.88 -5.72 -2.44
CA ARG A 307 -15.78 -6.42 -3.34
C ARG A 307 -16.51 -5.44 -4.23
N GLY A 308 -16.70 -5.83 -5.49
CA GLY A 308 -17.38 -5.01 -6.47
C GLY A 308 -17.66 -5.80 -7.73
N VAL A 309 -17.49 -5.16 -8.89
CA VAL A 309 -17.70 -5.88 -10.14
C VAL A 309 -16.50 -6.78 -10.42
N SER A 310 -16.76 -7.82 -11.21
CA SER A 310 -15.72 -8.79 -11.55
C SER A 310 -14.59 -8.11 -12.31
N GLY A 311 -13.47 -8.82 -12.44
CA GLY A 311 -12.32 -8.26 -13.12
C GLY A 311 -12.62 -7.83 -14.55
N GLY A 312 -13.31 -8.69 -15.30
CA GLY A 312 -13.66 -8.32 -16.66
C GLY A 312 -14.56 -7.10 -16.72
N GLU A 313 -15.57 -7.05 -15.85
CA GLU A 313 -16.40 -5.87 -15.79
C GLU A 313 -15.59 -4.66 -15.37
N ARG A 314 -14.58 -4.86 -14.54
CA ARG A 314 -13.74 -3.75 -14.10
C ARG A 314 -12.93 -3.19 -15.26
N LYS A 315 -12.49 -4.04 -16.17
CA LYS A 315 -11.75 -3.56 -17.33
C LYS A 315 -12.68 -2.94 -18.36
N ARG A 316 -13.87 -3.51 -18.53
CA ARG A 316 -14.81 -2.91 -19.47
C ARG A 316 -15.32 -1.57 -18.95
N VAL A 317 -15.29 -1.36 -17.64
CA VAL A 317 -15.56 -0.03 -17.11
C VAL A 317 -14.52 0.95 -17.61
N SER A 318 -13.25 0.54 -17.61
CA SER A 318 -12.19 1.41 -18.11
C SER A 318 -12.37 1.70 -19.60
N ILE A 319 -12.75 0.67 -20.37
CA ILE A 319 -13.01 0.91 -21.79
C ILE A 319 -14.15 1.90 -21.97
N ALA A 320 -15.23 1.74 -21.20
CA ALA A 320 -16.36 2.66 -21.31
C ALA A 320 -15.96 4.07 -20.93
N GLU A 321 -15.14 4.20 -19.90
CA GLU A 321 -14.69 5.51 -19.47
C GLU A 321 -13.87 6.20 -20.55
N VAL A 322 -12.87 5.49 -21.09
CA VAL A 322 -12.08 6.09 -22.15
C VAL A 322 -12.91 6.33 -23.40
N SER A 323 -13.95 5.53 -23.62
CA SER A 323 -14.86 5.79 -24.73
C SER A 323 -15.59 7.11 -24.54
N ILE A 324 -16.07 7.36 -23.32
CA ILE A 324 -16.74 8.62 -23.05
C ILE A 324 -15.79 9.79 -23.26
N CYS A 325 -14.54 9.63 -22.83
CA CYS A 325 -13.60 10.73 -22.96
C CYS A 325 -13.19 10.99 -24.40
N GLY A 326 -13.54 10.10 -25.33
CA GLY A 326 -13.37 10.38 -26.74
C GLY A 326 -11.97 10.25 -27.27
N SER A 327 -11.13 9.41 -26.67
CA SER A 327 -9.81 9.15 -27.23
C SER A 327 -9.95 8.44 -28.56
N LYS A 328 -9.29 8.96 -29.61
CA LYS A 328 -9.37 8.32 -30.91
C LYS A 328 -8.27 7.31 -31.15
N PHE A 329 -7.18 7.36 -30.38
CA PHE A 329 -6.11 6.38 -30.47
C PHE A 329 -5.80 5.87 -29.07
N GLN A 330 -5.71 4.56 -28.92
CA GLN A 330 -5.54 3.96 -27.61
C GLN A 330 -4.49 2.86 -27.66
N CYS A 331 -3.90 2.57 -26.50
CA CYS A 331 -2.97 1.47 -26.33
C CYS A 331 -3.24 0.83 -24.97
N TRP A 332 -3.17 -0.50 -24.92
CA TRP A 332 -3.46 -1.24 -23.70
C TRP A 332 -2.35 -2.26 -23.48
N ASP A 333 -1.38 -1.92 -22.63
CA ASP A 333 -0.14 -2.69 -22.54
C ASP A 333 -0.33 -4.07 -21.94
N ASN A 334 -1.11 -4.19 -20.87
CA ASN A 334 -1.31 -5.46 -20.18
C ASN A 334 -2.79 -5.71 -19.99
N ALA A 335 -3.55 -5.57 -21.08
CA ALA A 335 -4.99 -5.45 -20.98
C ALA A 335 -5.63 -6.65 -20.31
N THR A 336 -5.22 -7.86 -20.67
CA THR A 336 -5.90 -9.07 -20.23
C THR A 336 -5.19 -9.75 -19.06
N ARG A 337 -4.39 -9.03 -18.28
CA ARG A 337 -3.78 -9.62 -17.11
C ARG A 337 -4.85 -10.00 -16.09
N GLY A 338 -4.79 -11.22 -15.61
CA GLY A 338 -5.73 -11.69 -14.60
C GLY A 338 -7.06 -12.17 -15.13
N LEU A 339 -7.25 -12.19 -16.44
CA LEU A 339 -8.52 -12.58 -17.03
C LEU A 339 -8.39 -13.97 -17.66
N ASP A 340 -9.39 -14.81 -17.43
CA ASP A 340 -9.45 -16.08 -18.11
C ASP A 340 -9.88 -15.89 -19.56
N SER A 341 -9.90 -16.99 -20.31
CA SER A 341 -10.09 -16.89 -21.75
C SER A 341 -11.38 -16.17 -22.09
N ALA A 342 -12.49 -16.58 -21.48
CA ALA A 342 -13.78 -15.97 -21.82
C ALA A 342 -13.79 -14.50 -21.48
N THR A 343 -13.30 -14.13 -20.30
CA THR A 343 -13.34 -12.73 -19.88
C THR A 343 -12.41 -11.87 -20.74
N ALA A 344 -11.23 -12.38 -21.08
CA ALA A 344 -10.35 -11.63 -21.98
C ALA A 344 -11.01 -11.45 -23.34
N LEU A 345 -11.70 -12.47 -23.82
CA LEU A 345 -12.42 -12.33 -25.09
C LEU A 345 -13.50 -11.26 -24.98
N GLU A 346 -14.21 -11.22 -23.86
CA GLU A 346 -15.21 -10.16 -23.67
C GLU A 346 -14.55 -8.79 -23.72
N PHE A 347 -13.40 -8.65 -23.08
CA PHE A 347 -12.70 -7.37 -23.11
C PHE A 347 -12.35 -6.97 -24.53
N ILE A 348 -11.78 -7.90 -25.29
CA ILE A 348 -11.38 -7.59 -26.67
C ILE A 348 -12.60 -7.27 -27.51
N ARG A 349 -13.72 -7.96 -27.24
CA ARG A 349 -14.94 -7.69 -27.99
C ARG A 349 -15.48 -6.30 -27.68
N ALA A 350 -15.37 -5.86 -26.43
CA ALA A 350 -15.74 -4.49 -26.09
C ALA A 350 -14.85 -3.50 -26.82
N LEU A 351 -13.55 -3.79 -26.88
CA LEU A 351 -12.65 -2.90 -27.62
C LEU A 351 -13.02 -2.85 -29.10
N LYS A 352 -13.42 -3.99 -29.66
CA LYS A 352 -13.85 -4.01 -31.06
C LYS A 352 -15.14 -3.21 -31.24
N THR A 353 -16.07 -3.30 -30.30
CA THR A 353 -17.28 -2.51 -30.38
C THR A 353 -16.96 -1.02 -30.37
N GLN A 354 -16.05 -0.62 -29.49
CA GLN A 354 -15.63 0.77 -29.43
C GLN A 354 -15.00 1.20 -30.75
N ALA A 355 -14.14 0.35 -31.33
CA ALA A 355 -13.56 0.67 -32.62
C ALA A 355 -14.62 0.84 -33.69
N ASP A 356 -15.63 -0.04 -33.68
CA ASP A 356 -16.69 0.04 -34.68
C ASP A 356 -17.48 1.33 -34.54
N ILE A 357 -17.75 1.74 -33.30
CA ILE A 357 -18.70 2.83 -33.07
C ILE A 357 -18.00 4.17 -33.09
N SER A 358 -17.09 4.37 -32.15
CA SER A 358 -16.37 5.64 -32.03
C SER A 358 -15.29 5.79 -33.08
N ASN A 359 -15.07 4.75 -33.91
CA ASN A 359 -14.07 4.80 -34.97
C ASN A 359 -12.67 4.99 -34.41
N THR A 360 -12.49 4.68 -33.14
CA THR A 360 -11.16 4.72 -32.56
C THR A 360 -10.35 3.53 -33.05
N SER A 361 -9.04 3.72 -33.09
CA SER A 361 -8.10 2.62 -33.30
C SER A 361 -7.43 2.30 -31.98
N ALA A 362 -7.32 1.00 -31.68
CA ALA A 362 -6.75 0.57 -30.42
C ALA A 362 -5.70 -0.49 -30.68
N THR A 363 -4.69 -0.54 -29.82
CA THR A 363 -3.66 -1.55 -29.88
C THR A 363 -3.54 -2.21 -28.53
N VAL A 364 -3.47 -3.54 -28.52
CA VAL A 364 -3.41 -4.30 -27.29
C VAL A 364 -2.22 -5.24 -27.33
N ALA A 365 -1.45 -5.25 -26.26
CA ALA A 365 -0.35 -6.20 -26.08
C ALA A 365 -0.80 -7.23 -25.06
N ILE A 366 -0.97 -8.47 -25.50
CA ILE A 366 -1.59 -9.51 -24.69
C ILE A 366 -0.84 -10.82 -24.85
N TYR A 367 -0.93 -11.66 -23.82
CA TYR A 367 -0.36 -13.00 -23.83
C TYR A 367 -1.49 -14.02 -23.90
N GLN A 368 -1.12 -15.26 -24.22
CA GLN A 368 -2.09 -16.35 -24.28
C GLN A 368 -3.33 -15.93 -25.05
N CYS A 369 -3.11 -15.25 -26.17
CA CYS A 369 -4.22 -14.73 -26.96
C CYS A 369 -5.05 -15.89 -27.50
N SER A 370 -6.35 -15.87 -27.22
CA SER A 370 -7.24 -16.93 -27.68
C SER A 370 -7.52 -16.76 -29.16
N GLN A 371 -7.64 -17.90 -29.86
CA GLN A 371 -7.95 -17.85 -31.28
C GLN A 371 -9.23 -17.05 -31.53
N ASP A 372 -10.23 -17.21 -30.65
CA ASP A 372 -11.43 -16.39 -30.77
C ASP A 372 -11.10 -14.92 -30.68
N ALA A 373 -10.29 -14.51 -29.70
CA ALA A 373 -9.89 -13.12 -29.59
C ALA A 373 -9.04 -12.70 -30.79
N TYR A 374 -8.15 -13.58 -31.23
CA TYR A 374 -7.28 -13.23 -32.35
C TYR A 374 -8.09 -12.98 -33.61
N ASP A 375 -9.24 -13.63 -33.74
CA ASP A 375 -10.08 -13.39 -34.91
C ASP A 375 -10.55 -11.94 -35.01
N LEU A 376 -10.56 -11.21 -33.90
CA LEU A 376 -11.10 -9.86 -33.87
C LEU A 376 -10.12 -8.80 -34.32
N PHE A 377 -8.83 -9.11 -34.39
CA PHE A 377 -7.84 -8.08 -34.70
C PHE A 377 -7.65 -7.95 -36.20
N ASN A 378 -7.59 -6.71 -36.67
CA ASN A 378 -7.32 -6.46 -38.07
C ASN A 378 -5.86 -6.70 -38.41
N LYS A 379 -4.95 -6.25 -37.55
CA LYS A 379 -3.52 -6.31 -37.82
C LYS A 379 -2.79 -6.91 -36.64
N VAL A 380 -1.61 -7.46 -36.91
CA VAL A 380 -0.76 -8.07 -35.89
C VAL A 380 0.66 -7.54 -36.07
N CYS A 381 1.34 -7.34 -34.95
CA CYS A 381 2.75 -6.96 -34.94
C CYS A 381 3.50 -7.97 -34.10
N VAL A 382 4.60 -8.49 -34.64
CA VAL A 382 5.38 -9.53 -33.99
C VAL A 382 6.77 -8.99 -33.72
N LEU A 383 7.25 -9.16 -32.49
CA LEU A 383 8.52 -8.63 -32.04
C LEU A 383 9.34 -9.72 -31.38
N ASP A 384 10.67 -9.55 -31.38
CA ASP A 384 11.58 -10.38 -30.60
C ASP A 384 12.93 -9.70 -30.57
N ASP A 385 13.46 -9.48 -29.36
CA ASP A 385 14.65 -8.67 -29.17
C ASP A 385 14.51 -7.31 -29.84
N GLY A 386 13.31 -6.75 -29.80
CA GLY A 386 13.12 -5.42 -30.35
C GLY A 386 13.09 -5.34 -31.85
N TYR A 387 13.29 -6.45 -32.56
CA TYR A 387 13.13 -6.46 -33.99
C TYR A 387 11.68 -6.75 -34.36
N GLN A 388 11.15 -6.00 -35.31
CA GLN A 388 9.86 -6.34 -35.88
C GLN A 388 10.05 -7.43 -36.93
N ILE A 389 9.23 -8.47 -36.84
CA ILE A 389 9.32 -9.58 -37.80
C ILE A 389 8.13 -9.62 -38.74
N TYR A 390 6.95 -9.19 -38.33
CA TYR A 390 5.79 -9.20 -39.19
C TYR A 390 4.84 -8.09 -38.77
N TYR A 391 4.34 -7.35 -39.75
CA TYR A 391 3.30 -6.36 -39.52
C TYR A 391 2.37 -6.37 -40.72
N GLY A 392 1.08 -6.52 -40.45
CA GLY A 392 0.09 -6.61 -41.51
C GLY A 392 -1.17 -7.28 -41.03
N PRO A 393 -2.03 -7.67 -41.96
CA PRO A 393 -3.31 -8.27 -41.57
C PRO A 393 -3.10 -9.51 -40.73
N ALA A 394 -3.98 -9.68 -39.74
CA ALA A 394 -3.83 -10.78 -38.79
C ALA A 394 -3.93 -12.14 -39.47
N ASP A 395 -4.84 -12.27 -40.44
CA ASP A 395 -5.07 -13.56 -41.06
C ASP A 395 -3.97 -13.97 -42.03
N LYS A 396 -3.10 -13.04 -42.43
CA LYS A 396 -2.00 -13.38 -43.31
C LYS A 396 -0.73 -13.76 -42.55
N ALA A 397 -0.71 -13.58 -41.23
CA ALA A 397 0.50 -13.84 -40.47
C ALA A 397 0.88 -15.32 -40.51
N LYS A 398 -0.11 -16.20 -40.31
CA LYS A 398 0.18 -17.62 -40.29
C LYS A 398 0.75 -18.07 -41.62
N LYS A 399 0.14 -17.64 -42.72
CA LYS A 399 0.63 -18.04 -44.03
C LYS A 399 2.01 -17.44 -44.30
N TYR A 400 2.23 -16.20 -43.87
CA TYR A 400 3.53 -15.58 -44.07
C TYR A 400 4.63 -16.37 -43.37
N PHE A 401 4.39 -16.78 -42.12
CA PHE A 401 5.41 -17.52 -41.41
C PHE A 401 5.56 -18.93 -41.97
N GLU A 402 4.46 -19.59 -42.34
CA GLU A 402 4.58 -20.90 -42.95
C GLU A 402 5.33 -20.82 -44.28
N ASP A 403 5.32 -19.65 -44.92
CA ASP A 403 6.23 -19.43 -46.04
C ASP A 403 7.65 -19.19 -45.57
N MET A 404 7.83 -18.61 -44.38
CA MET A 404 9.18 -18.40 -43.86
C MET A 404 9.92 -19.72 -43.70
N GLY A 405 9.22 -20.79 -43.35
CA GLY A 405 9.84 -22.09 -43.19
C GLY A 405 9.46 -22.78 -41.90
N TYR A 406 8.52 -22.22 -41.16
CA TYR A 406 8.05 -22.86 -39.95
C TYR A 406 6.69 -23.51 -40.22
N VAL A 407 6.24 -24.34 -39.27
CA VAL A 407 4.99 -25.08 -39.43
C VAL A 407 4.20 -24.99 -38.14
N CYS A 408 2.90 -24.82 -38.27
CA CYS A 408 2.01 -24.72 -37.14
C CYS A 408 1.44 -26.09 -36.78
N PRO A 409 1.66 -26.59 -35.57
CA PRO A 409 1.04 -27.87 -35.20
C PRO A 409 -0.47 -27.78 -35.34
N SER A 410 -1.09 -28.91 -35.69
CA SER A 410 -2.48 -28.90 -36.12
C SER A 410 -3.37 -28.15 -35.13
N ARG A 411 -3.16 -28.38 -33.84
CA ARG A 411 -4.06 -27.87 -32.81
C ARG A 411 -3.59 -26.57 -32.18
N GLN A 412 -2.55 -25.94 -32.72
CA GLN A 412 -1.97 -24.76 -32.11
C GLN A 412 -2.66 -23.50 -32.61
N THR A 413 -3.11 -22.66 -31.69
CA THR A 413 -3.76 -21.42 -32.06
C THR A 413 -2.75 -20.47 -32.71
N THR A 414 -3.20 -19.74 -33.71
CA THR A 414 -2.28 -18.97 -34.54
C THR A 414 -1.44 -18.00 -33.72
N ALA A 415 -2.00 -17.40 -32.68
CA ALA A 415 -1.22 -16.48 -31.86
C ALA A 415 -0.05 -17.18 -31.20
N ASP A 416 -0.26 -18.37 -30.66
CA ASP A 416 0.83 -19.10 -30.06
C ASP A 416 1.88 -19.48 -31.09
N PHE A 417 1.45 -19.78 -32.32
CA PHE A 417 2.40 -20.06 -33.38
C PHE A 417 3.26 -18.84 -33.68
N LEU A 418 2.64 -17.68 -33.84
CA LEU A 418 3.38 -16.46 -34.14
C LEU A 418 4.37 -16.14 -33.03
N THR A 419 3.96 -16.32 -31.78
CA THR A 419 4.86 -16.01 -30.67
C THR A 419 5.94 -17.06 -30.50
N SER A 420 5.66 -18.32 -30.82
CA SER A 420 6.66 -19.37 -30.65
C SER A 420 7.70 -19.33 -31.75
N VAL A 421 7.35 -18.83 -32.93
CA VAL A 421 8.34 -18.70 -33.99
C VAL A 421 9.57 -17.92 -33.55
N THR A 422 9.51 -17.25 -32.40
CA THR A 422 10.67 -16.57 -31.85
C THR A 422 11.39 -17.38 -30.76
N SER A 423 10.93 -18.60 -30.46
CA SER A 423 11.44 -19.40 -29.35
C SER A 423 12.08 -20.67 -29.88
N PRO A 424 13.41 -20.69 -30.01
CA PRO A 424 14.06 -21.80 -30.72
C PRO A 424 13.72 -23.19 -30.20
N SER A 425 13.45 -23.34 -28.91
CA SER A 425 13.16 -24.66 -28.37
C SER A 425 11.74 -25.11 -28.64
N GLU A 426 10.90 -24.24 -29.23
CA GLU A 426 9.51 -24.57 -29.51
C GLU A 426 9.20 -24.65 -30.99
N ARG A 427 9.95 -23.95 -31.83
CA ARG A 427 9.63 -23.89 -33.25
C ARG A 427 9.81 -25.25 -33.91
N THR A 428 9.17 -25.41 -35.06
CA THR A 428 9.35 -26.59 -35.89
C THR A 428 9.70 -26.14 -37.30
N LEU A 429 10.91 -26.45 -37.75
CA LEU A 429 11.33 -26.10 -39.08
C LEU A 429 10.75 -27.07 -40.09
N ASN A 430 10.19 -26.53 -41.17
CA ASN A 430 9.60 -27.36 -42.20
C ASN A 430 10.70 -28.20 -42.85
N LYS A 431 10.73 -29.49 -42.52
CA LYS A 431 11.82 -30.34 -43.00
C LYS A 431 11.93 -30.33 -44.51
N ASP A 432 10.81 -30.22 -45.20
CA ASP A 432 10.86 -30.18 -46.67
C ASP A 432 11.74 -29.04 -47.14
N MET A 433 11.50 -27.82 -46.64
CA MET A 433 12.25 -26.66 -47.12
C MET A 433 13.71 -26.73 -46.74
N LEU A 434 14.08 -27.60 -45.81
CA LEU A 434 15.50 -27.82 -45.53
C LEU A 434 16.12 -28.77 -46.54
N LYS A 435 15.37 -29.77 -47.00
CA LYS A 435 15.88 -30.66 -48.03
C LYS A 435 16.23 -29.89 -49.28
N LYS A 436 15.42 -28.89 -49.62
CA LYS A 436 15.70 -28.04 -50.77
C LYS A 436 16.93 -27.18 -50.55
N GLY A 437 17.46 -27.11 -49.33
CA GLY A 437 18.59 -26.25 -49.05
C GLY A 437 18.22 -24.81 -48.83
N ILE A 438 16.93 -24.49 -48.79
CA ILE A 438 16.48 -23.12 -48.59
C ILE A 438 16.79 -22.70 -47.17
N HIS A 439 17.35 -21.51 -47.01
CA HIS A 439 17.68 -21.01 -45.69
C HIS A 439 16.44 -20.52 -44.97
N ILE A 440 16.25 -20.95 -43.74
CA ILE A 440 15.10 -20.57 -42.92
C ILE A 440 15.62 -19.73 -41.77
N PRO A 441 15.25 -18.45 -41.67
CA PRO A 441 15.78 -17.61 -40.59
C PRO A 441 15.43 -18.19 -39.23
N GLN A 442 16.39 -18.11 -38.31
CA GLN A 442 16.22 -18.75 -37.00
C GLN A 442 16.58 -17.79 -35.87
N THR A 443 17.37 -16.76 -36.17
CA THR A 443 17.69 -15.74 -35.18
C THR A 443 16.94 -14.45 -35.51
N PRO A 444 16.62 -13.62 -34.51
CA PRO A 444 15.79 -12.44 -34.79
C PRO A 444 16.31 -11.54 -35.89
N LYS A 445 17.62 -11.32 -35.97
CA LYS A 445 18.15 -10.47 -37.03
C LYS A 445 17.86 -11.06 -38.40
N GLU A 446 18.02 -12.37 -38.54
CA GLU A 446 17.72 -13.02 -39.82
C GLU A 446 16.25 -12.90 -40.15
N MET A 447 15.38 -13.10 -39.17
CA MET A 447 13.95 -12.96 -39.43
C MET A 447 13.60 -11.54 -39.86
N ASN A 448 14.20 -10.54 -39.21
CA ASN A 448 13.91 -9.16 -39.58
C ASN A 448 14.42 -8.84 -40.98
N ASP A 449 15.61 -9.34 -41.33
CA ASP A 449 16.11 -9.15 -42.68
C ASP A 449 15.19 -9.81 -43.69
N TYR A 450 14.72 -11.02 -43.39
CA TYR A 450 13.79 -11.69 -44.28
C TYR A 450 12.52 -10.86 -44.46
N TRP A 451 12.00 -10.29 -43.37
CA TRP A 451 10.79 -9.49 -43.50
C TRP A 451 11.05 -8.26 -44.35
N VAL A 452 12.18 -7.60 -44.12
CA VAL A 452 12.53 -6.43 -44.94
C VAL A 452 12.56 -6.81 -46.41
N LYS A 453 13.11 -7.99 -46.71
CA LYS A 453 13.13 -8.46 -48.10
C LYS A 453 11.73 -8.75 -48.62
N SER A 454 10.84 -9.24 -47.76
CA SER A 454 9.60 -9.85 -48.18
C SER A 454 8.65 -8.84 -48.83
N PRO A 455 7.79 -9.29 -49.75
CA PRO A 455 6.83 -8.37 -50.37
C PRO A 455 5.85 -7.77 -49.38
N ASN A 456 5.62 -8.42 -48.24
CA ASN A 456 4.75 -7.84 -47.23
C ASN A 456 5.29 -6.50 -46.77
N TYR A 457 6.59 -6.41 -46.54
CA TYR A 457 7.21 -5.15 -46.17
C TYR A 457 7.08 -4.11 -47.28
N LYS A 458 7.26 -4.52 -48.53
CA LYS A 458 7.11 -3.58 -49.64
C LYS A 458 5.71 -3.00 -49.65
N GLU A 459 4.69 -3.84 -49.53
CA GLU A 459 3.32 -3.36 -49.54
C GLU A 459 3.03 -2.49 -48.32
N LEU A 460 3.57 -2.87 -47.16
CA LEU A 460 3.36 -2.07 -45.96
C LEU A 460 3.97 -0.69 -46.12
N MET A 461 5.15 -0.61 -46.74
CA MET A 461 5.79 0.68 -46.92
C MET A 461 5.06 1.53 -47.96
N LYS A 462 4.48 0.93 -48.99
CA LYS A 462 3.62 1.71 -49.87
C LYS A 462 2.53 2.41 -49.07
N GLU A 463 1.87 1.66 -48.19
CA GLU A 463 0.79 2.23 -47.39
C GLU A 463 1.32 3.32 -46.45
N VAL A 464 2.48 3.08 -45.84
CA VAL A 464 3.01 4.00 -44.85
C VAL A 464 3.41 5.33 -45.50
N ASP A 465 4.02 5.25 -46.68
CA ASP A 465 4.60 6.46 -47.28
C ASP A 465 3.52 7.47 -47.62
N GLN A 466 2.39 7.02 -48.18
CA GLN A 466 1.31 7.95 -48.48
C GLN A 466 0.80 8.64 -47.22
N ARG A 467 0.58 7.86 -46.15
CA ARG A 467 0.12 8.45 -44.91
C ARG A 467 1.15 9.40 -44.31
N LEU A 468 2.44 9.22 -44.61
CA LEU A 468 3.44 10.19 -44.18
C LEU A 468 3.56 11.38 -45.11
N LEU A 469 3.02 11.32 -46.33
CA LEU A 469 2.91 12.52 -47.14
C LEU A 469 1.82 13.44 -46.61
N ASN A 470 0.65 12.88 -46.30
CA ASN A 470 -0.46 13.64 -45.74
C ASN A 470 -0.92 13.02 -44.43
N PRO A 496 -8.34 23.23 -24.07
CA PRO A 496 -7.83 21.86 -23.91
C PRO A 496 -8.78 20.98 -23.11
N TYR A 497 -9.72 21.60 -22.41
CA TYR A 497 -10.70 20.91 -21.60
C TYR A 497 -12.11 21.32 -22.02
N THR A 498 -13.03 20.38 -21.94
CA THR A 498 -14.38 20.62 -22.43
C THR A 498 -15.17 21.57 -21.55
N VAL A 499 -14.96 21.53 -20.23
CA VAL A 499 -15.73 22.32 -19.28
C VAL A 499 -14.80 23.23 -18.51
N SER A 500 -15.32 24.41 -18.16
CA SER A 500 -14.50 25.43 -17.50
C SER A 500 -13.90 24.88 -16.21
N TYR A 501 -12.97 25.65 -15.65
CA TYR A 501 -12.29 25.20 -14.45
C TYR A 501 -13.27 24.96 -13.31
N MET A 502 -14.17 25.91 -13.08
CA MET A 502 -15.06 25.80 -11.93
C MET A 502 -16.04 24.65 -12.10
N MET A 503 -16.50 24.37 -13.32
CA MET A 503 -17.33 23.20 -13.51
C MET A 503 -16.58 21.92 -13.19
N GLN A 504 -15.29 21.86 -13.55
CA GLN A 504 -14.49 20.71 -13.15
C GLN A 504 -14.44 20.60 -11.64
N VAL A 505 -14.26 21.73 -10.95
CA VAL A 505 -14.23 21.70 -9.49
C VAL A 505 -15.55 21.17 -8.95
N LYS A 506 -16.66 21.65 -9.50
CA LYS A 506 -17.97 21.22 -9.02
C LYS A 506 -18.15 19.72 -9.18
N TYR A 507 -17.85 19.19 -10.36
CA TYR A 507 -18.08 17.78 -10.61
C TYR A 507 -17.12 16.91 -9.80
N LEU A 508 -15.87 17.34 -9.63
CA LEU A 508 -14.96 16.57 -8.79
C LEU A 508 -15.37 16.63 -7.33
N LEU A 509 -15.91 17.76 -6.87
CA LEU A 509 -16.41 17.84 -5.51
C LEU A 509 -17.59 16.90 -5.31
N ILE A 510 -18.48 16.82 -6.29
CA ILE A 510 -19.59 15.88 -6.18
C ILE A 510 -19.06 14.45 -6.15
N ARG A 511 -18.04 14.16 -6.95
CA ARG A 511 -17.44 12.84 -6.90
C ARG A 511 -16.88 12.54 -5.52
N ASN A 512 -16.21 13.52 -4.91
CA ASN A 512 -15.63 13.31 -3.58
C ASN A 512 -16.73 13.07 -2.56
N MET A 513 -17.83 13.81 -2.63
CA MET A 513 -18.92 13.58 -1.71
C MET A 513 -19.51 12.19 -1.90
N TRP A 514 -19.61 11.73 -3.15
CA TRP A 514 -20.05 10.35 -3.37
C TRP A 514 -19.09 9.36 -2.75
N ARG A 515 -17.79 9.62 -2.85
CA ARG A 515 -16.82 8.72 -2.22
C ARG A 515 -17.04 8.67 -0.71
N LEU A 516 -17.29 9.83 -0.10
CA LEU A 516 -17.48 9.87 1.34
C LEU A 516 -18.74 9.12 1.74
N ARG A 517 -19.83 9.33 1.02
CA ARG A 517 -21.09 8.66 1.36
C ARG A 517 -21.16 7.19 0.96
N ASN A 518 -20.11 6.64 0.37
CA ASN A 518 -19.98 5.21 0.15
C ASN A 518 -19.02 4.55 1.13
N ASN A 519 -18.05 5.31 1.65
CA ASN A 519 -17.17 4.87 2.72
C ASN A 519 -17.54 5.54 4.05
N ILE A 520 -18.82 5.83 4.24
CA ILE A 520 -19.24 6.71 5.33
C ILE A 520 -18.90 6.11 6.69
N GLY A 521 -18.75 4.79 6.76
CA GLY A 521 -18.44 4.17 8.05
C GLY A 521 -17.13 4.66 8.63
N PHE A 522 -16.11 4.75 7.78
CA PHE A 522 -14.83 5.26 8.26
C PHE A 522 -14.97 6.67 8.79
N THR A 523 -15.70 7.54 8.07
CA THR A 523 -15.84 8.92 8.51
C THR A 523 -16.64 9.00 9.80
N LEU A 524 -17.63 8.13 9.99
CA LEU A 524 -18.38 8.13 11.23
C LEU A 524 -17.50 7.72 12.41
N PHE A 525 -16.73 6.65 12.24
CA PHE A 525 -15.77 6.28 13.28
C PHE A 525 -14.80 7.43 13.52
N MET A 526 -14.47 8.16 12.46
CA MET A 526 -13.58 9.30 12.54
C MET A 526 -14.16 10.45 13.37
N ILE A 527 -15.42 10.79 13.14
CA ILE A 527 -16.06 11.84 13.94
C ILE A 527 -16.15 11.39 15.39
N LEU A 528 -16.58 10.15 15.62
CA LEU A 528 -16.70 9.65 16.98
C LEU A 528 -15.38 9.60 17.71
N GLY A 529 -14.27 9.36 17.00
CA GLY A 529 -12.98 9.36 17.68
C GLY A 529 -12.64 10.71 18.27
N ASN A 530 -12.80 11.78 17.48
CA ASN A 530 -12.54 13.11 18.00
C ASN A 530 -13.51 13.47 19.11
N CYS A 531 -14.79 13.13 18.94
CA CYS A 531 -15.75 13.40 20.00
C CYS A 531 -15.34 12.71 21.30
N SER A 532 -14.94 11.44 21.22
CA SER A 532 -14.59 10.69 22.41
C SER A 532 -13.32 11.21 23.05
N MET A 533 -12.32 11.58 22.24
CA MET A 533 -11.10 12.14 22.81
C MET A 533 -11.39 13.46 23.49
N ALA A 534 -12.25 14.30 22.91
CA ALA A 534 -12.65 15.52 23.56
C ALA A 534 -13.32 15.23 24.89
N LEU A 535 -14.22 14.26 24.91
CA LEU A 535 -14.91 13.90 26.14
C LEU A 535 -13.92 13.48 27.22
N ILE A 536 -12.98 12.61 26.86
CA ILE A 536 -12.01 12.12 27.85
C ILE A 536 -11.15 13.25 28.37
N LEU A 537 -10.57 14.05 27.47
CA LEU A 537 -9.71 15.13 27.92
C LEU A 537 -10.47 16.11 28.80
N GLY A 538 -11.64 16.56 28.35
CA GLY A 538 -12.43 17.45 29.18
C GLY A 538 -12.73 16.86 30.54
N SER A 539 -13.03 15.56 30.59
CA SER A 539 -13.21 14.91 31.88
C SER A 539 -11.96 14.99 32.72
N MET A 540 -10.79 14.96 32.07
CA MET A 540 -9.54 14.96 32.83
C MET A 540 -9.26 16.32 33.45
N PHE A 541 -9.73 17.41 32.83
CA PHE A 541 -9.54 18.74 33.36
C PHE A 541 -10.71 19.24 34.18
N PHE A 542 -11.76 18.44 34.33
CA PHE A 542 -13.03 18.98 34.84
C PHE A 542 -12.88 19.56 36.23
N LYS A 543 -12.15 18.87 37.11
CA LYS A 543 -12.15 19.24 38.52
C LYS A 543 -11.38 20.53 38.77
N ILE A 544 -10.08 20.53 38.45
CA ILE A 544 -9.23 21.65 38.84
C ILE A 544 -9.70 22.95 38.18
N MET A 545 -10.05 22.88 36.90
CA MET A 545 -10.47 24.09 36.19
C MET A 545 -11.73 24.69 36.80
N LYS A 546 -12.48 23.90 37.56
CA LYS A 546 -13.79 24.35 38.03
C LYS A 546 -13.69 25.53 38.99
N LYS A 547 -12.70 25.53 39.90
CA LYS A 547 -12.69 26.53 40.96
C LYS A 547 -12.32 27.92 40.43
N GLY A 548 -11.43 28.01 39.44
CA GLY A 548 -11.14 29.28 38.81
C GLY A 548 -10.11 30.13 39.52
N ASP A 549 -9.52 29.65 40.61
CA ASP A 549 -8.49 30.41 41.29
C ASP A 549 -7.24 30.53 40.42
N THR A 550 -6.22 31.23 40.95
CA THR A 550 -4.96 31.31 40.24
C THR A 550 -4.20 29.99 40.28
N SER A 551 -4.67 29.02 41.06
CA SER A 551 -4.02 27.71 41.08
C SER A 551 -4.20 26.99 39.76
N THR A 552 -5.09 27.49 38.90
CA THR A 552 -5.43 26.81 37.66
C THR A 552 -4.73 27.39 36.43
N PHE A 553 -3.71 28.23 36.60
CA PHE A 553 -3.10 28.88 35.45
C PHE A 553 -2.36 27.88 34.57
N TYR A 554 -1.50 27.06 35.17
CA TYR A 554 -0.78 26.09 34.37
C TYR A 554 -1.74 25.13 33.68
N PHE A 555 -2.84 24.80 34.34
CA PHE A 555 -3.79 23.87 33.74
C PHE A 555 -4.61 24.54 32.64
N ARG A 556 -4.87 25.84 32.76
CA ARG A 556 -5.46 26.56 31.64
C ARG A 556 -4.52 26.51 30.44
N GLY A 557 -3.23 26.74 30.69
CA GLY A 557 -2.27 26.68 29.61
C GLY A 557 -2.25 25.32 28.95
N SER A 558 -2.17 24.27 29.76
CA SER A 558 -2.09 22.92 29.21
C SER A 558 -3.37 22.54 28.47
N ALA A 559 -4.53 22.91 29.03
CA ALA A 559 -5.79 22.59 28.37
C ALA A 559 -5.91 23.30 27.04
N MET A 560 -5.51 24.56 26.97
CA MET A 560 -5.56 25.27 25.70
C MET A 560 -4.56 24.69 24.72
N PHE A 561 -3.41 24.21 25.21
CA PHE A 561 -2.46 23.53 24.34
C PHE A 561 -3.08 22.27 23.75
N PHE A 562 -3.76 21.48 24.58
CA PHE A 562 -4.48 20.31 24.06
C PHE A 562 -5.52 20.72 23.03
N ALA A 563 -6.29 21.76 23.33
CA ALA A 563 -7.33 22.17 22.40
C ALA A 563 -6.74 22.52 21.04
N ILE A 564 -5.70 23.35 21.04
CA ILE A 564 -5.16 23.80 19.77
C ILE A 564 -4.52 22.63 19.03
N LEU A 565 -3.83 21.74 19.74
CA LEU A 565 -3.21 20.60 19.05
C LEU A 565 -4.28 19.68 18.47
N PHE A 566 -5.27 19.31 19.26
CA PHE A 566 -6.26 18.33 18.82
C PHE A 566 -7.26 18.92 17.85
N ASN A 567 -7.25 20.24 17.64
CA ASN A 567 -7.99 20.81 16.53
C ASN A 567 -7.11 20.95 15.30
N ALA A 568 -5.88 21.43 15.49
CA ALA A 568 -5.00 21.66 14.35
C ALA A 568 -4.68 20.36 13.63
N PHE A 569 -4.44 19.29 14.38
CA PHE A 569 -4.04 18.02 13.79
C PHE A 569 -5.19 17.05 13.62
N SER A 570 -6.44 17.50 13.79
CA SER A 570 -7.56 16.61 13.57
C SER A 570 -7.97 16.54 12.11
N SER A 571 -7.10 16.98 11.20
CA SER A 571 -7.42 16.92 9.78
C SER A 571 -6.47 15.99 9.02
N LEU A 572 -5.53 15.36 9.72
CA LEU A 572 -4.40 14.75 9.04
C LEU A 572 -4.73 13.38 8.44
N LEU A 573 -5.85 12.78 8.79
CA LEU A 573 -6.20 11.49 8.22
C LEU A 573 -6.99 11.63 6.93
N GLU A 574 -7.00 12.83 6.34
CA GLU A 574 -7.50 13.01 4.99
C GLU A 574 -6.43 12.66 3.96
N ILE A 575 -5.19 12.47 4.41
CA ILE A 575 -4.11 12.13 3.50
C ILE A 575 -4.33 10.74 2.91
N PHE A 576 -5.02 9.85 3.61
CA PHE A 576 -5.36 8.56 3.02
C PHE A 576 -6.15 8.75 1.74
N SER A 577 -7.22 9.55 1.80
CA SER A 577 -8.01 9.82 0.61
C SER A 577 -7.17 10.53 -0.44
N LEU A 578 -6.33 11.46 -0.03
CA LEU A 578 -5.48 12.16 -0.99
C LEU A 578 -4.64 11.16 -1.79
N TYR A 579 -3.92 10.28 -1.10
CA TYR A 579 -3.07 9.32 -1.78
C TYR A 579 -3.89 8.33 -2.61
N GLU A 580 -5.02 7.88 -2.09
CA GLU A 580 -5.86 6.97 -2.86
C GLU A 580 -6.30 7.61 -4.18
N ALA A 581 -6.62 8.91 -4.14
CA ALA A 581 -7.12 9.57 -5.34
C ALA A 581 -6.00 9.90 -6.31
N ARG A 582 -4.78 10.07 -5.82
CA ARG A 582 -3.72 10.54 -6.71
C ARG A 582 -3.51 9.70 -7.97
N PRO A 583 -3.45 8.36 -7.91
CA PRO A 583 -3.29 7.60 -9.17
C PRO A 583 -4.40 7.82 -10.18
N ILE A 584 -5.65 7.90 -9.74
CA ILE A 584 -6.74 8.14 -10.69
C ILE A 584 -6.67 9.56 -11.23
N THR A 585 -6.22 10.51 -10.42
CA THR A 585 -5.99 11.86 -10.95
C THR A 585 -4.92 11.83 -12.03
N GLU A 586 -3.86 11.05 -11.83
CA GLU A 586 -2.84 10.92 -12.86
C GLU A 586 -3.44 10.33 -14.13
N LYS A 587 -4.24 9.27 -13.99
CA LYS A 587 -4.88 8.67 -15.16
C LYS A 587 -5.71 9.69 -15.90
N HIS A 588 -6.62 10.37 -15.20
CA HIS A 588 -7.48 11.37 -15.82
C HIS A 588 -6.72 12.57 -16.33
N ARG A 589 -5.46 12.74 -15.92
CA ARG A 589 -4.59 13.74 -16.54
C ARG A 589 -3.96 13.25 -17.82
N THR A 590 -3.64 11.94 -17.92
CA THR A 590 -3.04 11.43 -19.14
C THR A 590 -3.90 11.70 -20.36
N TYR A 591 -5.21 11.83 -20.19
CA TYR A 591 -6.10 12.35 -21.20
C TYR A 591 -6.91 13.50 -20.65
N SER A 592 -7.04 14.56 -21.45
CA SER A 592 -7.41 15.87 -20.94
C SER A 592 -8.85 15.90 -20.49
N LEU A 593 -9.08 15.56 -19.22
CA LEU A 593 -10.40 15.55 -18.63
C LEU A 593 -10.61 16.71 -17.66
N TYR A 594 -9.61 17.05 -16.87
CA TYR A 594 -9.71 18.20 -15.98
C TYR A 594 -8.31 18.59 -15.51
N HIS A 595 -8.20 19.82 -15.04
CA HIS A 595 -6.96 20.25 -14.42
C HIS A 595 -6.71 19.44 -13.15
N PRO A 596 -5.50 18.96 -12.90
CA PRO A 596 -5.20 18.40 -11.58
C PRO A 596 -5.44 19.40 -10.46
N SER A 597 -5.28 20.69 -10.74
CA SER A 597 -5.62 21.71 -9.75
C SER A 597 -7.09 21.63 -9.38
N ALA A 598 -7.95 21.36 -10.35
CA ALA A 598 -9.37 21.21 -10.04
C ALA A 598 -9.60 20.04 -9.11
N ASP A 599 -8.89 18.93 -9.31
CA ASP A 599 -9.04 17.78 -8.42
C ASP A 599 -8.53 18.12 -7.02
N ALA A 600 -7.41 18.82 -6.93
CA ALA A 600 -6.90 19.21 -5.63
C ALA A 600 -7.88 20.13 -4.91
N PHE A 601 -8.44 21.09 -5.65
CA PHE A 601 -9.38 22.03 -5.06
C PHE A 601 -10.66 21.33 -4.62
N ALA A 602 -11.13 20.37 -5.42
CA ALA A 602 -12.26 19.57 -5.02
C ALA A 602 -11.97 18.77 -3.76
N SER A 603 -10.76 18.20 -3.67
CA SER A 603 -10.39 17.46 -2.47
C SER A 603 -10.39 18.36 -1.25
N VAL A 604 -9.85 19.57 -1.40
CA VAL A 604 -9.83 20.51 -0.28
C VAL A 604 -11.26 20.86 0.14
N LEU A 605 -12.11 21.17 -0.83
CA LEU A 605 -13.46 21.60 -0.51
C LEU A 605 -14.32 20.46 0.02
N SER A 606 -14.01 19.22 -0.32
CA SER A 606 -14.82 18.11 0.14
C SER A 606 -14.60 17.80 1.61
N GLU A 607 -13.48 18.23 2.18
CA GLU A 607 -13.22 17.99 3.59
C GLU A 607 -13.89 19.02 4.50
N ILE A 608 -14.35 20.14 3.94
CA ILE A 608 -14.89 21.20 4.78
C ILE A 608 -16.01 20.70 5.65
N PRO A 609 -16.97 19.92 5.16
CA PRO A 609 -18.04 19.44 6.05
C PRO A 609 -17.51 18.67 7.24
N SER A 610 -16.62 17.71 7.01
CA SER A 610 -16.08 16.91 8.10
C SER A 610 -15.29 17.78 9.07
N LYS A 611 -14.49 18.70 8.54
CA LYS A 611 -13.69 19.56 9.41
C LYS A 611 -14.57 20.43 10.29
N LEU A 612 -15.60 21.04 9.72
CA LEU A 612 -16.51 21.86 10.53
C LEU A 612 -17.22 21.02 11.59
N ILE A 613 -17.67 19.82 11.21
CA ILE A 613 -18.38 18.99 12.19
C ILE A 613 -17.45 18.60 13.33
N ILE A 614 -16.23 18.17 13.00
CA ILE A 614 -15.28 17.78 14.04
C ILE A 614 -14.97 18.96 14.93
N ALA A 615 -14.71 20.12 14.34
CA ALA A 615 -14.41 21.30 15.13
C ALA A 615 -15.54 21.64 16.08
N VAL A 616 -16.78 21.66 15.56
CA VAL A 616 -17.91 22.02 16.39
C VAL A 616 -18.08 21.03 17.53
N CYS A 617 -18.09 19.73 17.22
CA CYS A 617 -18.32 18.72 18.25
C CYS A 617 -17.22 18.77 19.31
N PHE A 618 -15.96 18.68 18.87
CA PHE A 618 -14.86 18.67 19.82
C PHE A 618 -14.88 19.92 20.68
N ASN A 619 -15.02 21.09 20.07
CA ASN A 619 -14.89 22.33 20.83
C ASN A 619 -16.08 22.53 21.76
N ILE A 620 -17.29 22.20 21.33
CA ILE A 620 -18.44 22.32 22.22
C ILE A 620 -18.27 21.40 23.42
N ILE A 621 -17.79 20.17 23.20
CA ILE A 621 -17.64 19.25 24.33
C ILE A 621 -16.52 19.72 25.24
N PHE A 622 -15.45 20.27 24.66
CA PHE A 622 -14.24 20.55 25.43
C PHE A 622 -14.35 21.87 26.18
N TYR A 623 -14.75 22.93 25.49
CA TYR A 623 -14.86 24.25 26.10
C TYR A 623 -15.80 24.24 27.29
N PHE A 624 -16.74 23.30 27.33
CA PHE A 624 -17.67 23.22 28.46
C PHE A 624 -17.07 22.42 29.62
N LEU A 625 -16.49 21.26 29.32
CA LEU A 625 -15.88 20.46 30.37
C LEU A 625 -14.72 21.20 31.02
N VAL A 626 -13.86 21.80 30.21
CA VAL A 626 -12.70 22.52 30.75
C VAL A 626 -13.08 23.83 31.40
N ASP A 627 -14.26 24.36 31.11
CA ASP A 627 -14.80 25.49 31.85
C ASP A 627 -14.01 26.78 31.58
N PHE A 628 -13.68 27.01 30.32
CA PHE A 628 -13.15 28.31 29.92
C PHE A 628 -14.25 29.35 30.04
N ARG A 629 -13.92 30.59 29.72
CA ARG A 629 -14.86 31.69 29.91
C ARG A 629 -16.15 31.40 29.16
N ARG A 630 -17.29 31.61 29.84
CA ARG A 630 -18.58 31.28 29.27
C ARG A 630 -19.16 32.38 28.40
N ASN A 631 -18.49 33.52 28.28
CA ASN A 631 -18.98 34.57 27.40
C ASN A 631 -19.09 34.05 25.97
N GLY A 632 -20.16 34.46 25.29
CA GLY A 632 -20.39 33.94 23.95
C GLY A 632 -19.36 34.41 22.95
N GLY A 633 -19.04 35.70 22.98
CA GLY A 633 -18.10 36.23 22.00
C GLY A 633 -16.73 35.60 22.10
N VAL A 634 -16.23 35.42 23.31
CA VAL A 634 -14.91 34.81 23.46
C VAL A 634 -14.95 33.37 22.99
N PHE A 635 -16.05 32.66 23.26
CA PHE A 635 -16.15 31.29 22.77
C PHE A 635 -16.11 31.24 21.25
N PHE A 636 -16.82 32.15 20.60
CA PHE A 636 -16.83 32.11 19.14
C PHE A 636 -15.48 32.52 18.57
N PHE A 637 -14.78 33.45 19.21
CA PHE A 637 -13.42 33.75 18.76
C PHE A 637 -12.51 32.54 18.94
N TYR A 638 -12.66 31.83 20.06
CA TYR A 638 -11.92 30.58 20.26
C TYR A 638 -12.19 29.60 19.14
N LEU A 639 -13.46 29.42 18.78
CA LEU A 639 -13.80 28.49 17.72
C LEU A 639 -13.22 28.95 16.39
N LEU A 640 -13.24 30.25 16.13
CA LEU A 640 -12.64 30.77 14.91
C LEU A 640 -11.16 30.47 14.85
N ILE A 641 -10.45 30.67 15.96
CA ILE A 641 -9.03 30.39 15.97
C ILE A 641 -8.78 28.90 15.73
N ASN A 642 -9.59 28.04 16.34
CA ASN A 642 -9.42 26.61 16.10
C ASN A 642 -9.69 26.24 14.64
N ILE A 643 -10.69 26.87 14.03
CA ILE A 643 -10.97 26.64 12.61
C ILE A 643 -9.75 27.02 11.77
N VAL A 644 -9.21 28.20 12.03
CA VAL A 644 -8.05 28.64 11.26
C VAL A 644 -6.89 27.68 11.46
N ALA A 645 -6.70 27.19 12.68
CA ALA A 645 -5.61 26.25 12.95
C ALA A 645 -5.79 24.96 12.16
N VAL A 646 -7.00 24.40 12.19
CA VAL A 646 -7.21 23.11 11.52
C VAL A 646 -7.02 23.27 10.02
N PHE A 647 -7.55 24.36 9.43
CA PHE A 647 -7.36 24.54 8.00
C PHE A 647 -5.89 24.76 7.66
N SER A 648 -5.18 25.55 8.49
CA SER A 648 -3.78 25.82 8.21
C SER A 648 -2.97 24.53 8.18
N MET A 649 -3.15 23.68 9.20
CA MET A 649 -2.42 22.42 9.22
C MET A 649 -2.86 21.51 8.09
N SER A 650 -4.16 21.47 7.79
CA SER A 650 -4.63 20.67 6.67
C SER A 650 -3.87 21.00 5.41
N HIS A 651 -3.78 22.29 5.07
CA HIS A 651 -3.12 22.67 3.83
C HIS A 651 -1.62 22.43 3.91
N LEU A 652 -1.00 22.74 5.05
CA LEU A 652 0.44 22.55 5.16
C LEU A 652 0.82 21.09 4.93
N PHE A 653 0.04 20.16 5.49
CA PHE A 653 0.40 18.76 5.35
C PHE A 653 -0.14 18.14 4.06
N ARG A 654 -1.14 18.74 3.43
CA ARG A 654 -1.44 18.37 2.05
C ARG A 654 -0.26 18.68 1.14
N CYS A 655 0.38 19.83 1.35
CA CYS A 655 1.56 20.16 0.54
C CYS A 655 2.64 19.10 0.71
N VAL A 656 2.87 18.65 1.94
CA VAL A 656 3.87 17.60 2.17
C VAL A 656 3.45 16.30 1.52
N GLY A 657 2.18 15.92 1.67
CA GLY A 657 1.71 14.69 1.04
C GLY A 657 1.90 14.71 -0.46
N SER A 658 1.68 15.86 -1.09
CA SER A 658 1.82 15.95 -2.53
C SER A 658 3.25 15.67 -2.99
N LEU A 659 4.24 15.83 -2.12
CA LEU A 659 5.63 15.74 -2.50
C LEU A 659 6.23 14.35 -2.33
N THR A 660 5.43 13.36 -1.92
CA THR A 660 5.94 12.04 -1.59
C THR A 660 5.19 10.97 -2.38
N LYS A 661 5.91 9.90 -2.71
CA LYS A 661 5.33 8.82 -3.48
C LYS A 661 4.22 8.11 -2.71
N THR A 662 4.43 7.86 -1.42
CA THR A 662 3.41 7.22 -0.59
C THR A 662 3.45 7.86 0.79
N LEU A 663 2.51 7.44 1.63
CA LEU A 663 2.46 7.97 2.99
C LEU A 663 3.72 7.59 3.77
N SER A 664 4.20 6.36 3.56
CA SER A 664 5.39 5.91 4.25
C SER A 664 6.58 6.83 4.00
N GLU A 665 6.73 7.32 2.76
CA GLU A 665 7.85 8.20 2.46
C GLU A 665 7.67 9.56 3.13
N ALA A 666 6.43 9.99 3.33
CA ALA A 666 6.18 11.28 3.96
C ALA A 666 6.28 11.18 5.47
N MET A 667 6.25 9.95 6.01
CA MET A 667 6.20 9.77 7.45
C MET A 667 7.30 10.56 8.17
N VAL A 668 8.50 10.58 7.60
CA VAL A 668 9.67 11.15 8.30
C VAL A 668 9.57 12.66 8.31
N PRO A 669 9.57 13.35 7.16
CA PRO A 669 9.45 14.81 7.20
C PRO A 669 8.17 15.29 7.87
N ALA A 670 7.06 14.57 7.69
CA ALA A 670 5.83 14.96 8.37
C ALA A 670 5.99 14.85 9.87
N SER A 671 6.70 13.82 10.34
CA SER A 671 6.94 13.70 11.77
C SER A 671 7.80 14.85 12.28
N MET A 672 8.82 15.24 11.51
CA MET A 672 9.60 16.41 11.91
C MET A 672 8.74 17.66 11.98
N LEU A 673 7.87 17.86 11.00
CA LEU A 673 6.99 19.03 11.01
C LEU A 673 6.07 19.00 12.22
N LEU A 674 5.48 17.85 12.52
CA LEU A 674 4.60 17.76 13.68
C LEU A 674 5.35 18.09 14.96
N LEU A 675 6.56 17.55 15.11
CA LEU A 675 7.31 17.84 16.32
C LEU A 675 7.63 19.32 16.43
N ALA A 676 8.15 19.91 15.36
CA ALA A 676 8.51 21.32 15.41
C ALA A 676 7.30 22.19 15.74
N LEU A 677 6.19 21.98 15.04
CA LEU A 677 5.01 22.80 15.27
C LEU A 677 4.47 22.61 16.68
N SER A 678 4.30 21.36 17.11
CA SER A 678 3.69 21.12 18.42
C SER A 678 4.59 21.64 19.53
N MET A 679 5.90 21.45 19.42
CA MET A 679 6.79 21.91 20.47
C MET A 679 6.84 23.43 20.55
N TYR A 680 6.95 24.09 19.40
CA TYR A 680 7.09 25.54 19.39
C TYR A 680 5.77 26.29 19.39
N THR A 681 4.69 25.65 19.83
CA THR A 681 3.40 26.33 19.90
C THR A 681 3.38 27.42 20.95
N GLY A 682 4.34 27.44 21.86
CA GLY A 682 4.41 28.45 22.89
C GLY A 682 3.97 28.00 24.26
N PHE A 683 3.68 26.72 24.46
CA PHE A 683 3.39 26.21 25.79
C PHE A 683 4.53 25.34 26.32
N ALA A 684 5.09 24.48 25.49
CA ALA A 684 6.20 23.66 25.93
C ALA A 684 7.39 24.51 26.35
N ILE A 685 7.71 25.54 25.58
CA ILE A 685 8.75 26.50 25.94
C ILE A 685 8.23 27.90 25.65
N PRO A 686 7.94 28.71 26.66
CA PRO A 686 7.35 30.03 26.39
C PRO A 686 8.27 30.91 25.56
N LYS A 687 7.64 31.79 24.79
CA LYS A 687 8.33 32.74 23.92
C LYS A 687 9.52 33.40 24.61
N LYS A 688 9.45 33.59 25.92
CA LYS A 688 10.59 34.17 26.63
C LYS A 688 11.80 33.26 26.59
N LYS A 689 11.61 31.97 26.79
CA LYS A 689 12.72 31.04 26.98
C LYS A 689 13.29 30.49 25.70
N ILE A 690 12.66 30.76 24.55
CA ILE A 690 13.19 30.25 23.28
C ILE A 690 14.54 30.89 23.01
N LEU A 691 15.51 30.06 22.65
CA LEU A 691 16.87 30.53 22.44
C LEU A 691 16.97 31.31 21.13
N ARG A 692 18.06 32.08 20.99
CA ARG A 692 18.21 32.90 19.79
C ARG A 692 18.33 32.03 18.54
N TRP A 693 18.87 30.82 18.66
CA TRP A 693 19.08 30.01 17.47
C TRP A 693 17.78 29.49 16.88
N SER A 694 16.70 29.42 17.67
CA SER A 694 15.45 28.86 17.17
C SER A 694 14.27 29.77 17.40
N LYS A 695 14.49 31.08 17.54
CA LYS A 695 13.37 31.99 17.71
C LYS A 695 12.58 32.15 16.41
N TRP A 696 13.27 32.09 15.27
CA TRP A 696 12.59 32.15 13.99
C TRP A 696 11.60 31.02 13.83
N ILE A 697 11.83 29.88 14.46
CA ILE A 697 10.84 28.80 14.39
C ILE A 697 9.54 29.26 15.01
N TRP A 698 9.60 29.91 16.17
CA TRP A 698 8.38 30.47 16.74
C TRP A 698 7.77 31.49 15.80
N TYR A 699 8.60 32.33 15.17
CA TYR A 699 8.06 33.39 14.33
C TYR A 699 7.38 32.87 13.07
N ILE A 700 7.80 31.73 12.52
CA ILE A 700 7.16 31.19 11.33
C ILE A 700 6.12 30.11 11.65
N ASN A 701 5.90 29.80 12.92
CA ASN A 701 4.99 28.74 13.32
C ASN A 701 3.57 29.29 13.46
N PRO A 702 2.63 28.93 12.57
CA PRO A 702 1.26 29.46 12.71
C PRO A 702 0.61 29.08 14.02
N LEU A 703 0.85 27.87 14.51
CA LEU A 703 0.26 27.48 15.78
C LEU A 703 0.72 28.38 16.91
N ALA A 704 1.92 28.94 16.80
CA ALA A 704 2.39 29.87 17.83
C ALA A 704 1.47 31.08 17.90
N TYR A 705 1.20 31.70 16.75
CA TYR A 705 0.34 32.88 16.74
C TYR A 705 -1.08 32.53 17.17
N LEU A 706 -1.60 31.38 16.74
CA LEU A 706 -2.95 31.01 17.12
C LEU A 706 -3.06 30.73 18.61
N PHE A 707 -2.06 30.07 19.20
CA PHE A 707 -2.06 29.85 20.64
C PHE A 707 -1.94 31.17 21.39
N GLU A 708 -1.14 32.09 20.86
CA GLU A 708 -1.11 33.44 21.40
C GLU A 708 -2.51 34.03 21.47
N SER A 709 -3.23 33.97 20.34
CA SER A 709 -4.58 34.54 20.31
C SER A 709 -5.50 33.84 21.30
N LEU A 710 -5.40 32.52 21.39
CA LEU A 710 -6.26 31.80 22.33
C LEU A 710 -5.98 32.22 23.77
N LEU A 711 -4.72 32.36 24.14
CA LEU A 711 -4.42 32.75 25.52
C LEU A 711 -4.85 34.19 25.79
N ILE A 712 -4.64 35.09 24.83
CA ILE A 712 -5.09 36.47 25.02
C ILE A 712 -6.60 36.50 25.20
N ASN A 713 -7.31 35.73 24.38
CA ASN A 713 -8.76 35.66 24.50
C ASN A 713 -9.17 35.11 25.86
N GLU A 714 -8.49 34.06 26.32
CA GLU A 714 -8.90 33.38 27.56
C GLU A 714 -8.61 34.24 28.78
N PHE A 715 -7.43 34.84 28.85
CA PHE A 715 -6.99 35.49 30.07
C PHE A 715 -7.31 36.98 30.12
N HIS A 716 -7.53 37.61 28.98
CA HIS A 716 -7.60 39.06 28.95
C HIS A 716 -8.79 39.58 29.75
N GLY A 717 -8.52 40.55 30.62
CA GLY A 717 -9.58 41.29 31.28
C GLY A 717 -10.34 40.55 32.36
N ILE A 718 -9.85 39.40 32.81
CA ILE A 718 -10.50 38.63 33.86
C ILE A 718 -9.57 38.58 35.06
N LYS A 719 -10.14 38.71 36.25
CA LYS A 719 -9.38 38.82 37.49
C LYS A 719 -9.59 37.55 38.31
N PHE A 720 -8.56 36.70 38.34
CA PHE A 720 -8.68 35.42 39.01
C PHE A 720 -8.36 35.58 40.50
N PRO A 721 -9.28 35.30 41.39
CA PRO A 721 -8.99 35.48 42.82
C PRO A 721 -7.81 34.62 43.24
N CYS A 722 -6.97 35.18 44.11
CA CYS A 722 -5.73 34.53 44.48
C CYS A 722 -5.99 33.29 45.30
N ALA A 723 -5.30 32.19 44.96
CA ALA A 723 -5.48 30.94 45.69
C ALA A 723 -4.73 30.97 47.02
N GLU A 724 -3.41 31.11 46.95
CA GLU A 724 -2.58 31.01 48.15
C GLU A 724 -1.57 32.14 48.14
N TYR A 725 -1.09 32.49 49.33
CA TYR A 725 -0.14 33.57 49.52
C TYR A 725 1.15 33.02 50.10
N VAL A 726 2.23 33.78 49.94
CA VAL A 726 3.54 33.37 50.43
C VAL A 726 3.53 33.41 51.96
N PRO A 727 3.41 34.57 52.59
CA PRO A 727 3.24 34.57 54.05
C PRO A 727 1.90 33.96 54.40
N ARG A 728 1.94 32.88 55.19
CA ARG A 728 0.80 31.99 55.29
C ARG A 728 0.89 31.21 56.59
N GLY A 729 -0.28 30.98 57.21
CA GLY A 729 -0.35 30.21 58.42
C GLY A 729 -0.76 31.04 59.62
N PRO A 730 -0.95 30.38 60.77
CA PRO A 730 -1.45 31.10 61.94
C PRO A 730 -0.57 32.24 62.39
N ALA A 731 0.75 32.14 62.21
CA ALA A 731 1.63 33.22 62.61
C ALA A 731 1.36 34.49 61.81
N TYR A 732 0.66 34.38 60.68
CA TYR A 732 0.40 35.53 59.81
C TYR A 732 -1.09 35.84 59.72
N ALA A 733 -1.86 35.58 60.78
CA ALA A 733 -3.28 35.87 60.75
C ALA A 733 -3.55 37.36 60.58
N ASN A 734 -2.93 38.19 61.41
CA ASN A 734 -3.05 39.64 61.29
C ASN A 734 -1.91 40.13 60.41
N ILE A 735 -2.25 40.92 59.40
CA ILE A 735 -1.27 41.39 58.43
C ILE A 735 -1.89 42.55 57.67
N SER A 736 -1.03 43.39 57.09
CA SER A 736 -1.46 44.43 56.18
C SER A 736 -1.37 43.89 54.76
N SER A 737 -2.27 44.34 53.89
CA SER A 737 -2.36 43.76 52.56
C SER A 737 -1.01 43.70 51.87
N THR A 738 -0.26 44.80 51.89
CA THR A 738 0.97 44.87 51.11
C THR A 738 2.06 43.94 51.64
N GLU A 739 1.90 43.39 52.82
CA GLU A 739 2.90 42.48 53.38
C GLU A 739 2.74 41.08 52.91
N SER A 740 2.05 40.86 51.79
CA SER A 740 1.83 39.53 51.25
C SER A 740 1.68 39.65 49.74
N VAL A 741 1.84 38.52 49.06
CA VAL A 741 1.78 38.48 47.60
C VAL A 741 1.23 37.14 47.15
N CYS A 742 0.49 37.17 46.05
CA CYS A 742 0.01 35.94 45.44
C CYS A 742 1.17 35.20 44.77
N THR A 743 1.18 33.89 44.90
CA THR A 743 2.30 33.08 44.43
C THR A 743 2.24 32.75 42.95
N VAL A 744 2.12 33.75 42.08
CA VAL A 744 2.07 33.52 40.64
C VAL A 744 2.71 34.71 39.94
N VAL A 745 2.99 34.55 38.64
CA VAL A 745 3.87 35.48 37.93
C VAL A 745 3.32 36.90 37.96
N GLY A 746 2.06 37.08 37.60
CA GLY A 746 1.51 38.41 37.47
C GLY A 746 1.12 39.07 38.77
N ALA A 747 1.40 38.44 39.91
CA ALA A 747 0.90 38.91 41.19
C ALA A 747 1.50 40.26 41.56
N VAL A 748 0.77 41.00 42.37
CA VAL A 748 1.23 42.26 42.94
C VAL A 748 0.91 42.22 44.44
N PRO A 749 1.82 42.64 45.31
CA PRO A 749 1.51 42.56 46.75
C PRO A 749 0.27 43.35 47.11
N GLY A 750 -0.52 42.79 48.01
CA GLY A 750 -1.74 43.43 48.46
C GLY A 750 -2.96 43.12 47.64
N GLN A 751 -2.82 42.43 46.51
CA GLN A 751 -3.97 42.05 45.71
C GLN A 751 -4.61 40.78 46.24
N ASP A 752 -5.92 40.68 46.07
CA ASP A 752 -6.63 39.43 46.24
C ASP A 752 -6.92 38.74 44.92
N TYR A 753 -6.34 39.23 43.82
CA TYR A 753 -6.53 38.65 42.50
C TYR A 753 -5.30 38.96 41.67
N VAL A 754 -5.15 38.23 40.58
CA VAL A 754 -4.08 38.46 39.61
C VAL A 754 -4.72 38.65 38.25
N LEU A 755 -4.51 39.83 37.66
CA LEU A 755 -5.12 40.15 36.39
C LEU A 755 -4.51 39.27 35.31
N GLY A 756 -5.28 38.27 34.85
CA GLY A 756 -4.73 37.28 33.94
C GLY A 756 -3.89 37.87 32.82
N ASP A 757 -4.21 39.09 32.41
CA ASP A 757 -3.38 39.74 31.40
C ASP A 757 -1.95 39.92 31.92
N ASP A 758 -1.81 40.34 33.17
CA ASP A 758 -0.48 40.45 33.76
C ASP A 758 0.22 39.11 33.79
N PHE A 759 -0.50 38.04 34.13
CA PHE A 759 0.11 36.72 34.14
C PHE A 759 0.66 36.36 32.76
N ILE A 760 -0.17 36.48 31.71
CA ILE A 760 0.31 36.08 30.40
C ILE A 760 1.44 36.98 29.92
N ARG A 761 1.37 38.27 30.22
CA ARG A 761 2.46 39.16 29.85
C ARG A 761 3.76 38.73 30.53
N GLY A 762 3.68 38.40 31.81
CA GLY A 762 4.89 37.99 32.52
C GLY A 762 5.44 36.66 32.06
N THR A 763 4.57 35.69 31.81
CA THR A 763 5.04 34.32 31.60
C THR A 763 5.32 34.05 30.13
N TYR A 764 4.42 34.45 29.23
CA TYR A 764 4.61 34.25 27.81
C TYR A 764 4.90 35.54 27.06
N GLN A 765 4.62 36.70 27.63
CA GLN A 765 4.76 37.98 26.94
C GLN A 765 3.85 38.04 25.72
N TYR A 766 2.57 37.77 25.94
CA TYR A 766 1.52 38.06 24.98
C TYR A 766 0.75 39.28 25.46
N TYR A 767 0.49 40.21 24.56
CA TYR A 767 -0.20 41.45 24.90
C TYR A 767 -1.54 41.50 24.18
N HIS A 768 -2.50 42.20 24.78
CA HIS A 768 -3.84 42.23 24.22
C HIS A 768 -3.86 42.84 22.83
N LYS A 769 -2.87 43.66 22.50
CA LYS A 769 -2.85 44.28 21.17
C LYS A 769 -2.66 43.22 20.08
N ASP A 770 -2.09 42.08 20.41
CA ASP A 770 -1.79 41.04 19.45
C ASP A 770 -2.90 40.02 19.29
N LYS A 771 -4.09 40.28 19.85
CA LYS A 771 -5.16 39.30 19.80
C LYS A 771 -5.49 38.89 18.38
N TRP A 772 -5.63 39.86 17.48
CA TRP A 772 -6.06 39.57 16.12
C TRP A 772 -4.90 39.34 15.16
N ARG A 773 -3.67 39.36 15.64
CA ARG A 773 -2.55 38.94 14.81
C ARG A 773 -2.66 37.46 14.45
N GLY A 774 -3.10 36.65 15.41
CA GLY A 774 -3.19 35.23 15.16
C GLY A 774 -4.08 34.89 13.99
N PHE A 775 -5.26 35.51 13.93
CA PHE A 775 -6.17 35.25 12.82
C PHE A 775 -5.55 35.66 11.49
N GLY A 776 -4.93 36.84 11.45
CA GLY A 776 -4.33 37.30 10.22
C GLY A 776 -3.25 36.37 9.71
N ILE A 777 -2.33 35.99 10.59
CA ILE A 777 -1.23 35.12 10.17
C ILE A 777 -1.74 33.74 9.83
N GLY A 778 -2.72 33.23 10.58
CA GLY A 778 -3.30 31.95 10.24
C GLY A 778 -3.93 31.93 8.87
N MET A 779 -4.69 32.97 8.54
CA MET A 779 -5.30 33.05 7.21
C MET A 779 -4.24 33.23 6.13
N ALA A 780 -3.20 34.01 6.41
CA ALA A 780 -2.13 34.15 5.43
C ALA A 780 -1.51 32.80 5.12
N TYR A 781 -1.18 32.03 6.15
CA TYR A 781 -0.66 30.68 5.94
C TYR A 781 -1.64 29.81 5.20
N VAL A 782 -2.92 29.87 5.57
CA VAL A 782 -3.92 29.01 4.95
C VAL A 782 -3.97 29.27 3.45
N VAL A 783 -4.09 30.54 3.08
CA VAL A 783 -4.18 30.88 1.66
C VAL A 783 -2.90 30.50 0.93
N PHE A 784 -1.75 30.84 1.52
CA PHE A 784 -0.50 30.58 0.84
C PHE A 784 -0.29 29.09 0.59
N PHE A 785 -0.53 28.28 1.61
CA PHE A 785 -0.32 26.85 1.43
C PHE A 785 -1.40 26.21 0.60
N PHE A 786 -2.61 26.76 0.57
CA PHE A 786 -3.61 26.27 -0.38
C PHE A 786 -3.13 26.50 -1.80
N PHE A 787 -2.61 27.69 -2.09
CA PHE A 787 -2.12 27.96 -3.44
C PHE A 787 -0.92 27.09 -3.77
N VAL A 788 -0.01 26.90 -2.82
CA VAL A 788 1.14 26.04 -3.09
C VAL A 788 0.71 24.61 -3.28
N TYR A 789 -0.32 24.17 -2.57
CA TYR A 789 -0.85 22.83 -2.78
C TYR A 789 -1.39 22.67 -4.19
N LEU A 790 -2.18 23.65 -4.65
CA LEU A 790 -2.68 23.59 -6.02
C LEU A 790 -1.53 23.57 -7.01
N PHE A 791 -0.53 24.43 -6.80
CA PHE A 791 0.59 24.51 -7.73
C PHE A 791 1.34 23.18 -7.79
N LEU A 792 1.65 22.60 -6.63
CA LEU A 792 2.37 21.33 -6.61
C LEU A 792 1.55 20.22 -7.27
N CYS A 793 0.25 20.17 -7.00
CA CYS A 793 -0.59 19.16 -7.63
C CYS A 793 -0.73 19.39 -9.12
N GLU A 794 -0.52 20.61 -9.58
CA GLU A 794 -0.69 20.94 -11.00
C GLU A 794 0.45 20.41 -11.85
N TYR A 795 1.69 20.55 -11.38
CA TYR A 795 2.87 20.31 -12.20
C TYR A 795 3.73 19.15 -11.74
N ASN A 796 3.97 19.01 -10.44
CA ASN A 796 4.91 18.00 -9.94
C ASN A 796 4.22 16.64 -9.83
N GLU A 797 4.15 15.97 -10.97
CA GLU A 797 3.73 14.58 -11.05
C GLU A 797 4.34 13.95 -12.28
N GLY A 798 4.29 12.62 -12.33
CA GLY A 798 4.74 11.90 -13.50
C GLY A 798 5.10 10.48 -13.17
N ALA A 799 5.41 9.72 -14.22
CA ALA A 799 5.84 8.33 -14.09
C ALA A 799 6.86 8.04 -15.19
N LYS A 800 7.90 7.31 -14.83
CA LYS A 800 9.04 7.08 -15.71
C LYS A 800 9.26 5.58 -15.89
N GLN A 801 9.59 5.20 -17.12
CA GLN A 801 9.89 3.80 -17.41
C GLN A 801 11.35 3.50 -17.12
N LYS A 802 11.59 2.32 -16.56
CA LYS A 802 12.93 1.82 -16.31
C LYS A 802 12.98 0.34 -16.67
N GLY A 803 14.15 -0.14 -17.07
CA GLY A 803 14.27 -1.52 -17.47
C GLY A 803 14.34 -2.45 -16.26
N GLU A 804 13.79 -3.65 -16.43
CA GLU A 804 13.88 -4.67 -15.41
C GLU A 804 15.35 -4.98 -15.13
N ILE A 805 15.69 -5.14 -13.86
CA ILE A 805 17.08 -5.32 -13.44
C ILE A 805 17.17 -6.43 -12.41
N LEU A 806 18.34 -7.03 -12.30
CA LEU A 806 18.68 -7.95 -11.23
C LEU A 806 19.70 -7.28 -10.32
N VAL A 807 19.62 -7.55 -9.01
CA VAL A 807 20.28 -6.69 -8.04
C VAL A 807 21.64 -7.24 -7.62
N PHE A 808 21.77 -8.55 -7.39
CA PHE A 808 23.11 -9.11 -7.21
C PHE A 808 23.91 -8.41 -6.12
N PRO A 809 23.69 -8.72 -4.84
CA PRO A 809 24.31 -7.93 -3.77
C PRO A 809 25.79 -7.63 -4.01
N ARG A 810 26.28 -6.61 -3.31
CA ARG A 810 27.59 -6.05 -3.64
C ARG A 810 28.70 -7.08 -3.51
N SER A 811 28.62 -7.94 -2.50
CA SER A 811 29.67 -8.94 -2.32
C SER A 811 29.85 -9.76 -3.59
N ILE A 812 28.78 -9.92 -4.37
CA ILE A 812 28.85 -10.67 -5.62
C ILE A 812 29.36 -9.79 -6.74
N VAL A 813 28.80 -8.58 -6.88
CA VAL A 813 29.25 -7.65 -7.90
C VAL A 813 30.74 -7.36 -7.79
N LYS A 814 31.33 -7.59 -6.61
CA LYS A 814 32.76 -7.38 -6.44
C LYS A 814 33.56 -8.23 -7.42
N ARG A 815 33.02 -9.36 -7.84
CA ARG A 815 33.71 -10.31 -8.70
C ARG A 815 32.98 -10.57 -10.00
N MET A 816 31.66 -10.70 -9.97
CA MET A 816 30.87 -10.89 -11.17
C MET A 816 31.05 -9.69 -12.09
N GLY A 861 20.35 -35.19 -9.65
CA GLY A 861 20.64 -35.70 -8.32
C GLY A 861 19.47 -35.57 -7.37
N LEU A 862 18.28 -35.38 -7.94
CA LEU A 862 17.08 -35.23 -7.12
C LEU A 862 16.55 -36.59 -6.71
N SER A 863 16.19 -36.69 -5.43
CA SER A 863 15.76 -37.97 -4.87
C SER A 863 14.41 -38.37 -5.43
N LYS A 864 14.31 -39.63 -5.85
CA LYS A 864 13.11 -40.12 -6.51
C LYS A 864 11.98 -40.32 -5.50
N SER A 865 10.75 -40.18 -5.98
CA SER A 865 9.59 -40.55 -5.19
C SER A 865 9.65 -42.05 -4.89
N GLU A 866 9.36 -42.42 -3.65
CA GLU A 866 9.57 -43.78 -3.20
C GLU A 866 8.27 -44.55 -2.93
N ALA A 867 7.13 -43.87 -2.87
CA ALA A 867 5.88 -44.55 -2.53
C ALA A 867 4.76 -44.02 -3.39
N ILE A 868 3.73 -44.85 -3.57
CA ILE A 868 2.60 -44.53 -4.44
C ILE A 868 1.49 -43.91 -3.59
N PHE A 869 1.06 -42.73 -3.98
CA PHE A 869 0.06 -41.98 -3.24
C PHE A 869 -1.29 -42.10 -3.92
N HIS A 870 -2.27 -42.67 -3.22
CA HIS A 870 -3.58 -42.90 -3.79
C HIS A 870 -4.64 -42.57 -2.76
N TRP A 871 -5.71 -41.93 -3.22
CA TRP A 871 -6.83 -41.56 -2.38
C TRP A 871 -8.09 -42.18 -2.97
N ARG A 872 -8.99 -42.58 -2.09
CA ARG A 872 -10.18 -43.32 -2.48
C ARG A 872 -11.39 -42.74 -1.77
N ASN A 873 -12.52 -42.68 -2.49
CA ASN A 873 -13.78 -42.29 -1.89
C ASN A 873 -13.65 -41.00 -1.10
N LEU A 874 -12.81 -40.09 -1.58
CA LEU A 874 -12.56 -38.84 -0.87
C LEU A 874 -13.79 -37.94 -0.97
N CYS A 875 -14.13 -37.26 0.12
CA CYS A 875 -15.23 -36.31 0.16
C CYS A 875 -14.89 -35.18 1.12
N TYR A 876 -15.54 -34.04 0.95
CA TYR A 876 -15.24 -32.85 1.72
C TYR A 876 -16.46 -31.96 1.79
N GLU A 877 -16.88 -31.58 3.00
CA GLU A 877 -18.06 -30.75 3.19
C GLU A 877 -17.73 -29.63 4.16
N VAL A 878 -18.30 -28.45 3.89
CA VAL A 878 -18.12 -27.28 4.72
C VAL A 878 -19.49 -26.68 5.02
N GLN A 879 -19.62 -26.13 6.23
CA GLN A 879 -20.89 -25.62 6.72
C GLN A 879 -21.12 -24.15 6.38
N ILE A 880 -20.21 -23.52 5.64
CA ILE A 880 -20.20 -22.07 5.52
C ILE A 880 -21.30 -21.59 4.58
N LYS A 881 -21.23 -21.99 3.32
CA LYS A 881 -22.21 -21.51 2.34
C LYS A 881 -23.57 -22.17 2.52
N ALA A 882 -23.58 -23.43 2.98
CA ALA A 882 -24.85 -24.17 3.13
C ALA A 882 -24.66 -25.31 4.14
N GLU A 883 -25.72 -25.70 4.85
CA GLU A 883 -25.65 -26.81 5.79
C GLU A 883 -25.29 -28.09 5.04
N THR A 884 -24.08 -28.61 5.27
CA THR A 884 -23.60 -29.81 4.62
C THR A 884 -23.58 -29.63 3.10
N ARG A 885 -22.71 -28.73 2.65
CA ARG A 885 -22.51 -28.51 1.22
C ARG A 885 -21.24 -29.23 0.77
N ARG A 886 -21.38 -30.14 -0.21
CA ARG A 886 -20.25 -30.94 -0.67
C ARG A 886 -19.44 -30.13 -1.69
N ILE A 887 -18.14 -30.06 -1.47
CA ILE A 887 -17.26 -29.49 -2.48
C ILE A 887 -16.55 -30.57 -3.28
N LEU A 888 -16.37 -31.76 -2.70
CA LEU A 888 -15.78 -32.90 -3.38
C LEU A 888 -16.69 -34.10 -3.20
N ASN A 889 -16.86 -34.89 -4.26
CA ASN A 889 -17.86 -35.97 -4.28
C ASN A 889 -17.19 -37.26 -4.73
N ASN A 890 -16.76 -38.07 -3.76
CA ASN A 890 -16.23 -39.40 -4.02
C ASN A 890 -15.10 -39.35 -5.04
N VAL A 891 -14.25 -38.33 -4.94
CA VAL A 891 -13.07 -38.26 -5.79
C VAL A 891 -12.13 -39.40 -5.42
N ASP A 892 -11.44 -39.95 -6.42
CA ASP A 892 -10.43 -40.96 -6.16
C ASP A 892 -9.42 -40.95 -7.29
N GLY A 893 -8.25 -41.49 -7.01
CA GLY A 893 -7.18 -41.49 -7.98
C GLY A 893 -5.89 -41.96 -7.35
N TRP A 894 -4.78 -41.51 -7.93
CA TRP A 894 -3.46 -41.80 -7.40
C TRP A 894 -2.42 -41.09 -8.26
N VAL A 895 -1.22 -40.95 -7.71
CA VAL A 895 -0.07 -40.50 -8.47
C VAL A 895 1.09 -41.45 -8.19
N LYS A 896 1.72 -41.91 -9.24
CA LYS A 896 2.83 -42.84 -9.10
C LYS A 896 4.16 -42.13 -9.36
N PRO A 897 5.26 -42.65 -8.86
CA PRO A 897 6.56 -42.00 -9.10
C PRO A 897 6.85 -41.87 -10.59
N GLY A 898 7.54 -40.80 -10.94
CA GLY A 898 7.94 -40.60 -12.33
C GLY A 898 6.79 -40.44 -13.29
N THR A 899 5.71 -39.79 -12.84
CA THR A 899 4.57 -39.53 -13.70
C THR A 899 4.00 -38.16 -13.37
N LEU A 900 3.74 -37.37 -14.41
CA LEU A 900 3.20 -36.04 -14.28
C LEU A 900 1.70 -36.10 -14.54
N THR A 901 0.91 -35.78 -13.51
CA THR A 901 -0.54 -35.94 -13.54
C THR A 901 -1.19 -34.57 -13.62
N ALA A 902 -2.12 -34.41 -14.55
CA ALA A 902 -2.82 -33.14 -14.71
C ALA A 902 -4.17 -33.19 -14.01
N LEU A 903 -4.43 -32.18 -13.19
CA LEU A 903 -5.70 -32.05 -12.47
C LEU A 903 -6.44 -30.88 -13.08
N MET A 904 -7.51 -31.16 -13.82
CA MET A 904 -8.17 -30.15 -14.64
C MET A 904 -9.58 -29.94 -14.16
N GLY A 905 -10.15 -28.81 -14.55
CA GLY A 905 -11.51 -28.47 -14.22
C GLY A 905 -11.80 -27.05 -14.65
N ALA A 906 -13.05 -26.64 -14.43
CA ALA A 906 -13.42 -25.26 -14.68
C ALA A 906 -12.98 -24.38 -13.51
N SER A 907 -12.99 -23.07 -13.73
CA SER A 907 -12.69 -22.15 -12.65
C SER A 907 -13.59 -22.47 -11.46
N GLY A 908 -12.96 -22.70 -10.31
CA GLY A 908 -13.66 -23.31 -9.20
C GLY A 908 -13.51 -24.82 -9.27
N ALA A 909 -14.63 -25.53 -9.18
CA ALA A 909 -14.69 -26.98 -9.36
C ALA A 909 -13.82 -27.74 -8.38
N GLY A 910 -13.31 -27.08 -7.35
CA GLY A 910 -12.55 -27.76 -6.32
C GLY A 910 -11.24 -28.34 -6.76
N LYS A 911 -10.50 -27.66 -7.65
CA LYS A 911 -9.16 -28.11 -7.99
C LYS A 911 -8.19 -27.81 -6.86
N THR A 912 -8.02 -26.53 -6.53
CA THR A 912 -7.18 -26.18 -5.39
C THR A 912 -7.74 -26.78 -4.12
N THR A 913 -9.05 -26.97 -4.04
CA THR A 913 -9.64 -27.63 -2.89
C THR A 913 -9.18 -29.08 -2.80
N LEU A 914 -9.15 -29.78 -3.93
CA LEU A 914 -8.66 -31.15 -3.92
C LEU A 914 -7.19 -31.21 -3.54
N LEU A 915 -6.39 -30.27 -4.04
CA LEU A 915 -4.99 -30.26 -3.64
C LEU A 915 -4.84 -30.01 -2.14
N ASP A 916 -5.60 -29.05 -1.60
CA ASP A 916 -5.53 -28.76 -0.18
C ASP A 916 -5.94 -29.96 0.65
N CYS A 917 -6.96 -30.70 0.21
CA CYS A 917 -7.38 -31.88 0.96
C CYS A 917 -6.35 -32.99 0.86
N LEU A 918 -5.84 -33.25 -0.35
CA LEU A 918 -4.85 -34.31 -0.51
C LEU A 918 -3.58 -33.98 0.26
N ALA A 919 -3.16 -32.72 0.24
CA ALA A 919 -1.95 -32.30 0.95
C ALA A 919 -2.18 -32.10 2.43
N GLU A 920 -3.38 -32.39 2.95
CA GLU A 920 -3.70 -32.14 4.34
C GLU A 920 -3.46 -30.68 4.70
N ARG A 921 -3.56 -29.80 3.71
CA ARG A 921 -3.36 -28.37 3.91
C ARG A 921 -4.65 -27.65 4.29
N VAL A 922 -5.79 -28.34 4.24
CA VAL A 922 -7.06 -27.72 4.61
C VAL A 922 -7.31 -27.96 6.10
N THR A 923 -8.02 -27.03 6.71
CA THR A 923 -8.29 -27.06 8.14
C THR A 923 -9.78 -27.25 8.43
N MET A 924 -10.63 -26.37 7.90
CA MET A 924 -12.05 -26.39 8.18
C MET A 924 -12.75 -27.47 7.35
N GLY A 925 -13.97 -27.78 7.76
CA GLY A 925 -14.72 -28.83 7.13
C GLY A 925 -14.27 -30.20 7.62
N VAL A 926 -14.98 -31.22 7.14
CA VAL A 926 -14.70 -32.60 7.49
C VAL A 926 -14.40 -33.37 6.21
N ILE A 927 -13.35 -34.19 6.26
CA ILE A 927 -12.96 -35.02 5.13
C ILE A 927 -13.34 -36.45 5.44
N THR A 928 -13.76 -37.18 4.43
CA THR A 928 -14.07 -38.59 4.58
C THR A 928 -13.47 -39.35 3.40
N GLY A 929 -13.18 -40.63 3.64
CA GLY A 929 -12.55 -41.45 2.64
C GLY A 929 -11.07 -41.63 2.90
N ASP A 930 -10.47 -42.47 2.05
CA ASP A 930 -9.10 -42.90 2.21
C ASP A 930 -8.16 -41.93 1.50
N ILE A 931 -7.09 -41.55 2.18
CA ILE A 931 -5.95 -40.90 1.54
C ILE A 931 -4.72 -41.63 2.02
N LEU A 932 -4.23 -42.55 1.20
CA LEU A 932 -3.27 -43.54 1.63
C LEU A 932 -1.95 -43.28 0.95
N VAL A 933 -0.87 -43.60 1.66
CA VAL A 933 0.48 -43.56 1.11
C VAL A 933 1.02 -44.97 1.13
N ASN A 934 1.40 -45.48 -0.03
CA ASN A 934 1.90 -46.85 -0.14
C ASN A 934 0.95 -47.84 0.52
N GLY A 935 -0.34 -47.57 0.44
CA GLY A 935 -1.34 -48.43 1.03
C GLY A 935 -1.57 -48.24 2.51
N ILE A 936 -0.90 -47.28 3.14
CA ILE A 936 -0.98 -47.06 4.57
C ILE A 936 -1.45 -45.63 4.82
N PRO A 937 -2.26 -45.37 5.85
CA PRO A 937 -2.72 -44.00 6.08
C PRO A 937 -1.56 -43.05 6.30
N ARG A 938 -1.72 -41.83 5.80
CA ARG A 938 -0.65 -40.84 5.93
C ARG A 938 -0.47 -40.46 7.39
N ASP A 939 0.78 -40.47 7.85
CA ASP A 939 1.10 -40.20 9.24
C ASP A 939 1.37 -38.71 9.45
N LYS A 940 1.94 -38.37 10.61
CA LYS A 940 2.17 -36.98 10.96
C LYS A 940 3.38 -36.38 10.26
N SER A 941 4.24 -37.20 9.64
CA SER A 941 5.33 -36.66 8.85
C SER A 941 4.92 -36.34 7.42
N PHE A 942 3.70 -36.72 7.04
CA PHE A 942 3.28 -36.53 5.65
C PHE A 942 3.38 -35.08 5.21
N PRO A 943 2.83 -34.10 5.93
CA PRO A 943 2.91 -32.71 5.45
C PRO A 943 4.32 -32.24 5.19
N ARG A 944 5.31 -32.76 5.90
CA ARG A 944 6.70 -32.46 5.61
C ARG A 944 7.24 -33.27 4.44
N SER A 945 6.74 -34.48 4.24
CA SER A 945 7.31 -35.34 3.21
C SER A 945 6.98 -34.88 1.80
N ILE A 946 5.98 -34.03 1.61
CA ILE A 946 5.54 -33.62 0.28
C ILE A 946 5.98 -32.19 0.03
N GLY A 947 6.01 -31.81 -1.24
CA GLY A 947 6.29 -30.44 -1.64
C GLY A 947 5.07 -29.85 -2.31
N TYR A 948 4.75 -28.61 -1.95
CA TYR A 948 3.54 -27.95 -2.42
C TYR A 948 3.93 -26.57 -2.95
N CYS A 949 3.86 -26.39 -4.26
CA CYS A 949 4.18 -25.12 -4.89
C CYS A 949 2.89 -24.35 -5.12
N GLN A 950 2.73 -23.22 -4.45
CA GLN A 950 1.49 -22.48 -4.49
C GLN A 950 1.42 -21.61 -5.74
N GLN A 951 0.20 -21.20 -6.09
CA GLN A 951 0.02 -20.35 -7.27
C GLN A 951 0.72 -19.02 -7.09
N GLN A 952 0.64 -18.45 -5.90
CA GLN A 952 1.29 -17.16 -5.64
C GLN A 952 2.72 -17.38 -5.19
N ASP A 953 3.65 -16.81 -5.94
CA ASP A 953 5.07 -16.96 -5.68
C ASP A 953 5.51 -15.88 -4.69
N LEU A 954 5.28 -16.17 -3.41
CA LEU A 954 5.58 -15.24 -2.33
C LEU A 954 6.91 -15.62 -1.69
N HIS A 955 7.85 -14.68 -1.71
CA HIS A 955 9.18 -14.91 -1.17
C HIS A 955 9.66 -13.64 -0.48
N LEU A 956 10.48 -13.82 0.56
CA LEU A 956 11.05 -12.67 1.25
C LEU A 956 11.83 -11.84 0.25
N LYS A 957 11.44 -10.58 0.05
CA LYS A 957 11.98 -9.82 -1.06
C LYS A 957 13.46 -9.52 -0.89
N THR A 958 13.92 -9.35 0.35
CA THR A 958 15.31 -8.94 0.57
C THR A 958 16.29 -10.09 0.49
N ALA A 959 15.83 -11.34 0.45
CA ALA A 959 16.74 -12.46 0.33
C ALA A 959 17.14 -12.66 -1.13
N THR A 960 18.13 -13.53 -1.33
CA THR A 960 18.57 -13.90 -2.65
C THR A 960 18.09 -15.31 -2.99
N VAL A 961 18.16 -15.64 -4.28
CA VAL A 961 17.65 -16.93 -4.73
C VAL A 961 18.42 -18.06 -4.06
N ARG A 962 19.75 -17.99 -4.11
CA ARG A 962 20.56 -19.00 -3.44
C ARG A 962 20.28 -19.03 -1.95
N GLU A 963 20.20 -17.86 -1.32
CA GLU A 963 19.93 -17.83 0.10
C GLU A 963 18.56 -18.39 0.42
N SER A 964 17.56 -18.09 -0.39
CA SER A 964 16.23 -18.62 -0.12
C SER A 964 16.20 -20.14 -0.23
N LEU A 965 16.82 -20.67 -1.28
CA LEU A 965 16.86 -22.12 -1.42
C LEU A 965 17.61 -22.77 -0.25
N ARG A 966 18.74 -22.18 0.16
CA ARG A 966 19.50 -22.77 1.25
C ARG A 966 18.75 -22.65 2.57
N PHE A 967 17.97 -21.59 2.74
CA PHE A 967 17.12 -21.47 3.92
C PHE A 967 16.08 -22.58 3.95
N SER A 968 15.44 -22.82 2.80
CA SER A 968 14.44 -23.89 2.75
C SER A 968 15.06 -25.25 3.03
N ALA A 969 16.23 -25.51 2.44
CA ALA A 969 16.86 -26.82 2.63
C ALA A 969 17.23 -27.04 4.09
N TYR A 970 17.79 -26.03 4.74
CA TYR A 970 18.31 -26.23 6.08
C TYR A 970 17.21 -26.61 7.06
N LEU A 971 16.08 -25.94 7.00
CA LEU A 971 15.03 -26.17 7.98
C LEU A 971 14.24 -27.45 7.70
N ARG A 972 14.11 -27.86 6.43
CA ARG A 972 13.18 -28.91 6.06
C ARG A 972 13.85 -30.25 5.77
N GLN A 973 15.07 -30.26 5.25
CA GLN A 973 15.72 -31.52 4.98
C GLN A 973 16.02 -32.23 6.31
N PRO A 974 16.25 -33.53 6.28
CA PRO A 974 16.41 -34.28 7.52
C PRO A 974 17.51 -33.69 8.39
N ALA A 975 17.27 -33.69 9.70
CA ALA A 975 18.19 -33.03 10.62
C ALA A 975 19.60 -33.57 10.49
N GLU A 976 19.75 -34.89 10.31
CA GLU A 976 21.06 -35.52 10.36
C GLU A 976 21.89 -35.29 9.09
N VAL A 977 21.37 -34.55 8.12
CA VAL A 977 22.12 -34.29 6.89
C VAL A 977 23.07 -33.12 7.12
N SER A 978 24.35 -33.35 6.87
CA SER A 978 25.35 -32.31 7.10
C SER A 978 25.12 -31.13 6.16
N ILE A 979 25.46 -29.94 6.63
CA ILE A 979 25.10 -28.71 5.93
C ILE A 979 25.83 -28.61 4.59
N GLU A 980 27.03 -29.17 4.49
CA GLU A 980 27.70 -29.18 3.19
C GLU A 980 26.91 -30.00 2.18
N GLU A 981 26.31 -31.11 2.63
CA GLU A 981 25.48 -31.89 1.72
C GLU A 981 24.22 -31.13 1.33
N LYS A 982 23.63 -30.38 2.27
CA LYS A 982 22.49 -29.56 1.91
C LYS A 982 22.88 -28.51 0.87
N ASN A 983 24.07 -27.94 1.02
CA ASN A 983 24.57 -26.99 0.02
C ASN A 983 24.71 -27.66 -1.34
N ARG A 984 25.28 -28.87 -1.36
CA ARG A 984 25.45 -29.57 -2.63
C ARG A 984 24.11 -29.87 -3.27
N TYR A 985 23.13 -30.27 -2.46
CA TYR A 985 21.81 -30.54 -3.02
C TYR A 985 21.16 -29.27 -3.54
N VAL A 986 21.36 -28.15 -2.85
CA VAL A 986 20.82 -26.89 -3.36
C VAL A 986 21.47 -26.55 -4.69
N GLU A 987 22.76 -26.87 -4.83
CA GLU A 987 23.41 -26.68 -6.13
C GLU A 987 22.81 -27.57 -7.21
N GLU A 988 22.55 -28.84 -6.88
CA GLU A 988 21.88 -29.71 -7.84
C GLU A 988 20.56 -29.10 -8.28
N VAL A 989 19.76 -28.63 -7.33
CA VAL A 989 18.46 -28.08 -7.64
C VAL A 989 18.60 -26.83 -8.50
N ILE A 990 19.55 -25.97 -8.17
CA ILE A 990 19.76 -24.76 -8.97
C ILE A 990 20.12 -25.13 -10.39
N LYS A 991 21.00 -26.11 -10.55
CA LYS A 991 21.39 -26.54 -11.89
C LYS A 991 20.19 -27.07 -12.67
N ILE A 992 19.35 -27.89 -12.02
CA ILE A 992 18.23 -28.48 -12.72
C ILE A 992 17.27 -27.42 -13.22
N LEU A 993 16.99 -26.41 -12.40
CA LEU A 993 16.11 -25.33 -12.81
C LEU A 993 16.81 -24.33 -13.72
N GLU A 994 18.10 -24.51 -13.97
CA GLU A 994 18.84 -23.68 -14.91
C GLU A 994 18.72 -22.20 -14.54
N MET A 995 18.75 -21.92 -13.24
CA MET A 995 18.78 -20.56 -12.73
C MET A 995 20.18 -20.14 -12.33
N GLU A 996 21.20 -20.91 -12.70
CA GLU A 996 22.55 -20.63 -12.25
C GLU A 996 23.02 -19.24 -12.70
N LYS A 997 22.46 -18.70 -13.78
CA LYS A 997 22.90 -17.39 -14.23
C LYS A 997 22.41 -16.27 -13.33
N TYR A 998 21.40 -16.53 -12.49
CA TYR A 998 20.88 -15.55 -11.56
C TYR A 998 20.69 -16.12 -10.17
N ALA A 999 21.45 -17.14 -9.80
CA ALA A 999 21.29 -17.75 -8.48
C ALA A 999 21.56 -16.74 -7.36
N ASP A 1000 22.44 -15.78 -7.60
CA ASP A 1000 22.81 -14.80 -6.58
C ASP A 1000 21.91 -13.57 -6.58
N ALA A 1001 20.97 -13.46 -7.51
CA ALA A 1001 20.14 -12.27 -7.60
C ALA A 1001 19.28 -12.12 -6.34
N VAL A 1002 18.77 -10.91 -6.15
CA VAL A 1002 17.86 -10.62 -5.06
C VAL A 1002 16.43 -10.85 -5.55
N VAL A 1003 15.62 -11.48 -4.71
CA VAL A 1003 14.24 -11.76 -5.11
C VAL A 1003 13.50 -10.46 -5.40
N GLY A 1004 13.57 -9.50 -4.49
CA GLY A 1004 12.95 -8.22 -4.74
C GLY A 1004 11.45 -8.33 -4.93
N VAL A 1005 10.94 -7.59 -5.92
CA VAL A 1005 9.52 -7.56 -6.21
C VAL A 1005 9.31 -7.65 -7.72
N ALA A 1006 8.06 -7.55 -8.16
CA ALA A 1006 7.76 -7.65 -9.58
C ALA A 1006 8.50 -6.58 -10.37
N GLY A 1007 8.35 -5.32 -9.97
CA GLY A 1007 8.93 -4.23 -10.75
C GLY A 1007 10.45 -4.31 -10.85
N GLU A 1008 11.13 -4.62 -9.74
CA GLU A 1008 12.56 -4.77 -9.73
C GLU A 1008 12.92 -6.09 -9.07
N GLY A 1009 13.77 -6.86 -9.73
CA GLY A 1009 14.14 -8.19 -9.26
C GLY A 1009 13.70 -9.27 -10.23
N LEU A 1010 13.37 -10.43 -9.66
CA LEU A 1010 12.96 -11.57 -10.46
C LEU A 1010 11.61 -11.28 -11.11
N ASN A 1011 11.49 -11.65 -12.39
CA ASN A 1011 10.22 -11.56 -13.08
C ASN A 1011 9.36 -12.77 -12.76
N VAL A 1012 8.18 -12.85 -13.39
CA VAL A 1012 7.22 -13.89 -13.04
C VAL A 1012 7.83 -15.27 -13.25
N GLU A 1013 8.50 -15.49 -14.38
CA GLU A 1013 9.05 -16.82 -14.64
C GLU A 1013 10.12 -17.16 -13.62
N GLN A 1014 10.99 -16.21 -13.30
CA GLN A 1014 12.05 -16.50 -12.34
C GLN A 1014 11.47 -16.76 -10.96
N ARG A 1015 10.44 -16.03 -10.57
CA ARG A 1015 9.81 -16.25 -9.27
C ARG A 1015 9.14 -17.62 -9.23
N LYS A 1016 8.51 -18.03 -10.32
CA LYS A 1016 7.91 -19.36 -10.38
C LYS A 1016 8.98 -20.44 -10.27
N ARG A 1017 10.10 -20.27 -10.97
CA ARG A 1017 11.17 -21.25 -10.88
C ARG A 1017 11.74 -21.30 -9.47
N LEU A 1018 11.86 -20.15 -8.81
CA LEU A 1018 12.32 -20.12 -7.43
C LEU A 1018 11.34 -20.84 -6.53
N THR A 1019 10.04 -20.62 -6.75
CA THR A 1019 9.04 -21.31 -5.93
C THR A 1019 9.17 -22.82 -6.08
N ILE A 1020 9.35 -23.29 -7.31
CA ILE A 1020 9.50 -24.74 -7.51
C ILE A 1020 10.77 -25.23 -6.84
N GLY A 1021 11.87 -24.47 -6.98
CA GLY A 1021 13.12 -24.88 -6.38
C GLY A 1021 13.04 -24.97 -4.86
N VAL A 1022 12.33 -24.03 -4.24
CA VAL A 1022 12.24 -24.01 -2.79
C VAL A 1022 11.65 -25.30 -2.26
N GLU A 1023 10.65 -25.85 -2.96
CA GLU A 1023 10.07 -27.14 -2.57
C GLU A 1023 10.94 -28.32 -3.00
N LEU A 1024 11.66 -28.20 -4.11
CA LEU A 1024 12.55 -29.29 -4.51
C LEU A 1024 13.70 -29.45 -3.51
N THR A 1025 14.11 -28.37 -2.87
CA THR A 1025 15.21 -28.44 -1.92
C THR A 1025 14.80 -29.04 -0.58
N ALA A 1026 13.51 -29.13 -0.28
CA ALA A 1026 13.06 -29.82 0.92
C ALA A 1026 13.16 -31.33 0.80
N LYS A 1027 13.64 -31.84 -0.34
CA LYS A 1027 13.67 -33.28 -0.60
C LYS A 1027 12.31 -33.87 -0.28
N PRO A 1028 11.26 -33.49 -1.00
CA PRO A 1028 9.95 -34.08 -0.74
C PRO A 1028 9.95 -35.56 -1.08
N LYS A 1029 9.88 -36.39 -0.03
CA LYS A 1029 10.05 -37.83 -0.23
C LYS A 1029 8.97 -38.41 -1.12
N LEU A 1030 7.80 -37.78 -1.17
CA LEU A 1030 6.63 -38.46 -1.72
C LEU A 1030 6.10 -37.81 -3.00
N LEU A 1031 5.74 -36.54 -2.95
CA LEU A 1031 5.08 -35.88 -4.07
C LEU A 1031 5.64 -34.48 -4.28
N VAL A 1032 5.13 -33.82 -5.31
CA VAL A 1032 5.32 -32.40 -5.52
C VAL A 1032 4.00 -31.85 -6.05
N PHE A 1033 3.25 -31.18 -5.19
CA PHE A 1033 2.00 -30.56 -5.59
C PHE A 1033 2.28 -29.19 -6.17
N LEU A 1034 1.77 -28.94 -7.37
CA LEU A 1034 1.88 -27.64 -8.01
C LEU A 1034 0.48 -27.11 -8.25
N ASP A 1035 0.28 -25.82 -8.01
CA ASP A 1035 -1.03 -25.19 -8.18
C ASP A 1035 -0.94 -24.20 -9.35
N GLU A 1036 -1.42 -24.63 -10.51
CA GLU A 1036 -1.49 -23.78 -11.69
C GLU A 1036 -0.14 -23.10 -11.95
N PRO A 1037 0.93 -23.87 -12.14
CA PRO A 1037 2.22 -23.25 -12.45
C PRO A 1037 2.21 -22.43 -13.73
N THR A 1038 1.40 -22.80 -14.71
CA THR A 1038 1.41 -22.15 -16.02
C THR A 1038 0.40 -21.01 -16.13
N SER A 1039 -0.27 -20.65 -15.03
CA SER A 1039 -1.28 -19.60 -15.07
C SER A 1039 -0.63 -18.24 -14.77
N GLY A 1040 -1.03 -17.24 -15.55
CA GLY A 1040 -0.44 -15.92 -15.45
C GLY A 1040 0.82 -15.73 -16.27
N LEU A 1041 1.32 -16.77 -16.90
CA LEU A 1041 2.49 -16.67 -17.74
C LEU A 1041 2.08 -16.56 -19.20
N ASP A 1042 3.04 -16.25 -20.06
CA ASP A 1042 2.80 -16.32 -21.48
C ASP A 1042 2.81 -17.77 -21.93
N SER A 1043 2.75 -17.99 -23.24
CA SER A 1043 2.78 -19.35 -23.75
C SER A 1043 4.18 -19.94 -23.65
N GLN A 1044 5.21 -19.15 -23.99
CA GLN A 1044 6.55 -19.70 -24.07
C GLN A 1044 7.12 -19.97 -22.69
N THR A 1045 6.89 -19.05 -21.76
CA THR A 1045 7.26 -19.31 -20.38
C THR A 1045 6.46 -20.46 -19.79
N ALA A 1046 5.17 -20.55 -20.13
CA ALA A 1046 4.36 -21.67 -19.67
C ALA A 1046 4.90 -22.98 -20.21
N TRP A 1047 5.28 -23.00 -21.48
CA TRP A 1047 5.85 -24.23 -22.04
C TRP A 1047 7.18 -24.55 -21.39
N SER A 1048 7.97 -23.53 -21.07
CA SER A 1048 9.24 -23.76 -20.37
C SER A 1048 8.99 -24.41 -19.02
N ILE A 1049 8.02 -23.89 -18.27
CA ILE A 1049 7.68 -24.47 -16.97
C ILE A 1049 7.19 -25.89 -17.12
N CYS A 1050 6.37 -26.16 -18.13
CA CYS A 1050 5.87 -27.51 -18.32
C CYS A 1050 7.00 -28.46 -18.70
N GLN A 1051 7.96 -28.00 -19.49
CA GLN A 1051 9.12 -28.83 -19.81
C GLN A 1051 9.94 -29.11 -18.56
N LEU A 1052 10.10 -28.10 -17.70
CA LEU A 1052 10.78 -28.35 -16.43
C LEU A 1052 10.06 -29.41 -15.61
N MET A 1053 8.73 -29.31 -15.55
CA MET A 1053 7.95 -30.29 -14.79
C MET A 1053 8.12 -31.69 -15.36
N LYS A 1054 8.10 -31.81 -16.68
CA LYS A 1054 8.27 -33.12 -17.30
C LYS A 1054 9.68 -33.65 -17.07
N LYS A 1055 10.68 -32.76 -17.08
CA LYS A 1055 12.04 -33.18 -16.78
C LYS A 1055 12.14 -33.70 -15.36
N LEU A 1056 11.51 -33.01 -14.41
CA LEU A 1056 11.50 -33.50 -13.03
C LEU A 1056 10.82 -34.85 -12.94
N ALA A 1057 9.68 -35.01 -13.60
CA ALA A 1057 9.01 -36.31 -13.58
C ALA A 1057 9.92 -37.39 -14.16
N ASN A 1058 10.64 -37.07 -15.23
CA ASN A 1058 11.57 -38.06 -15.79
C ASN A 1058 12.63 -38.46 -14.79
N HIS A 1059 13.14 -37.50 -14.01
CA HIS A 1059 14.10 -37.83 -12.96
C HIS A 1059 13.53 -38.80 -11.95
N GLY A 1060 12.22 -38.75 -11.71
CA GLY A 1060 11.59 -39.69 -10.79
C GLY A 1060 10.53 -39.05 -9.93
N GLN A 1061 10.39 -37.73 -9.97
CA GLN A 1061 9.43 -37.03 -9.14
C GLN A 1061 8.02 -37.45 -9.49
N ALA A 1062 7.15 -37.52 -8.48
CA ALA A 1062 5.73 -37.78 -8.70
C ALA A 1062 4.99 -36.45 -8.59
N ILE A 1063 4.68 -35.84 -9.73
CA ILE A 1063 4.16 -34.48 -9.78
C ILE A 1063 2.67 -34.54 -10.06
N LEU A 1064 1.90 -33.89 -9.19
CA LEU A 1064 0.49 -33.63 -9.41
C LEU A 1064 0.32 -32.12 -9.49
N CYS A 1065 -0.20 -31.63 -10.61
CA CYS A 1065 -0.28 -30.20 -10.81
C CYS A 1065 -1.64 -29.81 -11.39
N THR A 1066 -2.25 -28.80 -10.81
CA THR A 1066 -3.44 -28.21 -11.39
C THR A 1066 -3.06 -27.43 -12.63
N ILE A 1067 -3.92 -27.48 -13.65
CA ILE A 1067 -3.70 -26.80 -14.91
C ILE A 1067 -4.97 -26.01 -15.24
N HIS A 1068 -4.78 -24.85 -15.86
CA HIS A 1068 -5.91 -23.99 -16.24
C HIS A 1068 -5.76 -23.60 -17.71
N GLN A 1069 -6.81 -23.84 -18.49
CA GLN A 1069 -6.86 -23.47 -19.90
C GLN A 1069 -5.54 -23.73 -20.64
N PRO A 1070 -4.99 -24.93 -20.56
CA PRO A 1070 -3.73 -25.22 -21.23
C PRO A 1070 -3.91 -25.36 -22.73
N SER A 1071 -2.88 -24.95 -23.46
CA SER A 1071 -2.86 -25.13 -24.89
C SER A 1071 -2.60 -26.59 -25.24
N ALA A 1072 -3.05 -27.00 -26.42
CA ALA A 1072 -2.99 -28.40 -26.80
C ALA A 1072 -1.57 -28.95 -26.77
N ILE A 1073 -0.56 -28.09 -26.94
CA ILE A 1073 0.81 -28.56 -26.91
C ILE A 1073 1.22 -28.97 -25.51
N LEU A 1074 0.85 -28.16 -24.51
CA LEU A 1074 1.21 -28.51 -23.14
C LEU A 1074 0.59 -29.82 -22.71
N MET A 1075 -0.65 -30.07 -23.13
CA MET A 1075 -1.34 -31.29 -22.74
C MET A 1075 -0.60 -32.53 -23.20
N GLN A 1076 0.26 -32.42 -24.22
CA GLN A 1076 1.04 -33.58 -24.62
C GLN A 1076 2.10 -33.95 -23.60
N GLU A 1077 2.33 -33.11 -22.59
CA GLU A 1077 3.36 -33.39 -21.61
C GLU A 1077 2.87 -34.27 -20.47
N PHE A 1078 1.61 -34.12 -20.07
CA PHE A 1078 1.11 -34.81 -18.90
C PHE A 1078 0.81 -36.28 -19.21
N ASP A 1079 1.10 -37.14 -18.24
CA ASP A 1079 0.85 -38.56 -18.42
C ASP A 1079 -0.62 -38.89 -18.19
N ARG A 1080 -1.20 -38.41 -17.10
CA ARG A 1080 -2.57 -38.75 -16.72
C ARG A 1080 -3.36 -37.46 -16.54
N LEU A 1081 -4.68 -37.59 -16.60
CA LEU A 1081 -5.59 -36.45 -16.49
C LEU A 1081 -6.74 -36.83 -15.59
N LEU A 1082 -6.87 -36.14 -14.47
CA LEU A 1082 -8.03 -36.25 -13.58
C LEU A 1082 -8.90 -35.03 -13.84
N PHE A 1083 -10.05 -35.25 -14.45
CA PHE A 1083 -10.94 -34.19 -14.91
C PHE A 1083 -12.16 -34.13 -14.01
N MET A 1084 -12.48 -32.94 -13.51
CA MET A 1084 -13.51 -32.77 -12.50
C MET A 1084 -14.55 -31.76 -12.95
N GLN A 1085 -15.81 -32.17 -12.94
CA GLN A 1085 -16.93 -31.29 -13.24
C GLN A 1085 -17.25 -30.42 -12.04
N ARG A 1086 -18.04 -29.37 -12.28
CA ARG A 1086 -18.37 -28.41 -11.23
C ARG A 1086 -18.91 -29.14 -10.00
N GLY A 1087 -18.50 -28.68 -8.82
CA GLY A 1087 -18.88 -29.31 -7.59
C GLY A 1087 -17.98 -30.44 -7.15
N GLY A 1088 -16.74 -30.49 -7.64
CA GLY A 1088 -15.82 -31.54 -7.26
C GLY A 1088 -16.32 -32.93 -7.60
N LYS A 1089 -16.78 -33.12 -8.83
CA LYS A 1089 -17.37 -34.37 -9.27
C LYS A 1089 -16.52 -34.93 -10.41
N THR A 1090 -15.70 -35.93 -10.12
CA THR A 1090 -14.77 -36.45 -11.10
C THR A 1090 -15.52 -36.91 -12.35
N VAL A 1091 -14.92 -36.65 -13.51
CA VAL A 1091 -15.54 -36.98 -14.79
C VAL A 1091 -14.62 -37.84 -15.63
N TYR A 1092 -13.33 -37.84 -15.30
CA TYR A 1092 -12.37 -38.65 -16.03
C TYR A 1092 -11.10 -38.81 -15.20
N PHE A 1093 -10.45 -39.97 -15.34
CA PHE A 1093 -9.14 -40.21 -14.74
C PHE A 1093 -8.46 -41.31 -15.53
N GLY A 1094 -7.53 -40.93 -16.40
CA GLY A 1094 -6.86 -41.92 -17.23
C GLY A 1094 -5.69 -41.32 -17.97
N ASP A 1095 -4.96 -42.20 -18.65
CA ASP A 1095 -3.78 -41.81 -19.42
C ASP A 1095 -4.24 -41.22 -20.73
N LEU A 1096 -4.21 -39.89 -20.83
CA LEU A 1096 -4.72 -39.23 -22.03
C LEU A 1096 -3.88 -39.55 -23.26
N GLY A 1097 -2.68 -40.09 -23.08
CA GLY A 1097 -1.94 -40.63 -24.19
C GLY A 1097 -1.51 -39.57 -25.20
N GLU A 1098 -1.18 -40.06 -26.40
CA GLU A 1098 -0.67 -39.19 -27.44
C GLU A 1098 -1.79 -38.31 -27.98
N GLY A 1099 -1.49 -37.02 -28.13
CA GLY A 1099 -2.42 -36.09 -28.75
C GLY A 1099 -3.77 -36.09 -28.09
N CYS A 1100 -3.82 -36.37 -26.79
CA CYS A 1100 -5.07 -36.49 -26.04
C CYS A 1100 -6.04 -37.46 -26.69
N LYS A 1101 -5.53 -38.42 -27.47
CA LYS A 1101 -6.41 -39.33 -28.19
C LYS A 1101 -7.19 -40.21 -27.24
N THR A 1102 -6.56 -40.67 -26.15
CA THR A 1102 -7.29 -41.53 -25.22
C THR A 1102 -8.45 -40.80 -24.59
N MET A 1103 -8.25 -39.55 -24.18
CA MET A 1103 -9.34 -38.78 -23.59
C MET A 1103 -10.43 -38.52 -24.61
N ILE A 1104 -10.04 -38.11 -25.82
CA ILE A 1104 -11.03 -37.84 -26.86
C ILE A 1104 -11.82 -39.11 -27.16
N ASP A 1105 -11.15 -40.26 -27.15
CA ASP A 1105 -11.83 -41.50 -27.49
C ASP A 1105 -12.77 -41.93 -26.38
N TYR A 1106 -12.33 -41.83 -25.14
CA TYR A 1106 -13.23 -42.13 -24.03
C TYR A 1106 -14.49 -41.28 -24.12
N PHE A 1107 -14.33 -40.00 -24.43
CA PHE A 1107 -15.50 -39.12 -24.45
C PHE A 1107 -16.37 -39.37 -25.67
N GLU A 1108 -15.77 -39.52 -26.85
CA GLU A 1108 -16.53 -39.72 -28.07
C GLU A 1108 -17.30 -41.05 -28.03
N SER A 1109 -16.65 -42.11 -27.56
CA SER A 1109 -17.35 -43.39 -27.44
C SER A 1109 -18.56 -43.29 -26.53
N HIS A 1110 -18.59 -42.30 -25.65
CA HIS A 1110 -19.66 -42.14 -24.67
C HIS A 1110 -20.56 -40.95 -25.01
N GLY A 1111 -20.82 -40.74 -26.30
CA GLY A 1111 -21.81 -39.79 -26.74
C GLY A 1111 -21.30 -38.41 -27.06
N ALA A 1112 -20.06 -38.08 -26.69
CA ALA A 1112 -19.54 -36.74 -26.96
C ALA A 1112 -19.40 -36.53 -28.47
N HIS A 1113 -19.76 -35.32 -28.91
CA HIS A 1113 -19.60 -34.97 -30.32
C HIS A 1113 -18.13 -35.00 -30.70
N LYS A 1114 -17.85 -35.42 -31.94
CA LYS A 1114 -16.47 -35.58 -32.37
C LYS A 1114 -15.69 -34.30 -32.20
N CYS A 1115 -14.47 -34.43 -31.69
CA CYS A 1115 -13.58 -33.29 -31.53
C CYS A 1115 -13.05 -32.86 -32.89
N PRO A 1116 -13.14 -31.58 -33.27
CA PRO A 1116 -12.54 -31.15 -34.53
C PRO A 1116 -11.04 -31.42 -34.52
N ALA A 1117 -10.49 -31.70 -35.70
CA ALA A 1117 -9.07 -31.99 -35.82
C ALA A 1117 -8.21 -30.81 -35.41
N ASP A 1118 -8.77 -29.61 -35.32
CA ASP A 1118 -8.05 -28.41 -34.92
C ASP A 1118 -8.63 -27.76 -33.67
N ALA A 1119 -9.32 -28.53 -32.83
CA ALA A 1119 -9.83 -28.01 -31.57
C ALA A 1119 -8.93 -28.40 -30.43
N ASN A 1120 -8.78 -27.48 -29.47
CA ASN A 1120 -7.93 -27.74 -28.32
C ASN A 1120 -8.59 -28.77 -27.42
N PRO A 1121 -7.98 -29.93 -27.18
CA PRO A 1121 -8.69 -30.96 -26.40
C PRO A 1121 -9.13 -30.50 -25.04
N ALA A 1122 -8.36 -29.65 -24.36
CA ALA A 1122 -8.78 -29.17 -23.05
C ALA A 1122 -10.08 -28.38 -23.16
N GLU A 1123 -10.12 -27.38 -24.05
CA GLU A 1123 -11.34 -26.61 -24.24
C GLU A 1123 -12.47 -27.47 -24.77
N TRP A 1124 -12.19 -28.36 -25.71
CA TRP A 1124 -13.24 -29.19 -26.26
C TRP A 1124 -13.88 -30.05 -25.18
N MET A 1125 -13.07 -30.70 -24.34
CA MET A 1125 -13.64 -31.50 -23.28
C MET A 1125 -14.38 -30.64 -22.27
N LEU A 1126 -13.84 -29.48 -21.92
CA LEU A 1126 -14.58 -28.58 -21.04
C LEU A 1126 -15.95 -28.27 -21.62
N GLU A 1127 -16.07 -28.24 -22.94
CA GLU A 1127 -17.37 -28.09 -23.58
C GLU A 1127 -18.19 -29.36 -23.56
N VAL A 1128 -17.54 -30.52 -23.58
CA VAL A 1128 -18.27 -31.79 -23.59
C VAL A 1128 -19.03 -31.97 -22.29
N VAL A 1129 -18.41 -31.65 -21.16
CA VAL A 1129 -19.08 -31.78 -19.87
C VAL A 1129 -19.99 -30.60 -19.59
N GLY A 1130 -19.91 -29.55 -20.39
CA GLY A 1130 -20.79 -28.41 -20.24
C GLY A 1130 -20.33 -27.39 -19.23
N ALA A 1131 -19.11 -27.52 -18.70
CA ALA A 1131 -18.62 -26.55 -17.73
C ALA A 1131 -18.24 -25.22 -18.37
N ALA A 1132 -17.75 -25.23 -19.60
CA ALA A 1132 -17.42 -24.01 -20.31
C ALA A 1132 -18.70 -23.34 -20.81
N PRO A 1133 -18.65 -22.02 -21.07
CA PRO A 1133 -19.85 -21.33 -21.56
C PRO A 1133 -20.46 -22.06 -22.76
N GLY A 1134 -21.70 -21.71 -23.04
CA GLY A 1134 -22.52 -22.57 -23.88
C GLY A 1134 -22.90 -23.78 -23.06
N SER A 1135 -23.41 -23.52 -21.85
CA SER A 1135 -23.58 -24.54 -20.82
C SER A 1135 -24.69 -25.49 -21.21
N HIS A 1136 -24.30 -26.61 -21.80
CA HIS A 1136 -25.20 -27.73 -22.00
C HIS A 1136 -24.37 -28.94 -22.42
N ALA A 1137 -24.69 -30.09 -21.82
CA ALA A 1137 -23.96 -31.32 -22.06
C ALA A 1137 -24.92 -32.39 -22.55
N ASN A 1138 -24.40 -33.29 -23.39
CA ASN A 1138 -25.23 -34.34 -23.94
C ASN A 1138 -25.74 -35.28 -22.86
N GLN A 1139 -25.14 -35.27 -21.68
CA GLN A 1139 -25.59 -36.06 -20.55
C GLN A 1139 -24.70 -35.74 -19.36
N ASP A 1140 -25.16 -36.12 -18.18
CA ASP A 1140 -24.35 -35.94 -16.97
C ASP A 1140 -23.17 -36.89 -17.05
N TYR A 1141 -22.00 -36.36 -17.38
CA TYR A 1141 -20.84 -37.21 -17.62
C TYR A 1141 -20.24 -37.74 -16.33
N TYR A 1142 -20.58 -37.13 -15.19
CA TYR A 1142 -20.21 -37.73 -13.90
C TYR A 1142 -20.79 -39.14 -13.78
N GLU A 1143 -22.07 -39.29 -14.11
CA GLU A 1143 -22.70 -40.60 -14.06
C GLU A 1143 -22.14 -41.53 -15.12
N VAL A 1144 -21.80 -41.01 -16.30
CA VAL A 1144 -21.16 -41.82 -17.32
C VAL A 1144 -19.86 -42.40 -16.78
N TRP A 1145 -19.08 -41.57 -16.10
CA TRP A 1145 -17.85 -42.05 -15.47
C TRP A 1145 -18.17 -43.10 -14.43
N ARG A 1146 -19.09 -42.79 -13.51
CA ARG A 1146 -19.41 -43.72 -12.44
C ARG A 1146 -19.90 -45.06 -12.96
N ASN A 1147 -20.40 -45.11 -14.19
CA ASN A 1147 -20.83 -46.36 -14.80
C ASN A 1147 -19.96 -46.75 -15.99
N SER A 1148 -18.74 -46.25 -16.06
CA SER A 1148 -17.84 -46.53 -17.18
C SER A 1148 -16.99 -47.75 -16.90
N GLU A 1149 -16.34 -48.25 -17.95
CA GLU A 1149 -15.35 -49.31 -17.79
C GLU A 1149 -14.04 -48.79 -17.24
N GLU A 1150 -13.68 -47.55 -17.58
CA GLU A 1150 -12.50 -46.94 -16.97
C GLU A 1150 -12.67 -46.86 -15.45
N TYR A 1151 -13.90 -46.65 -15.00
CA TYR A 1151 -14.15 -46.56 -13.56
C TYR A 1151 -13.88 -47.88 -12.86
N ARG A 1152 -14.36 -48.99 -13.43
CA ARG A 1152 -14.10 -50.28 -12.82
C ARG A 1152 -12.63 -50.64 -12.90
N ALA A 1153 -11.95 -50.26 -13.99
CA ALA A 1153 -10.51 -50.47 -14.06
C ALA A 1153 -9.79 -49.70 -12.97
N VAL A 1154 -10.17 -48.44 -12.75
CA VAL A 1154 -9.59 -47.65 -11.67
C VAL A 1154 -9.84 -48.32 -10.32
N GLN A 1155 -11.06 -48.85 -10.13
CA GLN A 1155 -11.36 -49.51 -8.87
C GLN A 1155 -10.49 -50.75 -8.66
N SER A 1156 -10.27 -51.54 -9.71
CA SER A 1156 -9.41 -52.70 -9.57
C SER A 1156 -7.98 -52.28 -9.21
N GLU A 1157 -7.47 -51.27 -9.91
CA GLU A 1157 -6.12 -50.79 -9.61
C GLU A 1157 -6.04 -50.27 -8.19
N LEU A 1158 -7.10 -49.62 -7.72
CA LEU A 1158 -7.12 -49.09 -6.36
C LEU A 1158 -7.15 -50.21 -5.34
N ASP A 1159 -7.89 -51.28 -5.61
CA ASP A 1159 -7.85 -52.46 -4.74
C ASP A 1159 -6.44 -53.01 -4.64
N TRP A 1160 -5.78 -53.15 -5.79
CA TRP A 1160 -4.42 -53.70 -5.77
C TRP A 1160 -3.47 -52.77 -5.02
N MET A 1161 -3.68 -51.46 -5.14
CA MET A 1161 -2.87 -50.52 -4.37
C MET A 1161 -3.14 -50.63 -2.88
N GLU A 1162 -4.39 -50.91 -2.51
CA GLU A 1162 -4.70 -51.17 -1.11
C GLU A 1162 -4.02 -52.40 -0.58
N ARG A 1163 -3.87 -53.44 -1.39
CA ARG A 1163 -3.23 -54.66 -0.92
C ARG A 1163 -1.73 -54.73 -1.20
N GLU A 1164 -1.15 -53.74 -1.86
CA GLU A 1164 0.30 -53.77 -2.08
C GLU A 1164 1.10 -53.18 -0.93
N LEU A 1165 0.48 -52.97 0.23
CA LEU A 1165 1.14 -52.21 1.30
C LEU A 1165 2.48 -52.81 1.70
N PRO A 1166 2.70 -54.14 1.63
CA PRO A 1166 4.08 -54.53 1.94
C PRO A 1166 5.05 -54.10 0.85
N HIS A 1178 7.55 -35.59 16.09
CA HIS A 1178 8.41 -35.18 14.99
C HIS A 1178 7.63 -34.38 13.95
N GLU A 1179 6.91 -33.36 14.40
CA GLU A 1179 6.14 -32.52 13.49
C GLU A 1179 7.03 -31.58 12.70
N PHE A 1180 8.21 -31.25 13.23
CA PHE A 1180 9.16 -30.36 12.55
C PHE A 1180 10.50 -31.07 12.43
N SER A 1181 11.23 -30.76 11.36
CA SER A 1181 12.48 -31.45 11.10
C SER A 1181 13.54 -31.07 12.14
N GLN A 1182 13.92 -29.79 12.18
CA GLN A 1182 14.91 -29.32 13.12
C GLN A 1182 14.27 -28.88 14.43
N SER A 1183 15.05 -28.91 15.49
CA SER A 1183 14.55 -28.48 16.78
C SER A 1183 14.13 -27.01 16.71
N ILE A 1184 13.49 -26.53 17.77
CA ILE A 1184 13.04 -25.15 17.79
C ILE A 1184 14.22 -24.19 17.89
N ILE A 1185 15.29 -24.60 18.56
CA ILE A 1185 16.44 -23.71 18.72
C ILE A 1185 17.07 -23.42 17.36
N TYR A 1186 17.27 -24.45 16.55
CA TYR A 1186 17.87 -24.26 15.25
C TYR A 1186 16.97 -23.43 14.34
N GLN A 1187 15.66 -23.68 14.39
CA GLN A 1187 14.74 -22.88 13.60
C GLN A 1187 14.81 -21.43 14.00
N THR A 1188 14.85 -21.15 15.31
CA THR A 1188 14.95 -19.77 15.77
C THR A 1188 16.25 -19.13 15.30
N LYS A 1189 17.36 -19.87 15.37
CA LYS A 1189 18.63 -19.36 14.87
C LYS A 1189 18.51 -18.94 13.40
N LEU A 1190 18.01 -19.84 12.56
CA LEU A 1190 17.91 -19.54 11.14
C LEU A 1190 16.96 -18.38 10.87
N VAL A 1191 15.79 -18.39 11.52
CA VAL A 1191 14.80 -17.36 11.25
C VAL A 1191 15.30 -15.99 11.71
N SER A 1192 15.94 -15.93 12.88
CA SER A 1192 16.45 -14.67 13.37
C SER A 1192 17.61 -14.18 12.51
N ILE A 1193 18.44 -15.09 12.00
CA ILE A 1193 19.50 -14.67 11.09
C ILE A 1193 18.90 -14.06 9.83
N ARG A 1194 17.88 -14.72 9.27
CA ARG A 1194 17.25 -14.16 8.07
C ARG A 1194 16.57 -12.84 8.34
N LEU A 1195 15.95 -12.69 9.51
CA LEU A 1195 15.32 -11.42 9.84
C LEU A 1195 16.35 -10.32 10.01
N PHE A 1196 17.51 -10.63 10.61
CA PHE A 1196 18.60 -9.67 10.68
C PHE A 1196 19.02 -9.26 9.28
N GLN A 1197 19.21 -10.23 8.40
CA GLN A 1197 19.56 -9.93 7.01
C GLN A 1197 18.47 -9.16 6.29
N GLN A 1198 17.24 -9.21 6.78
CA GLN A 1198 16.18 -8.35 6.26
C GLN A 1198 16.28 -6.92 6.78
N TYR A 1199 16.55 -6.72 8.06
CA TYR A 1199 16.71 -5.37 8.57
C TYR A 1199 17.88 -4.69 7.87
N TRP A 1200 19.08 -5.21 8.06
CA TRP A 1200 20.12 -5.03 7.07
C TRP A 1200 19.53 -5.35 5.70
N ARG A 1201 19.93 -4.60 4.68
CA ARG A 1201 19.35 -4.69 3.33
C ARG A 1201 17.96 -4.06 3.26
N SER A 1202 17.46 -3.49 4.34
CA SER A 1202 16.25 -2.68 4.33
C SER A 1202 16.64 -1.27 4.74
N PRO A 1203 17.54 -0.64 4.01
CA PRO A 1203 18.10 0.64 4.46
C PRO A 1203 17.06 1.70 4.69
N ASP A 1204 15.99 1.72 3.88
CA ASP A 1204 14.99 2.77 4.08
C ASP A 1204 14.40 2.72 5.48
N TYR A 1205 14.05 1.53 5.96
CA TYR A 1205 13.44 1.43 7.28
C TYR A 1205 14.39 1.86 8.38
N LEU A 1206 15.60 1.29 8.41
CA LEU A 1206 16.50 1.57 9.52
C LEU A 1206 17.00 3.01 9.47
N TRP A 1207 17.26 3.52 8.26
CA TRP A 1207 17.70 4.90 8.17
C TRP A 1207 16.58 5.86 8.51
N SER A 1208 15.34 5.56 8.13
CA SER A 1208 14.23 6.38 8.60
C SER A 1208 14.16 6.38 10.12
N LYS A 1209 14.24 5.20 10.73
CA LYS A 1209 14.21 5.12 12.18
C LYS A 1209 15.32 5.95 12.80
N PHE A 1210 16.54 5.80 12.33
CA PHE A 1210 17.67 6.44 13.01
C PHE A 1210 17.76 7.92 12.71
N ILE A 1211 17.40 8.34 11.49
CA ILE A 1211 17.37 9.77 11.21
C ILE A 1211 16.23 10.43 11.96
N LEU A 1212 15.09 9.77 12.09
CA LEU A 1212 14.02 10.33 12.90
C LEU A 1212 14.44 10.46 14.34
N THR A 1213 15.04 9.41 14.91
CA THR A 1213 15.55 9.51 16.28
C THR A 1213 16.53 10.66 16.42
N ILE A 1214 17.53 10.71 15.54
CA ILE A 1214 18.56 11.73 15.66
C ILE A 1214 17.94 13.11 15.59
N PHE A 1215 17.13 13.37 14.56
CA PHE A 1215 16.58 14.70 14.39
C PHE A 1215 15.66 15.06 15.56
N ASN A 1216 14.71 14.19 15.89
CA ASN A 1216 13.77 14.52 16.96
C ASN A 1216 14.50 14.79 18.26
N GLN A 1217 15.33 13.86 18.72
CA GLN A 1217 15.93 14.04 20.03
C GLN A 1217 16.94 15.17 20.04
N LEU A 1218 17.66 15.38 18.94
CA LEU A 1218 18.58 16.50 18.87
C LEU A 1218 17.81 17.82 18.92
N PHE A 1219 16.68 17.89 18.24
CA PHE A 1219 15.86 19.09 18.25
C PHE A 1219 15.32 19.36 19.64
N ILE A 1220 14.87 18.32 20.34
CA ILE A 1220 14.44 18.50 21.73
C ILE A 1220 15.61 19.01 22.58
N GLY A 1221 16.74 18.33 22.49
CA GLY A 1221 17.87 18.65 23.35
C GLY A 1221 18.41 20.04 23.14
N PHE A 1222 18.36 20.52 21.90
CA PHE A 1222 18.91 21.85 21.61
C PHE A 1222 17.85 22.93 21.61
N THR A 1223 16.57 22.57 21.70
CA THR A 1223 15.56 23.58 21.96
C THR A 1223 15.57 23.98 23.43
N PHE A 1224 15.88 23.04 24.30
CA PHE A 1224 16.01 23.28 25.74
C PHE A 1224 17.47 23.30 26.18
N PHE A 1225 18.34 23.84 25.35
CA PHE A 1225 19.77 23.79 25.63
C PHE A 1225 20.05 24.40 26.99
N LYS A 1226 20.60 23.60 27.89
CA LYS A 1226 20.91 24.04 29.24
C LYS A 1226 19.78 24.88 29.82
N ALA A 1227 18.61 24.25 29.95
CA ALA A 1227 17.42 24.99 30.35
C ALA A 1227 17.62 25.69 31.68
N GLY A 1228 18.53 25.20 32.51
CA GLY A 1228 18.77 25.82 33.80
C GLY A 1228 17.77 25.34 34.83
N THR A 1229 17.84 25.87 36.04
CA THR A 1229 16.98 25.43 37.14
C THR A 1229 16.01 26.50 37.59
N SER A 1230 15.67 27.46 36.74
CA SER A 1230 14.62 28.40 37.08
C SER A 1230 13.28 27.68 37.20
N LEU A 1231 12.38 28.27 37.99
CA LEU A 1231 11.08 27.65 38.20
C LEU A 1231 10.40 27.31 36.87
N GLN A 1232 10.52 28.19 35.89
CA GLN A 1232 10.03 27.86 34.56
C GLN A 1232 10.94 26.87 33.87
N GLY A 1233 12.25 26.98 34.12
CA GLY A 1233 13.18 26.03 33.51
C GLY A 1233 12.88 24.61 33.92
N LEU A 1234 12.46 24.41 35.15
CA LEU A 1234 12.16 23.05 35.61
C LEU A 1234 10.97 22.47 34.85
N GLN A 1235 9.89 23.24 34.69
CA GLN A 1235 8.75 22.68 33.98
C GLN A 1235 9.02 22.62 32.49
N ASN A 1236 9.91 23.50 31.99
CA ASN A 1236 10.35 23.34 30.60
C ASN A 1236 11.09 22.03 30.41
N GLN A 1237 11.95 21.65 31.36
CA GLN A 1237 12.64 20.37 31.25
C GLN A 1237 11.66 19.21 31.41
N MET A 1238 10.65 19.36 32.26
CA MET A 1238 9.62 18.34 32.34
C MET A 1238 8.93 18.16 31.00
N LEU A 1239 8.59 19.26 30.34
CA LEU A 1239 7.96 19.18 29.03
C LEU A 1239 8.92 18.65 27.98
N ALA A 1240 10.21 18.86 28.16
CA ALA A 1240 11.20 18.27 27.26
C ALA A 1240 11.22 16.76 27.39
N VAL A 1241 11.20 16.25 28.62
CA VAL A 1241 11.08 14.82 28.83
C VAL A 1241 9.77 14.32 28.24
N PHE A 1242 8.71 15.12 28.35
CA PHE A 1242 7.43 14.76 27.77
C PHE A 1242 7.53 14.60 26.26
N MET A 1243 8.14 15.58 25.60
CA MET A 1243 8.30 15.52 24.14
C MET A 1243 9.25 14.43 23.70
N PHE A 1244 10.18 14.02 24.56
CA PHE A 1244 11.04 12.90 24.23
C PHE A 1244 10.22 11.66 23.88
N THR A 1245 9.03 11.53 24.47
CA THR A 1245 8.25 10.31 24.29
C THR A 1245 7.41 10.35 23.03
N VAL A 1246 7.06 11.53 22.53
CA VAL A 1246 6.15 11.62 21.39
C VAL A 1246 6.71 11.02 20.11
N ILE A 1247 7.98 10.62 20.11
CA ILE A 1247 8.53 9.89 18.97
C ILE A 1247 7.92 8.50 18.84
N PHE A 1248 7.15 8.06 19.85
CA PHE A 1248 6.61 6.72 19.88
C PHE A 1248 5.93 6.35 18.56
N ASN A 1249 4.94 7.14 18.16
CA ASN A 1249 4.10 6.72 17.02
C ASN A 1249 4.90 6.48 15.75
N PRO A 1250 5.71 7.42 15.25
CA PRO A 1250 6.40 7.15 13.99
C PRO A 1250 7.35 5.96 14.02
N ILE A 1251 8.06 5.72 15.11
CA ILE A 1251 9.01 4.61 15.09
C ILE A 1251 8.29 3.29 15.29
N LEU A 1252 7.07 3.30 15.82
CA LEU A 1252 6.25 2.10 15.83
C LEU A 1252 5.70 1.82 14.44
N GLN A 1253 5.23 2.87 13.75
CA GLN A 1253 4.66 2.70 12.43
C GLN A 1253 5.71 2.31 11.41
N GLN A 1254 6.96 2.74 11.62
CA GLN A 1254 8.03 2.28 10.74
C GLN A 1254 8.27 0.79 10.91
N TYR A 1255 8.19 0.30 12.16
CA TYR A 1255 8.48 -1.09 12.41
C TYR A 1255 7.38 -2.01 11.91
N LEU A 1256 6.12 -1.60 12.07
CA LEU A 1256 5.01 -2.49 11.75
C LEU A 1256 5.09 -3.08 10.36
N PRO A 1257 5.39 -2.34 9.30
CA PRO A 1257 5.48 -2.95 7.97
C PRO A 1257 6.45 -4.10 7.88
N SER A 1258 7.59 -4.03 8.57
CA SER A 1258 8.53 -5.15 8.53
C SER A 1258 7.92 -6.40 9.15
N PHE A 1259 7.23 -6.24 10.28
CA PHE A 1259 6.58 -7.38 10.90
C PHE A 1259 5.51 -7.96 9.99
N VAL A 1260 4.74 -7.09 9.33
CA VAL A 1260 3.69 -7.57 8.44
C VAL A 1260 4.30 -8.32 7.26
N GLN A 1261 5.42 -7.84 6.74
CA GLN A 1261 6.09 -8.51 5.64
C GLN A 1261 6.56 -9.89 6.06
N GLN A 1262 7.17 -9.99 7.24
CA GLN A 1262 7.58 -11.29 7.76
C GLN A 1262 6.38 -12.20 8.00
N ARG A 1263 5.30 -11.64 8.53
CA ARG A 1263 4.15 -12.43 8.97
C ARG A 1263 3.37 -12.97 7.79
N ASP A 1264 3.24 -12.18 6.73
CA ASP A 1264 2.55 -12.66 5.55
C ASP A 1264 3.27 -13.88 4.97
N LEU A 1265 4.58 -13.76 4.76
CA LEU A 1265 5.34 -14.89 4.25
C LEU A 1265 5.20 -16.09 5.16
N TYR A 1266 5.36 -15.90 6.47
CA TYR A 1266 5.22 -17.03 7.38
C TYR A 1266 3.87 -17.69 7.22
N GLU A 1267 2.80 -16.97 7.55
CA GLU A 1267 1.49 -17.58 7.60
C GLU A 1267 1.07 -18.16 6.26
N ALA A 1268 1.63 -17.66 5.17
CA ALA A 1268 1.17 -18.08 3.86
C ALA A 1268 1.98 -19.21 3.25
N ARG A 1269 3.26 -19.36 3.59
CA ARG A 1269 4.03 -20.46 3.01
C ARG A 1269 4.76 -21.29 4.06
N GLU A 1270 5.30 -20.64 5.09
CA GLU A 1270 6.19 -21.35 6.02
C GLU A 1270 5.40 -22.17 7.02
N ARG A 1271 4.22 -21.70 7.41
CA ARG A 1271 3.42 -22.45 8.39
C ARG A 1271 2.80 -23.69 7.79
N PRO A 1272 2.01 -23.61 6.71
CA PRO A 1272 1.45 -24.84 6.16
C PRO A 1272 2.50 -25.84 5.73
N SER A 1273 3.64 -25.38 5.22
CA SER A 1273 4.70 -26.27 4.80
C SER A 1273 5.40 -26.94 5.96
N ARG A 1274 5.12 -26.54 7.19
CA ARG A 1274 5.84 -27.04 8.36
C ARG A 1274 7.32 -26.73 8.26
N THR A 1275 7.64 -25.55 7.75
CA THR A 1275 9.04 -25.12 7.70
C THR A 1275 9.57 -24.85 9.10
N PHE A 1276 8.84 -24.07 9.90
CA PHE A 1276 9.23 -23.82 11.28
C PHE A 1276 7.97 -23.46 12.07
N SER A 1277 8.08 -23.56 13.38
CA SER A 1277 6.94 -23.34 14.25
C SER A 1277 6.75 -21.86 14.52
N TRP A 1278 5.51 -21.49 14.84
CA TRP A 1278 5.21 -20.10 15.17
C TRP A 1278 6.09 -19.60 16.30
N ILE A 1279 6.53 -20.50 17.20
CA ILE A 1279 7.40 -20.09 18.28
C ILE A 1279 8.66 -19.44 17.74
N SER A 1280 9.29 -20.09 16.75
CA SER A 1280 10.48 -19.53 16.15
C SER A 1280 10.19 -18.21 15.47
N PHE A 1281 9.06 -18.12 14.78
CA PHE A 1281 8.68 -16.87 14.12
C PHE A 1281 8.64 -15.72 15.11
N ILE A 1282 7.87 -15.88 16.19
CA ILE A 1282 7.68 -14.77 17.12
C ILE A 1282 8.97 -14.47 17.88
N PHE A 1283 9.71 -15.51 18.29
CA PHE A 1283 10.95 -15.25 18.99
C PHE A 1283 11.93 -14.51 18.10
N ALA A 1284 11.96 -14.82 16.80
CA ALA A 1284 12.79 -14.04 15.90
C ALA A 1284 12.31 -12.60 15.84
N GLN A 1285 10.99 -12.40 15.72
CA GLN A 1285 10.47 -11.04 15.63
C GLN A 1285 10.91 -10.20 16.82
N ILE A 1286 10.93 -10.80 18.01
CA ILE A 1286 11.34 -10.06 19.20
C ILE A 1286 12.85 -9.85 19.22
N PHE A 1287 13.61 -10.94 19.06
CA PHE A 1287 15.05 -10.92 19.28
C PHE A 1287 15.76 -10.06 18.25
N VAL A 1288 15.24 -9.94 17.05
CA VAL A 1288 15.89 -9.10 16.05
C VAL A 1288 15.52 -7.64 16.23
N GLU A 1289 14.26 -7.36 16.60
CA GLU A 1289 13.86 -5.98 16.77
C GLU A 1289 14.54 -5.33 17.97
N VAL A 1290 14.80 -6.09 19.04
CA VAL A 1290 15.34 -5.47 20.26
C VAL A 1290 16.69 -4.79 20.03
N PRO A 1291 17.70 -5.46 19.47
CA PRO A 1291 19.03 -4.81 19.37
C PRO A 1291 19.03 -3.46 18.66
N TRP A 1292 18.29 -3.33 17.57
CA TRP A 1292 18.26 -2.05 16.87
C TRP A 1292 17.61 -0.98 17.71
N ASN A 1293 16.56 -1.33 18.46
CA ASN A 1293 15.96 -0.38 19.37
C ASN A 1293 16.94 0.04 20.45
N ILE A 1294 17.76 -0.88 20.93
CA ILE A 1294 18.77 -0.53 21.93
C ILE A 1294 19.80 0.42 21.34
N LEU A 1295 20.23 0.17 20.10
CA LEU A 1295 21.18 1.09 19.46
C LEU A 1295 20.56 2.47 19.28
N ALA A 1296 19.31 2.53 18.83
CA ALA A 1296 18.65 3.81 18.67
C ALA A 1296 18.52 4.52 20.01
N GLY A 1297 18.22 3.77 21.06
CA GLY A 1297 18.17 4.37 22.38
C GLY A 1297 19.49 4.94 22.82
N THR A 1298 20.59 4.24 22.52
CA THR A 1298 21.91 4.76 22.85
C THR A 1298 22.18 6.07 22.13
N ILE A 1299 21.86 6.13 20.84
CA ILE A 1299 22.05 7.37 20.09
C ILE A 1299 21.20 8.49 20.67
N ALA A 1300 19.93 8.20 20.96
CA ALA A 1300 19.04 9.19 21.52
C ALA A 1300 19.54 9.70 22.86
N TYR A 1301 20.04 8.81 23.70
CA TYR A 1301 20.62 9.25 24.97
C TYR A 1301 21.80 10.17 24.73
N PHE A 1302 22.74 9.76 23.88
CA PHE A 1302 23.95 10.56 23.71
C PHE A 1302 23.63 11.94 23.17
N ILE A 1303 22.61 12.06 22.31
CA ILE A 1303 22.31 13.36 21.70
C ILE A 1303 21.22 14.14 22.42
N TYR A 1304 20.68 13.63 23.53
CA TYR A 1304 19.61 14.30 24.25
C TYR A 1304 20.01 14.61 25.69
N TYR A 1305 20.62 13.65 26.39
CA TYR A 1305 20.98 13.85 27.78
C TYR A 1305 21.98 14.97 27.93
N TYR A 1306 23.00 15.01 27.07
CA TYR A 1306 24.07 15.99 27.26
C TYR A 1306 23.71 17.37 26.73
N PRO A 1307 23.17 17.52 25.51
CA PRO A 1307 22.82 18.87 25.05
C PRO A 1307 21.92 19.62 25.99
N ILE A 1308 20.94 18.93 26.61
CA ILE A 1308 19.97 19.62 27.44
C ILE A 1308 20.50 19.95 28.83
N GLY A 1309 21.56 19.29 29.27
CA GLY A 1309 22.26 19.69 30.47
C GLY A 1309 22.02 18.86 31.70
N PHE A 1310 21.31 17.74 31.59
CA PHE A 1310 21.11 16.88 32.76
C PHE A 1310 22.46 16.42 33.32
N TYR A 1311 23.48 16.34 32.48
CA TYR A 1311 24.79 15.90 32.96
C TYR A 1311 25.37 16.88 33.97
N SER A 1312 25.19 18.19 33.74
CA SER A 1312 25.71 19.16 34.70
C SER A 1312 24.97 19.06 36.03
N ASN A 1313 23.65 18.81 35.99
CA ASN A 1313 22.90 18.61 37.23
C ASN A 1313 23.39 17.39 37.98
N ALA A 1314 23.68 16.30 37.26
CA ALA A 1314 24.18 15.11 37.93
C ALA A 1314 25.59 15.34 38.47
N SER A 1315 26.40 16.10 37.76
CA SER A 1315 27.76 16.37 38.24
C SER A 1315 27.74 17.25 39.48
N ALA A 1316 26.86 18.26 39.50
CA ALA A 1316 26.77 19.12 40.67
C ALA A 1316 26.44 18.33 41.92
N ALA A 1317 25.74 17.20 41.77
CA ALA A 1317 25.36 16.37 42.91
C ALA A 1317 26.36 15.27 43.21
N GLY A 1318 27.49 15.22 42.52
CA GLY A 1318 28.43 14.13 42.70
C GLY A 1318 27.88 12.79 42.26
N GLN A 1319 27.06 12.78 41.20
CA GLN A 1319 26.41 11.57 40.74
C GLN A 1319 26.46 11.43 39.22
N LEU A 1320 27.54 11.88 38.58
CA LEU A 1320 27.55 11.92 37.13
C LEU A 1320 27.36 10.54 36.52
N HIS A 1321 28.18 9.58 36.94
CA HIS A 1321 28.20 8.29 36.26
C HIS A 1321 26.90 7.53 36.48
N GLU A 1322 26.43 7.44 37.73
CA GLU A 1322 25.23 6.67 38.00
C GLU A 1322 24.03 7.25 37.25
N ARG A 1323 23.83 8.56 37.33
CA ARG A 1323 22.65 9.15 36.70
C ARG A 1323 22.75 9.10 35.19
N GLY A 1324 23.94 9.30 34.64
CA GLY A 1324 24.10 9.14 33.20
C GLY A 1324 23.77 7.72 32.75
N ALA A 1325 24.29 6.73 33.47
CA ALA A 1325 24.03 5.35 33.12
C ALA A 1325 22.54 5.05 33.21
N LEU A 1326 21.87 5.55 34.24
CA LEU A 1326 20.45 5.26 34.39
C LEU A 1326 19.61 5.96 33.34
N PHE A 1327 19.99 7.16 32.93
CA PHE A 1327 19.29 7.83 31.84
C PHE A 1327 19.48 7.06 30.54
N TRP A 1328 20.68 6.53 30.30
CA TRP A 1328 20.89 5.69 29.12
C TRP A 1328 20.01 4.44 29.19
N LEU A 1329 19.93 3.84 30.38
CA LEU A 1329 19.07 2.68 30.53
C LEU A 1329 17.62 3.03 30.22
N PHE A 1330 17.15 4.19 30.67
CA PHE A 1330 15.78 4.58 30.38
C PHE A 1330 15.56 4.83 28.90
N SER A 1331 16.53 5.46 28.22
CA SER A 1331 16.33 5.69 26.79
C SER A 1331 16.25 4.37 26.03
N CYS A 1332 17.19 3.45 26.32
CA CYS A 1332 17.15 2.15 25.67
C CYS A 1332 15.87 1.40 26.01
N ALA A 1333 15.45 1.46 27.28
CA ALA A 1333 14.22 0.80 27.69
C ALA A 1333 13.02 1.40 26.98
N PHE A 1334 13.01 2.72 26.78
CA PHE A 1334 11.88 3.35 26.09
C PHE A 1334 11.81 2.87 24.65
N TYR A 1335 12.94 2.79 23.97
CA TYR A 1335 12.89 2.34 22.58
C TYR A 1335 12.49 0.86 22.50
N VAL A 1336 13.03 0.04 23.39
CA VAL A 1336 12.62 -1.35 23.43
C VAL A 1336 11.13 -1.45 23.72
N TYR A 1337 10.62 -0.55 24.55
CA TYR A 1337 9.20 -0.57 24.90
C TYR A 1337 8.34 -0.20 23.71
N VAL A 1338 8.79 0.78 22.92
CA VAL A 1338 8.04 1.13 21.71
C VAL A 1338 8.00 -0.08 20.77
N GLY A 1339 9.12 -0.75 20.61
CA GLY A 1339 9.13 -1.97 19.82
C GLY A 1339 8.17 -3.01 20.36
N SER A 1340 8.15 -3.19 21.67
CA SER A 1340 7.28 -4.19 22.28
C SER A 1340 5.82 -3.84 22.11
N MET A 1341 5.47 -2.56 22.22
CA MET A 1341 4.09 -2.16 21.97
C MET A 1341 3.71 -2.40 20.52
N GLY A 1342 4.62 -2.10 19.59
CA GLY A 1342 4.34 -2.43 18.20
C GLY A 1342 4.06 -3.89 18.00
N LEU A 1343 4.89 -4.74 18.60
CA LEU A 1343 4.67 -6.19 18.50
C LEU A 1343 3.32 -6.57 19.10
N LEU A 1344 2.99 -6.03 20.28
CA LEU A 1344 1.74 -6.37 20.92
C LEU A 1344 0.56 -6.03 20.02
N VAL A 1345 0.54 -4.82 19.47
CA VAL A 1345 -0.62 -4.41 18.69
C VAL A 1345 -0.70 -5.18 17.39
N ILE A 1346 0.43 -5.43 16.72
CA ILE A 1346 0.40 -6.16 15.46
C ILE A 1346 0.18 -7.66 15.65
N SER A 1347 0.29 -8.15 16.89
CA SER A 1347 0.20 -9.59 17.11
C SER A 1347 -1.17 -10.15 16.78
N PHE A 1348 -2.21 -9.32 16.76
CA PHE A 1348 -3.55 -9.80 16.42
C PHE A 1348 -4.25 -8.96 15.37
N ASN A 1349 -3.79 -7.75 15.09
CA ASN A 1349 -4.37 -6.95 14.02
C ASN A 1349 -3.95 -7.49 12.67
N GLN A 1350 -4.91 -7.65 11.78
CA GLN A 1350 -4.61 -8.19 10.45
C GLN A 1350 -3.79 -7.20 9.64
N VAL A 1351 -4.21 -5.94 9.60
CA VAL A 1351 -3.56 -4.92 8.79
C VAL A 1351 -2.73 -4.02 9.71
N ALA A 1352 -1.71 -3.40 9.11
CA ALA A 1352 -0.80 -2.55 9.90
C ALA A 1352 -1.46 -1.25 10.30
N GLU A 1353 -2.35 -0.70 9.47
CA GLU A 1353 -2.95 0.59 9.78
C GLU A 1353 -3.77 0.52 11.06
N SER A 1354 -4.57 -0.54 11.22
CA SER A 1354 -5.36 -0.67 12.43
C SER A 1354 -4.48 -0.83 13.66
N ALA A 1355 -3.41 -1.61 13.54
CA ALA A 1355 -2.47 -1.78 14.66
C ALA A 1355 -1.85 -0.45 15.03
N ALA A 1356 -1.45 0.34 14.03
CA ALA A 1356 -0.88 1.65 14.30
C ALA A 1356 -1.89 2.56 14.98
N ASN A 1357 -3.15 2.52 14.54
CA ASN A 1357 -4.17 3.35 15.17
C ASN A 1357 -4.37 2.95 16.63
N LEU A 1358 -4.43 1.65 16.90
CA LEU A 1358 -4.62 1.19 18.27
C LEU A 1358 -3.44 1.61 19.14
N ALA A 1359 -2.21 1.45 18.62
CA ALA A 1359 -1.04 1.87 19.38
C ALA A 1359 -1.06 3.37 19.63
N SER A 1360 -1.46 4.15 18.63
CA SER A 1360 -1.55 5.59 18.81
C SER A 1360 -2.56 5.95 19.89
N LEU A 1361 -3.70 5.27 19.92
CA LEU A 1361 -4.71 5.59 20.93
C LEU A 1361 -4.23 5.24 22.33
N LEU A 1362 -3.64 4.04 22.51
CA LEU A 1362 -3.12 3.70 23.82
C LEU A 1362 -2.01 4.65 24.24
N PHE A 1363 -1.11 5.01 23.34
CA PHE A 1363 -0.05 5.93 23.69
C PHE A 1363 -0.61 7.30 24.03
N THR A 1364 -1.66 7.73 23.33
CA THR A 1364 -2.29 8.99 23.66
C THR A 1364 -2.86 8.96 25.06
N MET A 1365 -3.53 7.86 25.43
CA MET A 1365 -4.07 7.77 26.79
C MET A 1365 -2.94 7.82 27.81
N SER A 1366 -1.88 7.04 27.58
CA SER A 1366 -0.78 7.00 28.53
C SER A 1366 -0.13 8.37 28.68
N LEU A 1367 0.12 9.05 27.56
CA LEU A 1367 0.75 10.36 27.60
C LEU A 1367 -0.15 11.41 28.24
N SER A 1368 -1.44 11.40 27.91
CA SER A 1368 -2.34 12.39 28.49
C SER A 1368 -2.45 12.23 29.99
N PHE A 1369 -2.49 10.98 30.47
CA PHE A 1369 -2.63 10.74 31.89
C PHE A 1369 -1.32 10.40 32.58
N CYS A 1370 -0.18 10.71 31.96
CA CYS A 1370 1.10 10.48 32.61
C CYS A 1370 1.35 11.42 33.77
N GLY A 1371 0.53 12.45 33.93
CA GLY A 1371 0.62 13.28 35.11
C GLY A 1371 1.48 14.53 35.00
N VAL A 1372 1.79 14.99 33.79
CA VAL A 1372 2.49 16.25 33.61
C VAL A 1372 1.58 17.31 33.00
N MET A 1373 0.84 16.96 31.96
CA MET A 1373 -0.16 17.89 31.44
C MET A 1373 -1.24 18.20 32.46
N THR A 1374 -1.48 17.28 33.39
CA THR A 1374 -2.31 17.57 34.56
C THR A 1374 -1.85 16.68 35.71
N THR A 1375 -1.59 17.30 36.84
CA THR A 1375 -1.04 16.56 37.97
C THR A 1375 -2.07 15.57 38.52
N PRO A 1376 -1.60 14.46 39.09
CA PRO A 1376 -2.56 13.43 39.53
C PRO A 1376 -3.58 13.96 40.53
N SER A 1377 -3.15 14.80 41.46
CA SER A 1377 -4.08 15.32 42.47
C SER A 1377 -5.12 16.24 41.85
N ALA A 1378 -4.87 16.76 40.65
CA ALA A 1378 -5.82 17.62 39.97
C ALA A 1378 -6.79 16.86 39.08
N MET A 1379 -6.51 15.59 38.79
CA MET A 1379 -7.44 14.80 38.01
C MET A 1379 -8.67 14.47 38.84
N PRO A 1380 -9.77 14.09 38.20
CA PRO A 1380 -10.88 13.50 38.95
C PRO A 1380 -10.43 12.19 39.58
N ARG A 1381 -11.04 11.84 40.71
CA ARG A 1381 -10.65 10.61 41.38
C ARG A 1381 -10.86 9.40 40.47
N PHE A 1382 -11.70 9.54 39.46
CA PHE A 1382 -11.98 8.43 38.55
C PHE A 1382 -10.74 8.04 37.75
N TRP A 1383 -9.97 9.03 37.29
CA TRP A 1383 -8.86 8.76 36.37
C TRP A 1383 -7.59 8.35 37.07
N ILE A 1384 -7.60 8.19 38.39
CA ILE A 1384 -6.36 7.84 39.08
C ILE A 1384 -5.89 6.46 38.63
N PHE A 1385 -6.81 5.57 38.29
CA PHE A 1385 -6.39 4.27 37.77
C PHE A 1385 -5.60 4.44 36.48
N MET A 1386 -6.11 5.27 35.57
CA MET A 1386 -5.40 5.49 34.31
C MET A 1386 -4.04 6.12 34.56
N TYR A 1387 -3.97 7.07 35.49
CA TYR A 1387 -2.68 7.66 35.82
C TYR A 1387 -1.73 6.59 36.36
N ARG A 1388 -2.20 5.73 37.25
CA ARG A 1388 -1.33 4.76 37.89
C ARG A 1388 -0.84 3.72 36.91
N VAL A 1389 -1.68 3.31 35.97
CA VAL A 1389 -1.33 2.17 35.12
C VAL A 1389 -0.48 2.55 33.92
N SER A 1390 -0.59 3.77 33.43
CA SER A 1390 0.12 4.12 32.21
C SER A 1390 1.62 4.06 32.44
N PRO A 1391 2.38 3.36 31.60
CA PRO A 1391 3.82 3.25 31.85
C PRO A 1391 4.53 4.58 31.82
N LEU A 1392 3.97 5.57 31.13
CA LEU A 1392 4.66 6.84 30.98
C LEU A 1392 4.70 7.63 32.29
N THR A 1393 3.80 7.39 33.24
CA THR A 1393 3.99 8.00 34.55
C THR A 1393 5.34 7.62 35.11
N TYR A 1394 5.62 6.33 35.18
CA TYR A 1394 6.86 5.89 35.78
C TYR A 1394 8.06 6.28 34.93
N PHE A 1395 7.95 6.14 33.62
CA PHE A 1395 9.05 6.57 32.75
C PHE A 1395 9.37 8.04 32.96
N ILE A 1396 8.37 8.91 32.86
CA ILE A 1396 8.61 10.34 32.93
C ILE A 1396 9.08 10.74 34.32
N GLN A 1397 8.44 10.20 35.35
CA GLN A 1397 8.85 10.56 36.71
C GLN A 1397 10.30 10.19 36.96
N ALA A 1398 10.70 8.96 36.63
CA ALA A 1398 12.08 8.57 36.85
C ALA A 1398 13.04 9.36 35.98
N LEU A 1399 12.66 9.62 34.72
CA LEU A 1399 13.56 10.34 33.83
C LEU A 1399 13.79 11.76 34.31
N LEU A 1400 12.73 12.46 34.69
CA LEU A 1400 12.87 13.82 35.19
C LEU A 1400 13.61 13.83 36.52
N ALA A 1401 13.32 12.89 37.41
CA ALA A 1401 14.06 12.80 38.66
C ALA A 1401 15.54 12.70 38.38
N VAL A 1402 15.94 11.78 37.50
CA VAL A 1402 17.35 11.63 37.17
C VAL A 1402 17.90 12.92 36.57
N GLY A 1403 17.11 13.56 35.71
CA GLY A 1403 17.62 14.73 35.01
C GLY A 1403 17.91 15.91 35.93
N VAL A 1404 16.99 16.24 36.83
CA VAL A 1404 17.04 17.51 37.54
C VAL A 1404 16.97 17.37 39.06
N ALA A 1405 17.20 16.18 39.60
CA ALA A 1405 17.11 16.03 41.05
C ALA A 1405 18.45 16.35 41.71
N ASN A 1406 18.37 16.75 42.98
CA ASN A 1406 19.54 17.01 43.81
C ASN A 1406 20.36 18.20 43.32
N VAL A 1407 19.71 19.35 43.11
CA VAL A 1407 20.40 20.59 42.80
C VAL A 1407 19.59 21.75 43.35
N ASP A 1408 20.13 22.96 43.19
CA ASP A 1408 19.50 24.15 43.72
C ASP A 1408 18.75 24.91 42.63
N VAL A 1409 17.67 25.57 43.04
CA VAL A 1409 16.89 26.41 42.13
C VAL A 1409 17.50 27.80 42.08
N LYS A 1410 17.41 28.43 40.91
CA LYS A 1410 17.89 29.80 40.68
C LYS A 1410 16.77 30.56 39.99
N CYS A 1411 15.80 31.04 40.81
CA CYS A 1411 14.61 31.81 40.36
C CYS A 1411 15.04 33.07 39.58
N ALA A 1412 14.65 33.28 38.29
CA ALA A 1412 14.97 34.46 37.53
C ALA A 1412 14.26 35.69 38.09
N ASP A 1413 14.63 36.85 37.58
CA ASP A 1413 14.08 38.10 38.09
C ASP A 1413 12.55 38.07 38.10
N TYR A 1414 11.95 37.73 36.96
CA TYR A 1414 10.50 37.82 36.85
C TYR A 1414 9.77 36.75 37.66
N GLU A 1415 10.49 35.73 38.13
CA GLU A 1415 9.86 34.67 38.92
C GLU A 1415 9.85 34.96 40.40
N LEU A 1416 10.77 35.79 40.89
CA LEU A 1416 10.84 36.09 42.31
C LEU A 1416 9.57 36.77 42.79
N LEU A 1417 9.17 36.46 44.01
CA LEU A 1417 8.01 37.07 44.63
C LEU A 1417 8.46 38.20 45.54
N GLU A 1418 7.86 39.38 45.37
CA GLU A 1418 8.27 40.57 46.09
C GLU A 1418 7.15 40.99 47.04
N PHE A 1419 7.54 41.48 48.21
CA PHE A 1419 6.60 42.04 49.17
C PHE A 1419 7.40 42.80 50.22
N THR A 1420 6.69 43.61 51.00
CA THR A 1420 7.35 44.50 51.94
C THR A 1420 7.31 43.92 53.34
N PRO A 1421 8.43 43.77 54.03
CA PRO A 1421 8.39 43.24 55.39
C PRO A 1421 7.74 44.23 56.34
N PRO A 1422 7.14 43.75 57.43
CA PRO A 1422 6.45 44.66 58.34
C PRO A 1422 7.40 45.69 58.91
N SER A 1423 6.82 46.62 59.67
CA SER A 1423 7.58 47.73 60.23
C SER A 1423 8.64 47.22 61.20
N GLY A 1424 9.87 47.70 61.01
CA GLY A 1424 10.94 47.44 61.95
C GLY A 1424 11.38 46.00 62.06
N MET A 1425 11.40 45.25 60.97
CA MET A 1425 11.98 43.92 60.98
C MET A 1425 12.41 43.54 59.57
N THR A 1426 13.59 42.94 59.48
CA THR A 1426 14.10 42.51 58.20
C THR A 1426 13.29 41.34 57.67
N CYS A 1427 13.40 41.10 56.37
CA CYS A 1427 12.73 39.93 55.79
C CYS A 1427 13.31 38.63 56.34
N GLY A 1428 14.58 38.63 56.71
CA GLY A 1428 15.16 37.44 57.32
C GLY A 1428 14.41 37.00 58.56
N GLN A 1429 14.07 37.95 59.44
CA GLN A 1429 13.26 37.63 60.60
C GLN A 1429 11.80 37.43 60.24
N TYR A 1430 11.29 38.26 59.33
CA TYR A 1430 9.86 38.24 59.03
C TYR A 1430 9.43 36.92 58.42
N MET A 1431 10.25 36.34 57.54
CA MET A 1431 9.86 35.14 56.83
C MET A 1431 10.20 33.86 57.59
N GLU A 1432 10.93 33.97 58.69
CA GLU A 1432 11.34 32.76 59.41
C GLU A 1432 10.17 31.92 59.88
N PRO A 1433 9.11 32.47 60.50
CA PRO A 1433 8.00 31.61 60.91
C PRO A 1433 7.38 30.84 59.77
N TYR A 1434 7.02 31.51 58.67
CA TYR A 1434 6.51 30.79 57.51
C TYR A 1434 7.54 29.81 56.98
N LEU A 1435 8.79 30.25 56.91
CA LEU A 1435 9.82 29.43 56.32
C LEU A 1435 10.03 28.13 57.08
N GLN A 1436 9.78 28.11 58.40
CA GLN A 1436 9.98 26.91 59.19
C GLN A 1436 8.89 25.85 58.98
N LEU A 1437 7.69 26.23 58.58
CA LEU A 1437 6.61 25.27 58.37
C LEU A 1437 6.58 24.73 56.95
N ALA A 1438 6.40 25.61 55.95
CA ALA A 1438 6.59 25.21 54.56
C ALA A 1438 8.09 25.19 54.31
N LYS A 1439 8.71 24.09 54.75
CA LYS A 1439 10.16 24.06 54.93
C LYS A 1439 10.90 24.07 53.61
N THR A 1440 10.81 25.17 52.87
CA THR A 1440 11.59 25.37 51.68
C THR A 1440 11.44 26.82 51.24
N GLY A 1441 12.37 27.26 50.40
CA GLY A 1441 12.37 28.63 49.91
C GLY A 1441 13.53 29.42 50.47
N TYR A 1442 13.96 30.45 49.74
CA TYR A 1442 15.07 31.27 50.18
C TYR A 1442 14.87 32.70 49.72
N LEU A 1443 15.15 33.63 50.61
CA LEU A 1443 15.13 35.05 50.27
C LEU A 1443 16.42 35.41 49.54
N THR A 1444 16.29 36.22 48.49
CA THR A 1444 17.48 36.65 47.77
C THR A 1444 18.34 37.57 48.62
N ASP A 1445 17.77 38.17 49.67
CA ASP A 1445 18.53 39.01 50.59
C ASP A 1445 17.82 38.97 51.95
N GLU A 1446 18.42 38.24 52.89
CA GLU A 1446 17.80 38.06 54.19
C GLU A 1446 17.88 39.31 55.07
N ASN A 1447 18.60 40.34 54.65
CA ASN A 1447 18.73 41.56 55.45
C ASN A 1447 18.03 42.75 54.83
N ALA A 1448 17.27 42.58 53.75
CA ALA A 1448 16.53 43.68 53.17
C ALA A 1448 15.47 44.16 54.16
N THR A 1449 15.16 45.45 54.10
CA THR A 1449 14.14 46.04 54.96
C THR A 1449 13.11 46.87 54.22
N ASP A 1450 13.41 47.36 53.02
CA ASP A 1450 12.41 48.07 52.23
C ASP A 1450 11.52 47.11 51.47
N THR A 1451 12.13 46.11 50.84
CA THR A 1451 11.39 45.03 50.20
C THR A 1451 12.35 43.87 49.98
N CYS A 1452 11.78 42.68 49.77
CA CYS A 1452 12.61 41.51 49.55
C CYS A 1452 11.96 40.60 48.52
N SER A 1453 12.81 39.92 47.77
CA SER A 1453 12.38 38.98 46.75
C SER A 1453 12.49 37.58 47.32
N PHE A 1454 11.50 36.74 47.03
CA PHE A 1454 11.40 35.43 47.63
C PHE A 1454 11.30 34.37 46.54
N CYS A 1455 11.95 33.22 46.74
CA CYS A 1455 11.86 32.06 45.81
C CYS A 1455 11.16 30.98 46.64
N GLN A 1456 10.02 30.44 46.21
CA GLN A 1456 9.24 29.48 46.99
C GLN A 1456 9.78 28.06 46.89
N ILE A 1457 10.77 27.81 46.04
CA ILE A 1457 11.42 26.51 45.95
C ILE A 1457 12.90 26.73 46.15
N SER A 1458 13.48 26.05 47.14
CA SER A 1458 14.91 26.15 47.35
C SER A 1458 15.67 25.19 46.43
N THR A 1459 15.30 23.92 46.45
CA THR A 1459 16.01 22.88 45.72
C THR A 1459 15.06 22.16 44.78
N THR A 1460 15.61 21.62 43.70
CA THR A 1460 14.77 21.01 42.68
C THR A 1460 14.02 19.79 43.21
N ASN A 1461 14.50 19.17 44.28
CA ASN A 1461 13.81 18.01 44.83
C ASN A 1461 12.41 18.37 45.30
N ASP A 1462 12.26 19.50 45.97
CA ASP A 1462 10.95 19.92 46.43
C ASP A 1462 10.03 20.20 45.25
N TYR A 1463 10.54 20.79 44.17
CA TYR A 1463 9.71 20.97 42.99
C TYR A 1463 9.28 19.63 42.41
N LEU A 1464 10.23 18.70 42.26
CA LEU A 1464 9.89 17.39 41.73
C LEU A 1464 8.81 16.73 42.58
N ALA A 1465 8.85 16.94 43.90
CA ALA A 1465 7.80 16.41 44.75
C ALA A 1465 6.43 16.89 44.30
N ASN A 1466 6.33 18.13 43.80
CA ASN A 1466 5.04 18.63 43.34
C ASN A 1466 4.60 17.92 42.07
N VAL A 1467 5.53 17.68 41.14
CA VAL A 1467 5.25 16.85 39.97
C VAL A 1467 5.08 15.40 40.34
N ASN A 1468 5.37 15.03 41.58
CA ASN A 1468 5.19 13.68 42.08
C ASN A 1468 6.32 12.75 41.64
N SER A 1469 7.42 13.32 41.16
CA SER A 1469 8.60 12.57 40.79
C SER A 1469 9.61 12.66 41.92
N PHE A 1470 10.23 11.52 42.25
CA PHE A 1470 11.16 11.45 43.36
C PHE A 1470 12.43 10.76 42.90
N TYR A 1471 13.56 11.16 43.48
CA TYR A 1471 14.84 10.59 43.09
C TYR A 1471 15.04 9.20 43.66
N SER A 1472 14.64 8.96 44.91
CA SER A 1472 14.84 7.64 45.51
C SER A 1472 14.04 6.57 44.80
N GLU A 1473 13.00 6.95 44.06
CA GLU A 1473 12.18 5.99 43.36
C GLU A 1473 12.78 5.53 42.04
N ARG A 1474 13.85 6.17 41.56
CA ARG A 1474 14.29 5.98 40.18
C ARG A 1474 14.43 4.50 39.81
N TRP A 1475 15.07 3.71 40.67
CA TRP A 1475 15.29 2.32 40.32
C TRP A 1475 14.02 1.49 40.37
N ARG A 1476 13.14 1.76 41.34
CA ARG A 1476 11.85 1.08 41.36
C ARG A 1476 11.04 1.40 40.11
N ASN A 1477 11.09 2.66 39.67
CA ASN A 1477 10.42 3.04 38.43
C ASN A 1477 11.03 2.33 37.23
N TYR A 1478 12.36 2.18 37.22
CA TYR A 1478 12.99 1.45 36.13
C TYR A 1478 12.51 0.01 36.10
N GLY A 1479 12.42 -0.61 37.27
CA GLY A 1479 11.90 -1.97 37.33
C GLY A 1479 10.47 -2.05 36.83
N ILE A 1480 9.63 -1.09 37.22
CA ILE A 1480 8.24 -1.10 36.79
C ILE A 1480 8.16 -0.95 35.27
N PHE A 1481 8.98 -0.05 34.72
CA PHE A 1481 8.93 0.15 33.28
C PHE A 1481 9.40 -1.10 32.53
N ILE A 1482 10.43 -1.78 33.04
CA ILE A 1482 10.83 -3.04 32.41
C ILE A 1482 9.72 -4.07 32.51
N CYS A 1483 9.01 -4.10 33.64
CA CYS A 1483 7.88 -5.01 33.73
C CYS A 1483 6.84 -4.71 32.67
N TYR A 1484 6.66 -3.44 32.32
CA TYR A 1484 5.75 -3.11 31.23
C TYR A 1484 6.23 -3.70 29.91
N ILE A 1485 7.53 -3.62 29.62
CA ILE A 1485 8.05 -4.20 28.40
C ILE A 1485 7.82 -5.70 28.38
N ALA A 1486 8.11 -6.37 29.50
CA ALA A 1486 7.96 -7.81 29.56
C ALA A 1486 6.51 -8.22 29.37
N PHE A 1487 5.58 -7.49 29.99
CA PHE A 1487 4.18 -7.80 29.79
C PHE A 1487 3.77 -7.56 28.34
N ASN A 1488 4.25 -6.49 27.72
CA ASN A 1488 3.91 -6.25 26.32
C ASN A 1488 4.34 -7.43 25.45
N TYR A 1489 5.58 -7.89 25.63
CA TYR A 1489 6.06 -8.99 24.79
C TYR A 1489 5.30 -10.28 25.07
N ILE A 1490 5.07 -10.60 26.34
CA ILE A 1490 4.38 -11.84 26.68
C ILE A 1490 2.95 -11.81 26.15
N ALA A 1491 2.25 -10.70 26.35
CA ALA A 1491 0.89 -10.58 25.85
C ALA A 1491 0.87 -10.62 24.34
N GLY A 1492 1.87 -10.05 23.68
CA GLY A 1492 1.93 -10.14 22.24
C GLY A 1492 2.06 -11.57 21.77
N VAL A 1493 2.91 -12.36 22.42
CA VAL A 1493 3.05 -13.77 22.07
C VAL A 1493 1.72 -14.48 22.26
N PHE A 1494 1.08 -14.26 23.42
CA PHE A 1494 -0.16 -14.97 23.70
C PHE A 1494 -1.25 -14.59 22.70
N PHE A 1495 -1.34 -13.31 22.34
CA PHE A 1495 -2.39 -12.87 21.43
C PHE A 1495 -2.11 -13.29 20.00
N TYR A 1496 -0.83 -13.42 19.62
CA TYR A 1496 -0.54 -14.04 18.34
C TYR A 1496 -0.97 -15.49 18.34
N TRP A 1497 -0.74 -16.18 19.46
CA TRP A 1497 -1.16 -17.57 19.54
C TRP A 1497 -2.66 -17.69 19.41
N LEU A 1498 -3.42 -16.87 20.14
CA LEU A 1498 -4.87 -16.89 20.03
C LEU A 1498 -5.32 -16.53 18.62
N ALA A 1499 -5.05 -15.30 18.20
CA ALA A 1499 -5.66 -14.77 16.98
C ALA A 1499 -5.20 -15.50 15.73
N ARG A 1500 -3.91 -15.82 15.62
CA ARG A 1500 -3.36 -16.22 14.34
C ARG A 1500 -3.08 -17.71 14.19
N VAL A 1501 -2.63 -18.38 15.24
CA VAL A 1501 -2.37 -19.82 15.15
C VAL A 1501 -3.70 -20.55 14.99
N PRO A 1502 -3.77 -21.60 14.16
CA PRO A 1502 -4.99 -22.43 14.09
C PRO A 1502 -5.02 -23.54 15.11
PG ATP B . 6.02 -5.66 -20.71
O1G ATP B . 7.07 -5.47 -19.65
O2G ATP B . 5.68 -7.10 -21.00
O3G ATP B . 4.84 -4.74 -20.59
PB ATP B . 7.91 -6.05 -22.71
O1B ATP B . 8.79 -6.59 -21.60
O2B ATP B . 7.27 -7.01 -23.67
O3B ATP B . 6.76 -5.16 -22.05
PA ATP B . 9.73 -3.96 -22.84
O1A ATP B . 9.60 -4.13 -21.35
O2A ATP B . 9.54 -2.60 -23.44
O3A ATP B . 8.74 -4.99 -23.56
O5' ATP B . 11.17 -4.53 -23.29
C5' ATP B . 12.26 -3.65 -23.47
C4' ATP B . 13.51 -4.23 -22.82
O4' ATP B . 14.52 -3.23 -22.76
C3' ATP B . 13.24 -4.68 -21.40
O3' ATP B . 13.78 -5.99 -21.21
C2' ATP B . 13.96 -3.69 -20.52
O2' ATP B . 14.52 -4.33 -19.38
C1' ATP B . 15.03 -3.12 -21.42
N9 ATP B . 15.37 -1.70 -21.15
C8 ATP B . 16.61 -1.22 -20.94
N7 ATP B . 16.59 0.11 -20.71
C5 ATP B . 15.31 0.50 -20.77
C6 ATP B . 14.60 1.78 -20.62
N6 ATP B . 15.26 2.93 -20.35
N1 ATP B . 13.25 1.75 -20.75
C2 ATP B . 12.58 0.63 -21.02
N3 ATP B . 13.18 -0.57 -21.17
C4 ATP B . 14.51 -0.69 -21.05
H5'1 ATP B . 12.03 -2.67 -23.02
H5'2 ATP B . 12.43 -3.50 -24.53
H4' ATP B . 13.85 -5.09 -23.42
H3' ATP B . 12.17 -4.67 -21.18
HO3' ATP B . 13.49 -6.35 -20.37
H2' ATP B . 13.26 -2.90 -20.21
HO2' ATP B . 13.83 -4.77 -18.88
H1' ATP B . 15.94 -3.73 -21.33
H8 ATP B . 17.51 -1.82 -20.96
HN61 ATP B . 14.75 3.79 -20.26
HN62 ATP B . 16.26 2.92 -20.25
H2 ATP B . 11.50 0.68 -21.11
PB ADP C . -9.14 -23.00 -8.03
O1B ADP C . -10.30 -23.44 -8.89
O2B ADP C . -8.06 -24.05 -7.85
O3B ADP C . -8.61 -21.62 -8.34
PA ADP C . -10.80 -23.97 -6.00
O1A ADP C . -11.78 -24.29 -7.10
O2A ADP C . -10.04 -25.11 -5.38
O3A ADP C . -9.78 -22.85 -6.56
O5' ADP C . -11.57 -23.18 -4.83
C5' ADP C . -12.93 -22.82 -5.00
C4' ADP C . -13.81 -23.74 -4.17
O4' ADP C . -13.93 -23.28 -2.82
C3' ADP C . -15.22 -23.83 -4.72
O3' ADP C . -15.41 -25.08 -5.39
C2' ADP C . -16.14 -23.72 -3.52
O2' ADP C . -17.01 -24.83 -3.45
C1' ADP C . -15.20 -23.67 -2.32
N9 ADP C . -15.64 -22.74 -1.25
C8 ADP C . -16.89 -22.29 -1.03
N7 ADP C . -16.92 -21.46 0.06
C5 ADP C . -15.67 -21.41 0.55
C6 ADP C . -15.00 -20.72 1.69
N6 ADP C . -15.69 -19.92 2.53
N1 ADP C . -13.67 -20.94 1.84
C2 ADP C . -12.96 -21.73 1.01
N3 ADP C . -13.52 -22.38 -0.03
C4 ADP C . -14.83 -22.26 -0.31
H5'1 ADP C . -13.23 -22.86 -6.04
H5'2 ADP C . -13.07 -21.78 -4.65
H4' ADP C . -13.36 -24.74 -4.17
H3' ADP C . -15.40 -22.98 -5.40
HO3' ADP C . -16.22 -25.04 -5.92
H2' ADP C . -16.70 -22.78 -3.60
HO2' ADP C . -17.60 -24.84 -4.22
H1' ADP C . -15.12 -24.69 -1.90
H8 ADP C . -17.75 -22.53 -1.63
HN61 ADP C . -16.68 -19.77 2.39
HN62 ADP C . -15.21 -19.47 3.29
H2 ADP C . -11.91 -21.86 1.20
C1 RHQ D . -5.36 12.22 13.54
C2 RHQ D . -5.66 11.06 14.25
C3 RHQ D . -7.02 10.78 14.53
C4 RHQ D . -8.00 11.62 14.11
C5 RHQ D . -7.63 12.80 13.40
C6 RHQ D . -6.29 13.12 13.09
O1 RHQ D . -4.09 12.59 13.21
C7 RHQ D . -3.12 11.66 13.45
C8 RHQ D . -3.36 10.48 14.16
C9 RHQ D . -4.64 10.21 14.66
C10 RHQ D . -1.92 12.03 12.91
C11 RHQ D . -0.82 11.16 13.08
C12 RHQ D . -1.02 9.94 13.80
C13 RHQ D . -2.24 9.62 14.31
N1 RHQ D . 0.36 11.49 12.56
C14 RHQ D . -4.93 9.19 15.70
C15 RHQ D . -5.45 7.97 15.31
C16 RHQ D . -5.76 7.01 16.26
C17 RHQ D . -5.54 7.25 17.61
C18 RHQ D . -5.01 8.48 18.01
C19 RHQ D . -4.71 9.46 17.06
C20 RHQ D . 0.14 9.04 13.96
C21 RHQ D . -9.41 11.26 14.44
C22 RHQ D . 0.46 12.22 11.29
C23 RHQ D . 1.75 11.99 10.57
N2 RHQ D . -8.57 13.66 12.96
C24 RHQ D . -9.29 13.39 11.75
C25 RHQ D . -8.51 13.70 10.52
C26 RHQ D . -4.17 10.77 17.48
O27 RHQ D . -3.15 10.86 18.18
O2 RHQ D . -4.80 11.91 17.11
C28 RHQ D . -4.24 13.15 17.55
C29 RHQ D . -4.98 14.27 16.87
H31 RHQ D . -7.25 10.02 14.99
H61 RHQ D . -6.07 13.88 12.62
H101 RHQ D . -1.79 12.82 12.45
H131 RHQ D . -2.36 8.83 14.77
HN11 RHQ D . 1.10 11.29 12.95
H151 RHQ D . -5.62 7.76 14.42
H161 RHQ D . -6.10 6.18 16.01
H171 RHQ D . -5.73 6.60 18.24
H181 RHQ D . -4.87 8.64 18.91
H201 RHQ D . 0.43 8.68 13.11
H202 RHQ D . -0.07 8.31 14.55
H203 RHQ D . 0.90 9.50 14.36
H211 RHQ D . -10.09 11.86 14.08
H212 RHQ D . -9.56 11.29 15.39
H213 RHQ D . -9.63 10.38 14.13
H221 RHQ D . 0.34 13.17 11.47
H222 RHQ D . -0.29 11.95 10.73
H231 RHQ D . 2.46 11.78 11.20
H232 RHQ D . 2.02 12.76 10.06
H233 RHQ D . 1.68 11.24 9.95
HN21 RHQ D . -8.75 14.36 13.40
H241 RHQ D . -10.12 13.90 11.75
H242 RHQ D . -9.52 12.45 11.75
H251 RHQ D . -7.57 13.67 10.72
H252 RHQ D . -8.73 14.58 10.20
H253 RHQ D . -8.70 13.05 9.83
H281 RHQ D . -3.29 13.19 17.32
H282 RHQ D . -4.31 13.24 18.51
H291 RHQ D . -4.66 15.15 17.14
H292 RHQ D . -5.93 14.24 17.02
H293 RHQ D . -4.87 14.24 15.90
#